data_5MPG
#
_entry.id   5MPG
#
loop_
_entity.id
_entity.type
_entity.pdbx_description
1 polymer 'Heterogeneous nuclear ribonucleoprotein A1'
2 polymer 'RNA UUAGGUC'
#
loop_
_entity_poly.entity_id
_entity_poly.type
_entity_poly.pdbx_seq_one_letter_code
_entity_poly.pdbx_strand_id
1 'polypeptide(L)'
;ASKSESPKEPEQLRKLFIGGLSFETTDESLRSHFEQWGTLTDCVVMRDPNTKRSRGFGFVTYATVEEVDAAMNARPHKVD
GRVVEPKRAVSREDSQR
;
A
2 'polyribonucleotide' UUAGGUC B
#
# COMPACT_ATOMS: atom_id res chain seq x y z
N ALA A 1 -3.21 5.41 -7.84
CA ALA A 1 -2.05 6.08 -7.25
C ALA A 1 -2.01 7.55 -7.64
N SER A 2 -0.93 8.24 -7.27
CA SER A 2 -0.69 9.64 -7.62
C SER A 2 -1.64 10.57 -6.86
N LYS A 3 -1.07 11.35 -5.95
CA LYS A 3 -1.85 12.29 -5.16
C LYS A 3 -1.23 13.69 -5.26
N SER A 4 -2.06 14.67 -5.55
CA SER A 4 -1.61 16.06 -5.57
C SER A 4 -1.49 16.57 -4.14
N GLU A 5 -0.29 16.47 -3.60
CA GLU A 5 -0.01 16.83 -2.21
C GLU A 5 1.45 17.20 -2.05
N SER A 6 1.74 18.08 -1.12
CA SER A 6 3.11 18.36 -0.72
C SER A 6 3.36 17.68 0.63
N PRO A 7 3.80 16.42 0.61
CA PRO A 7 3.96 15.64 1.83
C PRO A 7 5.20 16.03 2.61
N LYS A 8 5.00 16.37 3.88
CA LYS A 8 6.11 16.67 4.76
C LYS A 8 6.71 15.35 5.21
N GLU A 9 5.85 14.36 5.33
CA GLU A 9 6.25 13.00 5.65
C GLU A 9 6.68 12.31 4.37
N PRO A 10 7.77 11.53 4.41
CA PRO A 10 8.29 10.84 3.23
C PRO A 10 7.27 9.86 2.63
N GLU A 11 7.13 9.90 1.32
CA GLU A 11 6.25 9.00 0.59
C GLU A 11 6.61 7.56 0.89
N GLN A 12 7.91 7.27 0.84
CA GLN A 12 8.43 5.95 1.15
C GLN A 12 8.06 5.51 2.57
N LEU A 13 8.05 6.45 3.49
CA LEU A 13 7.79 6.15 4.89
C LEU A 13 6.29 6.00 5.14
N ARG A 14 5.49 6.67 4.32
CA ARG A 14 4.04 6.59 4.44
C ARG A 14 3.48 5.46 3.59
N LYS A 15 4.32 4.91 2.73
CA LYS A 15 3.91 3.84 1.84
C LYS A 15 4.11 2.48 2.49
N LEU A 16 3.14 1.62 2.31
CA LEU A 16 3.19 0.28 2.85
C LEU A 16 3.31 -0.72 1.70
N PHE A 17 4.24 -1.65 1.83
CA PHE A 17 4.46 -2.69 0.84
C PHE A 17 3.57 -3.88 1.15
N ILE A 18 2.63 -4.15 0.26
CA ILE A 18 1.67 -5.23 0.47
C ILE A 18 2.00 -6.39 -0.45
N GLY A 19 2.70 -7.37 0.09
CA GLY A 19 3.08 -8.50 -0.73
C GLY A 19 2.34 -9.76 -0.34
N GLY A 20 2.03 -10.59 -1.34
CA GLY A 20 1.33 -11.84 -1.09
C GLY A 20 -0.16 -11.64 -0.99
N LEU A 21 -0.73 -10.93 -1.96
CA LEU A 21 -2.16 -10.69 -1.97
C LEU A 21 -2.85 -11.49 -3.08
N SER A 22 -4.16 -11.34 -3.15
CA SER A 22 -4.98 -12.11 -4.08
C SER A 22 -4.77 -11.64 -5.50
N PHE A 23 -5.02 -12.52 -6.45
CA PHE A 23 -4.91 -12.19 -7.86
C PHE A 23 -6.13 -11.40 -8.31
N GLU A 24 -7.08 -11.26 -7.40
CA GLU A 24 -8.26 -10.44 -7.64
C GLU A 24 -8.07 -9.07 -7.01
N THR A 25 -6.99 -8.93 -6.25
CA THR A 25 -6.67 -7.68 -5.59
C THR A 25 -6.11 -6.66 -6.57
N THR A 26 -6.95 -5.74 -6.99
CA THR A 26 -6.52 -4.64 -7.83
C THR A 26 -6.58 -3.35 -7.01
N ASP A 27 -6.29 -2.22 -7.65
CA ASP A 27 -6.24 -0.92 -6.96
C ASP A 27 -7.49 -0.68 -6.11
N GLU A 28 -8.66 -0.82 -6.73
CA GLU A 28 -9.92 -0.59 -6.03
C GLU A 28 -10.13 -1.58 -4.89
N SER A 29 -9.68 -2.82 -5.09
CA SER A 29 -9.84 -3.86 -4.08
C SER A 29 -8.82 -3.66 -2.96
N LEU A 30 -7.68 -3.11 -3.33
CA LEU A 30 -6.60 -2.90 -2.38
C LEU A 30 -6.94 -1.74 -1.46
N ARG A 31 -7.20 -0.57 -2.05
CA ARG A 31 -7.41 0.63 -1.26
C ARG A 31 -8.66 0.49 -0.40
N SER A 32 -9.69 -0.16 -0.93
CA SER A 32 -10.95 -0.30 -0.20
C SER A 32 -10.76 -1.07 1.10
N HIS A 33 -9.81 -2.01 1.10
CA HIS A 33 -9.55 -2.82 2.28
C HIS A 33 -8.46 -2.22 3.16
N PHE A 34 -7.82 -1.16 2.68
CA PHE A 34 -6.80 -0.48 3.47
C PHE A 34 -7.26 0.90 3.94
N GLU A 35 -8.24 1.48 3.25
CA GLU A 35 -8.79 2.79 3.63
C GLU A 35 -9.66 2.69 4.88
N GLN A 36 -9.50 1.59 5.61
CA GLN A 36 -10.30 1.33 6.79
C GLN A 36 -9.57 1.74 8.06
N TRP A 37 -8.25 1.83 7.97
CA TRP A 37 -7.44 2.24 9.10
C TRP A 37 -6.75 3.56 8.80
N GLY A 38 -7.23 4.23 7.76
CA GLY A 38 -6.67 5.52 7.40
C GLY A 38 -7.05 5.95 6.00
N THR A 39 -6.42 7.01 5.53
CA THR A 39 -6.68 7.55 4.20
C THR A 39 -5.53 7.23 3.26
N LEU A 40 -5.82 6.59 2.13
CA LEU A 40 -4.75 6.26 1.19
C LEU A 40 -4.61 7.36 0.17
N THR A 41 -3.49 8.05 0.23
CA THR A 41 -3.18 9.10 -0.71
C THR A 41 -2.65 8.49 -2.01
N ASP A 42 -2.03 7.32 -1.89
CA ASP A 42 -1.40 6.67 -3.03
C ASP A 42 -1.57 5.17 -2.92
N CYS A 43 -2.54 4.65 -3.64
CA CYS A 43 -2.75 3.22 -3.68
C CYS A 43 -2.45 2.72 -5.09
N VAL A 44 -1.69 1.64 -5.18
CA VAL A 44 -1.30 1.12 -6.48
C VAL A 44 -0.89 -0.34 -6.40
N VAL A 45 -1.59 -1.18 -7.15
CA VAL A 45 -1.21 -2.58 -7.25
C VAL A 45 -0.46 -2.79 -8.56
N MET A 46 0.55 -3.64 -8.53
CA MET A 46 1.32 -3.94 -9.73
C MET A 46 0.61 -4.98 -10.56
N ARG A 47 0.50 -4.75 -11.85
CA ARG A 47 -0.16 -5.69 -12.74
C ARG A 47 0.86 -6.31 -13.68
N ASP A 48 0.51 -7.47 -14.22
CA ASP A 48 1.38 -8.15 -15.18
C ASP A 48 1.49 -7.32 -16.44
N PRO A 49 2.69 -7.20 -17.00
CA PRO A 49 2.91 -6.43 -18.23
C PRO A 49 2.24 -7.07 -19.45
N ASN A 50 1.82 -8.32 -19.31
CA ASN A 50 1.23 -9.06 -20.42
C ASN A 50 -0.26 -9.26 -20.18
N THR A 51 -0.60 -9.84 -19.05
CA THR A 51 -1.98 -10.14 -18.72
C THR A 51 -2.72 -8.89 -18.25
N LYS A 52 -1.97 -7.97 -17.62
CA LYS A 52 -2.53 -6.74 -17.09
C LYS A 52 -3.53 -7.03 -15.97
N ARG A 53 -3.34 -8.16 -15.28
CA ARG A 53 -4.24 -8.52 -14.19
C ARG A 53 -3.62 -8.19 -12.84
N SER A 54 -2.68 -9.01 -12.38
CA SER A 54 -2.10 -8.80 -11.07
C SER A 54 -0.68 -9.35 -11.00
N ARG A 55 0.06 -8.94 -9.98
CA ARG A 55 1.40 -9.45 -9.75
C ARG A 55 1.53 -10.04 -8.35
N GLY A 56 0.41 -10.08 -7.63
CA GLY A 56 0.40 -10.70 -6.31
C GLY A 56 0.95 -9.81 -5.23
N PHE A 57 1.07 -8.51 -5.52
CA PHE A 57 1.54 -7.55 -4.53
C PHE A 57 1.24 -6.13 -4.99
N GLY A 58 1.22 -5.19 -4.04
CA GLY A 58 0.92 -3.81 -4.34
C GLY A 58 1.42 -2.86 -3.27
N PHE A 59 1.07 -1.60 -3.39
CA PHE A 59 1.51 -0.58 -2.44
C PHE A 59 0.33 0.28 -1.98
N VAL A 60 0.48 0.85 -0.79
CA VAL A 60 -0.56 1.66 -0.18
C VAL A 60 0.04 2.75 0.69
N THR A 61 -0.18 4.00 0.32
CA THR A 61 0.35 5.12 1.08
C THR A 61 -0.77 5.81 1.83
N TYR A 62 -0.60 5.95 3.13
CA TYR A 62 -1.61 6.59 3.96
C TYR A 62 -1.37 8.10 4.03
N ALA A 63 -2.29 8.80 4.69
CA ALA A 63 -2.23 10.26 4.78
C ALA A 63 -1.15 10.68 5.76
N THR A 64 -0.80 9.76 6.65
CA THR A 64 0.25 9.99 7.61
C THR A 64 0.77 8.65 8.14
N VAL A 65 1.95 8.69 8.74
CA VAL A 65 2.63 7.50 9.23
C VAL A 65 1.81 6.75 10.30
N GLU A 66 1.04 7.49 11.10
CA GLU A 66 0.27 6.87 12.19
C GLU A 66 -0.89 6.03 11.66
N GLU A 67 -1.24 6.21 10.39
CA GLU A 67 -2.27 5.39 9.78
C GLU A 67 -1.66 4.08 9.31
N VAL A 68 -0.44 4.16 8.80
CA VAL A 68 0.35 2.98 8.48
C VAL A 68 0.51 2.13 9.74
N ASP A 69 0.81 2.81 10.83
CA ASP A 69 0.95 2.15 12.13
C ASP A 69 -0.31 1.39 12.48
N ALA A 70 -1.46 2.01 12.22
CA ALA A 70 -2.75 1.41 12.53
C ALA A 70 -2.99 0.17 11.67
N ALA A 71 -2.59 0.25 10.41
CA ALA A 71 -2.72 -0.89 9.51
C ALA A 71 -1.80 -2.03 9.95
N MET A 72 -0.66 -1.67 10.51
CA MET A 72 0.27 -2.66 11.04
C MET A 72 -0.32 -3.32 12.29
N ASN A 73 -1.02 -2.54 13.11
CA ASN A 73 -1.70 -3.08 14.29
C ASN A 73 -2.88 -3.96 13.88
N ALA A 74 -3.30 -3.82 12.64
CA ALA A 74 -4.44 -4.56 12.12
C ALA A 74 -4.03 -5.91 11.54
N ARG A 75 -2.77 -6.28 11.74
CA ARG A 75 -2.27 -7.57 11.30
C ARG A 75 -2.84 -8.68 12.16
N PRO A 76 -3.11 -9.87 11.56
CA PRO A 76 -2.90 -10.14 10.14
C PRO A 76 -3.91 -9.40 9.28
N HIS A 77 -3.41 -8.63 8.32
CA HIS A 77 -4.25 -7.81 7.47
C HIS A 77 -5.07 -8.68 6.52
N LYS A 78 -6.16 -8.11 6.03
CA LYS A 78 -7.08 -8.84 5.17
C LYS A 78 -7.59 -7.93 4.07
N VAL A 79 -7.21 -8.24 2.85
CA VAL A 79 -7.67 -7.48 1.68
C VAL A 79 -8.12 -8.43 0.58
N ASP A 80 -9.35 -8.21 0.09
CA ASP A 80 -9.95 -9.03 -0.98
C ASP A 80 -10.31 -10.42 -0.48
N GLY A 81 -9.93 -10.71 0.75
CA GLY A 81 -10.12 -12.05 1.29
C GLY A 81 -8.80 -12.78 1.42
N ARG A 82 -7.72 -12.04 1.20
CA ARG A 82 -6.38 -12.59 1.29
C ARG A 82 -5.65 -11.98 2.47
N VAL A 83 -5.00 -12.83 3.27
CA VAL A 83 -4.14 -12.38 4.34
C VAL A 83 -2.81 -11.95 3.75
N VAL A 84 -2.46 -10.69 3.95
CA VAL A 84 -1.26 -10.13 3.35
C VAL A 84 -0.25 -9.71 4.41
N GLU A 85 0.91 -9.27 3.97
CA GLU A 85 1.92 -8.77 4.88
C GLU A 85 2.30 -7.36 4.50
N PRO A 86 1.85 -6.37 5.28
CA PRO A 86 2.12 -4.97 5.04
C PRO A 86 3.38 -4.49 5.75
N LYS A 87 4.43 -4.27 4.97
CA LYS A 87 5.71 -3.82 5.51
C LYS A 87 6.01 -2.39 5.07
N ARG A 88 6.90 -1.72 5.79
CA ARG A 88 7.31 -0.37 5.43
C ARG A 88 8.00 -0.37 4.08
N ALA A 89 7.58 0.53 3.20
CA ALA A 89 8.17 0.62 1.87
C ALA A 89 9.62 1.05 1.94
N VAL A 90 10.49 0.22 1.38
CA VAL A 90 11.91 0.54 1.30
C VAL A 90 12.16 1.43 0.08
N SER A 91 13.35 1.97 -0.06
CA SER A 91 13.69 2.75 -1.23
C SER A 91 13.80 1.82 -2.44
N ARG A 92 13.31 2.25 -3.59
CA ARG A 92 13.47 1.46 -4.81
C ARG A 92 14.92 1.50 -5.28
N GLU A 93 15.63 2.54 -4.88
CA GLU A 93 17.07 2.65 -5.14
C GLU A 93 17.83 1.72 -4.19
N ASP A 94 17.18 1.32 -3.10
CA ASP A 94 17.79 0.44 -2.13
C ASP A 94 17.91 -0.96 -2.70
N SER A 95 16.82 -1.41 -3.30
CA SER A 95 16.79 -2.72 -3.90
C SER A 95 17.47 -2.70 -5.25
N GLN A 96 17.36 -1.56 -5.93
CA GLN A 96 18.00 -1.32 -7.22
C GLN A 96 17.55 -2.36 -8.25
N ARG A 97 16.24 -2.51 -8.38
CA ARG A 97 15.65 -3.37 -9.39
C ARG A 97 14.59 -2.60 -10.14
N ALA A 1 -9.29 18.37 5.75
CA ALA A 1 -7.89 18.49 6.14
C ALA A 1 -7.76 19.04 7.55
N SER A 2 -7.08 18.30 8.41
CA SER A 2 -6.88 18.71 9.79
C SER A 2 -5.48 19.24 9.99
N LYS A 3 -4.51 18.58 9.38
CA LYS A 3 -3.13 19.02 9.42
C LYS A 3 -2.78 19.68 8.10
N SER A 4 -2.68 18.84 7.08
CA SER A 4 -2.39 19.25 5.72
C SER A 4 -2.71 18.09 4.78
N GLU A 5 -2.31 16.89 5.21
CA GLU A 5 -2.56 15.65 4.47
C GLU A 5 -1.94 15.74 3.09
N SER A 6 -0.84 16.47 3.00
CA SER A 6 -0.18 16.74 1.74
C SER A 6 0.89 15.68 1.47
N PRO A 7 1.35 15.57 0.21
CA PRO A 7 2.44 14.68 -0.16
C PRO A 7 3.81 15.27 0.20
N LYS A 8 3.82 16.14 1.21
CA LYS A 8 5.05 16.78 1.65
C LYS A 8 5.93 15.78 2.38
N GLU A 9 5.36 15.13 3.39
CA GLU A 9 6.06 14.11 4.15
C GLU A 9 6.53 12.98 3.23
N PRO A 10 7.65 12.32 3.60
CA PRO A 10 8.23 11.23 2.81
C PRO A 10 7.22 10.18 2.41
N GLU A 11 7.00 10.04 1.10
CA GLU A 11 6.08 9.05 0.58
C GLU A 11 6.55 7.65 0.92
N GLN A 12 7.87 7.45 0.92
CA GLN A 12 8.46 6.17 1.28
C GLN A 12 8.00 5.73 2.66
N LEU A 13 8.14 6.64 3.61
CA LEU A 13 7.88 6.33 5.01
C LEU A 13 6.39 6.13 5.27
N ARG A 14 5.56 6.73 4.43
CA ARG A 14 4.12 6.63 4.60
C ARG A 14 3.51 5.55 3.69
N LYS A 15 4.33 5.02 2.81
CA LYS A 15 3.87 4.00 1.88
C LYS A 15 4.02 2.61 2.48
N LEU A 16 3.00 1.80 2.31
CA LEU A 16 3.01 0.43 2.78
C LEU A 16 3.18 -0.52 1.60
N PHE A 17 4.12 -1.43 1.73
CA PHE A 17 4.38 -2.45 0.74
C PHE A 17 3.48 -3.65 0.98
N ILE A 18 2.56 -3.87 0.07
CA ILE A 18 1.57 -4.93 0.23
C ILE A 18 1.84 -6.07 -0.73
N GLY A 19 2.50 -7.11 -0.26
CA GLY A 19 2.83 -8.23 -1.13
C GLY A 19 2.10 -9.49 -0.73
N GLY A 20 1.80 -10.33 -1.72
CA GLY A 20 1.18 -11.60 -1.46
C GLY A 20 -0.32 -11.56 -1.64
N LEU A 21 -0.82 -10.49 -2.23
CA LEU A 21 -2.25 -10.35 -2.47
C LEU A 21 -2.67 -11.12 -3.72
N SER A 22 -3.96 -11.35 -3.88
CA SER A 22 -4.45 -12.24 -4.92
C SER A 22 -4.56 -11.52 -6.25
N PHE A 23 -4.87 -12.27 -7.30
CA PHE A 23 -5.06 -11.70 -8.63
C PHE A 23 -6.46 -11.13 -8.73
N GLU A 24 -7.20 -11.22 -7.63
CA GLU A 24 -8.54 -10.68 -7.55
C GLU A 24 -8.47 -9.29 -6.96
N THR A 25 -7.32 -8.97 -6.39
CA THR A 25 -7.08 -7.67 -5.79
C THR A 25 -6.92 -6.61 -6.87
N THR A 26 -7.65 -5.52 -6.74
CA THR A 26 -7.60 -4.44 -7.69
C THR A 26 -7.46 -3.10 -6.97
N ASP A 27 -7.05 -2.07 -7.70
CA ASP A 27 -6.74 -0.77 -7.12
C ASP A 27 -7.83 -0.29 -6.18
N GLU A 28 -9.08 -0.40 -6.62
CA GLU A 28 -10.21 0.05 -5.84
C GLU A 28 -10.37 -0.75 -4.55
N SER A 29 -10.25 -2.08 -4.63
CA SER A 29 -10.49 -2.91 -3.47
C SER A 29 -9.30 -2.87 -2.54
N LEU A 30 -8.13 -2.66 -3.12
CA LEU A 30 -6.90 -2.59 -2.36
C LEU A 30 -6.95 -1.37 -1.44
N ARG A 31 -7.38 -0.24 -1.99
CA ARG A 31 -7.47 0.97 -1.21
C ARG A 31 -8.63 0.87 -0.22
N SER A 32 -9.75 0.28 -0.66
CA SER A 32 -10.93 0.17 0.18
C SER A 32 -10.64 -0.60 1.46
N HIS A 33 -9.83 -1.65 1.34
CA HIS A 33 -9.46 -2.44 2.50
C HIS A 33 -8.46 -1.70 3.39
N PHE A 34 -7.55 -0.96 2.79
CA PHE A 34 -6.55 -0.28 3.58
C PHE A 34 -7.03 1.08 4.11
N GLU A 35 -8.09 1.61 3.50
CA GLU A 35 -8.66 2.88 3.96
C GLU A 35 -9.53 2.67 5.20
N GLN A 36 -9.39 1.51 5.81
CA GLN A 36 -10.12 1.20 7.03
C GLN A 36 -9.35 1.68 8.25
N TRP A 37 -8.03 1.66 8.16
CA TRP A 37 -7.19 2.08 9.27
C TRP A 37 -6.53 3.42 8.96
N GLY A 38 -7.04 4.10 7.96
CA GLY A 38 -6.49 5.40 7.60
C GLY A 38 -6.87 5.84 6.20
N THR A 39 -6.23 6.91 5.74
CA THR A 39 -6.50 7.47 4.44
C THR A 39 -5.32 7.29 3.49
N LEU A 40 -5.57 6.69 2.35
CA LEU A 40 -4.53 6.47 1.36
C LEU A 40 -4.46 7.63 0.38
N THR A 41 -3.39 8.39 0.47
CA THR A 41 -3.16 9.52 -0.41
C THR A 41 -2.59 9.04 -1.74
N ASP A 42 -1.94 7.89 -1.69
CA ASP A 42 -1.31 7.31 -2.86
C ASP A 42 -1.47 5.80 -2.83
N CYS A 43 -2.48 5.30 -3.51
CA CYS A 43 -2.73 3.87 -3.54
C CYS A 43 -2.71 3.35 -4.97
N VAL A 44 -2.12 2.19 -5.17
CA VAL A 44 -1.98 1.62 -6.50
C VAL A 44 -1.65 0.13 -6.45
N VAL A 45 -2.13 -0.61 -7.43
CA VAL A 45 -1.79 -2.01 -7.58
C VAL A 45 -1.10 -2.24 -8.92
N MET A 46 -0.08 -3.08 -8.91
CA MET A 46 0.66 -3.39 -10.12
C MET A 46 0.04 -4.60 -10.81
N ARG A 47 0.00 -4.57 -12.13
CA ARG A 47 -0.52 -5.70 -12.87
C ARG A 47 0.63 -6.43 -13.52
N ASP A 48 0.52 -7.75 -13.52
CA ASP A 48 1.59 -8.60 -13.98
C ASP A 48 1.93 -8.34 -15.44
N PRO A 49 3.22 -8.35 -15.79
CA PRO A 49 3.66 -8.17 -17.18
C PRO A 49 3.22 -9.33 -18.07
N ASN A 50 2.92 -10.47 -17.46
CA ASN A 50 2.52 -11.64 -18.21
C ASN A 50 1.00 -11.78 -18.18
N THR A 51 0.43 -11.80 -16.99
CA THR A 51 -1.00 -12.03 -16.83
C THR A 51 -1.81 -10.76 -17.12
N LYS A 52 -1.22 -9.61 -16.78
CA LYS A 52 -1.90 -8.32 -16.91
C LYS A 52 -3.14 -8.26 -16.01
N ARG A 53 -3.09 -9.01 -14.90
CA ARG A 53 -4.21 -9.05 -13.96
C ARG A 53 -3.76 -8.51 -12.61
N SER A 54 -2.73 -9.12 -12.06
CA SER A 54 -2.14 -8.65 -10.83
C SER A 54 -0.70 -9.13 -10.72
N ARG A 55 0.15 -8.29 -10.16
CA ARG A 55 1.55 -8.63 -9.95
C ARG A 55 1.71 -9.37 -8.62
N GLY A 56 0.63 -9.45 -7.86
CA GLY A 56 0.68 -10.11 -6.58
C GLY A 56 1.12 -9.19 -5.47
N PHE A 57 1.04 -7.87 -5.74
CA PHE A 57 1.43 -6.86 -4.75
C PHE A 57 0.92 -5.49 -5.15
N GLY A 58 0.89 -4.59 -4.18
CA GLY A 58 0.45 -3.23 -4.41
C GLY A 58 1.03 -2.30 -3.35
N PHE A 59 0.74 -1.01 -3.47
CA PHE A 59 1.27 -0.04 -2.52
C PHE A 59 0.18 0.91 -2.06
N VAL A 60 0.35 1.40 -0.83
CA VAL A 60 -0.63 2.28 -0.21
C VAL A 60 0.05 3.28 0.71
N THR A 61 0.01 4.54 0.32
CA THR A 61 0.60 5.60 1.09
C THR A 61 -0.46 6.29 1.93
N TYR A 62 -0.35 6.18 3.24
CA TYR A 62 -1.33 6.76 4.14
C TYR A 62 -1.12 8.27 4.29
N ALA A 63 -2.04 8.92 4.97
CA ALA A 63 -1.96 10.36 5.17
C ALA A 63 -0.92 10.68 6.23
N THR A 64 -0.70 9.72 7.12
CA THR A 64 0.30 9.86 8.16
C THR A 64 0.78 8.50 8.63
N VAL A 65 1.99 8.47 9.18
CA VAL A 65 2.57 7.27 9.76
C VAL A 65 1.65 6.66 10.81
N GLU A 66 0.87 7.50 11.47
CA GLU A 66 -0.09 7.06 12.49
C GLU A 66 -1.03 5.98 11.94
N GLU A 67 -1.38 6.12 10.67
CA GLU A 67 -2.31 5.21 10.03
C GLU A 67 -1.59 3.94 9.58
N VAL A 68 -0.34 4.10 9.18
CA VAL A 68 0.50 2.97 8.79
C VAL A 68 0.66 2.00 9.96
N ASP A 69 0.94 2.55 11.14
CA ASP A 69 1.07 1.75 12.35
C ASP A 69 -0.20 0.95 12.61
N ALA A 70 -1.35 1.62 12.48
CA ALA A 70 -2.64 0.99 12.69
C ALA A 70 -2.84 -0.19 11.73
N ALA A 71 -2.52 0.04 10.46
CA ALA A 71 -2.66 -0.99 9.44
C ALA A 71 -1.74 -2.18 9.72
N MET A 72 -0.55 -1.90 10.21
CA MET A 72 0.40 -2.96 10.54
C MET A 72 -0.10 -3.80 11.71
N ASN A 73 -0.64 -3.12 12.71
CA ASN A 73 -1.12 -3.79 13.92
C ASN A 73 -2.37 -4.61 13.62
N ALA A 74 -2.97 -4.35 12.48
CA ALA A 74 -4.20 -5.02 12.09
C ALA A 74 -3.90 -6.34 11.38
N ARG A 75 -2.63 -6.74 11.32
CA ARG A 75 -2.27 -8.00 10.71
C ARG A 75 -2.55 -9.16 11.67
N PRO A 76 -2.76 -10.39 11.16
CA PRO A 76 -2.70 -10.70 9.72
C PRO A 76 -3.78 -9.97 8.93
N HIS A 77 -3.34 -9.20 7.94
CA HIS A 77 -4.22 -8.37 7.16
C HIS A 77 -4.99 -9.21 6.13
N LYS A 78 -6.16 -8.72 5.73
CA LYS A 78 -7.01 -9.41 4.77
C LYS A 78 -7.50 -8.43 3.70
N VAL A 79 -7.07 -8.64 2.47
CA VAL A 79 -7.48 -7.79 1.36
C VAL A 79 -8.15 -8.61 0.28
N ASP A 80 -9.36 -8.18 -0.12
CA ASP A 80 -10.22 -8.89 -1.08
C ASP A 80 -10.70 -10.22 -0.49
N GLY A 81 -9.74 -11.04 -0.13
CA GLY A 81 -9.98 -12.36 0.40
C GLY A 81 -8.69 -13.12 0.46
N ARG A 82 -7.63 -12.38 0.76
CA ARG A 82 -6.28 -12.90 0.75
C ARG A 82 -5.48 -12.25 1.86
N VAL A 83 -4.75 -13.07 2.61
CA VAL A 83 -3.89 -12.55 3.68
C VAL A 83 -2.66 -11.89 3.07
N VAL A 84 -2.55 -10.59 3.26
CA VAL A 84 -1.43 -9.84 2.71
C VAL A 84 -0.42 -9.50 3.79
N GLU A 85 0.77 -9.12 3.38
CA GLU A 85 1.81 -8.76 4.32
C GLU A 85 2.21 -7.31 4.10
N PRO A 86 1.73 -6.41 4.97
CA PRO A 86 1.99 -4.99 4.87
C PRO A 86 3.24 -4.56 5.63
N LYS A 87 4.27 -4.17 4.89
CA LYS A 87 5.53 -3.74 5.47
C LYS A 87 5.89 -2.35 4.96
N ARG A 88 6.83 -1.69 5.61
CA ARG A 88 7.25 -0.36 5.18
C ARG A 88 7.87 -0.41 3.79
N ALA A 89 7.41 0.46 2.91
CA ALA A 89 7.88 0.47 1.53
C ALA A 89 9.22 1.17 1.40
N VAL A 90 10.14 0.52 0.71
CA VAL A 90 11.43 1.12 0.40
C VAL A 90 11.26 2.14 -0.73
N SER A 91 12.00 3.23 -0.67
CA SER A 91 11.90 4.28 -1.69
C SER A 91 12.04 3.69 -3.09
N ARG A 92 11.17 4.13 -4.00
CA ARG A 92 11.22 3.66 -5.38
C ARG A 92 12.44 4.25 -6.08
N GLU A 93 13.01 5.24 -5.42
CA GLU A 93 14.26 5.86 -5.86
C GLU A 93 15.44 5.01 -5.43
N ASP A 94 15.26 4.28 -4.34
CA ASP A 94 16.28 3.37 -3.82
C ASP A 94 16.11 1.99 -4.42
N SER A 95 15.03 1.80 -5.15
CA SER A 95 14.72 0.51 -5.74
C SER A 95 15.79 0.10 -6.74
N GLN A 96 16.50 -0.98 -6.41
CA GLN A 96 17.55 -1.50 -7.26
C GLN A 96 17.12 -2.84 -7.85
N ARG A 97 15.92 -3.26 -7.49
CA ARG A 97 15.39 -4.55 -7.91
C ARG A 97 14.15 -4.37 -8.77
N ALA A 1 22.06 7.40 5.88
CA ALA A 1 22.00 7.98 4.52
C ALA A 1 22.50 9.41 4.53
N SER A 2 22.65 9.99 3.35
CA SER A 2 23.09 11.37 3.23
C SER A 2 21.91 12.31 3.49
N LYS A 3 20.73 11.90 3.06
CA LYS A 3 19.52 12.63 3.37
C LYS A 3 18.90 12.05 4.63
N SER A 4 18.16 12.88 5.36
CA SER A 4 17.59 12.48 6.63
C SER A 4 16.07 12.45 6.55
N GLU A 5 15.56 12.48 5.33
CA GLU A 5 14.12 12.49 5.07
C GLU A 5 13.42 13.59 5.86
N SER A 6 13.48 14.80 5.36
CA SER A 6 12.85 15.93 6.04
C SER A 6 11.99 16.75 5.07
N PRO A 7 10.94 16.13 4.51
CA PRO A 7 10.03 16.79 3.60
C PRO A 7 8.74 17.21 4.30
N LYS A 8 7.67 17.34 3.52
CA LYS A 8 6.35 17.60 4.08
C LYS A 8 5.57 16.31 4.17
N GLU A 9 5.80 15.42 3.23
CA GLU A 9 5.17 14.11 3.22
C GLU A 9 6.13 13.07 2.65
N PRO A 10 6.76 12.27 3.52
CA PRO A 10 7.64 11.19 3.09
C PRO A 10 6.82 10.02 2.56
N GLU A 11 6.78 9.87 1.25
CA GLU A 11 5.96 8.83 0.63
C GLU A 11 6.49 7.45 1.03
N GLN A 12 7.80 7.32 1.10
CA GLN A 12 8.44 6.08 1.54
C GLN A 12 7.90 5.65 2.91
N LEU A 13 8.01 6.54 3.87
CA LEU A 13 7.69 6.25 5.25
C LEU A 13 6.18 6.05 5.46
N ARG A 14 5.38 6.64 4.56
CA ARG A 14 3.93 6.56 4.67
C ARG A 14 3.36 5.48 3.76
N LYS A 15 4.21 4.90 2.93
CA LYS A 15 3.78 3.87 1.99
C LYS A 15 3.89 2.50 2.64
N LEU A 16 2.87 1.70 2.43
CA LEU A 16 2.83 0.35 2.93
C LEU A 16 3.07 -0.63 1.79
N PHE A 17 4.02 -1.52 1.99
CA PHE A 17 4.32 -2.56 1.02
C PHE A 17 3.41 -3.75 1.28
N ILE A 18 2.51 -4.03 0.35
CA ILE A 18 1.54 -5.09 0.52
C ILE A 18 1.88 -6.25 -0.39
N GLY A 19 2.46 -7.29 0.18
CA GLY A 19 2.81 -8.44 -0.63
C GLY A 19 2.03 -9.67 -0.22
N GLY A 20 1.79 -10.55 -1.17
CA GLY A 20 1.10 -11.80 -0.88
C GLY A 20 -0.39 -11.70 -1.05
N LEU A 21 -0.83 -10.78 -1.89
CA LEU A 21 -2.25 -10.59 -2.13
C LEU A 21 -2.71 -11.34 -3.37
N SER A 22 -4.01 -11.45 -3.55
CA SER A 22 -4.58 -12.22 -4.64
C SER A 22 -4.39 -11.50 -5.97
N PHE A 23 -4.61 -12.21 -7.06
CA PHE A 23 -4.40 -11.66 -8.39
C PHE A 23 -5.61 -10.83 -8.82
N GLU A 24 -6.66 -10.87 -8.01
CA GLU A 24 -7.83 -10.05 -8.25
C GLU A 24 -7.74 -8.75 -7.47
N THR A 25 -6.75 -8.69 -6.60
CA THR A 25 -6.48 -7.47 -5.84
C THR A 25 -5.84 -6.41 -6.74
N THR A 26 -6.64 -5.42 -7.10
CA THR A 26 -6.18 -4.34 -7.94
C THR A 26 -6.25 -3.02 -7.16
N ASP A 27 -5.91 -1.92 -7.81
CA ASP A 27 -5.83 -0.61 -7.16
C ASP A 27 -7.08 -0.30 -6.33
N GLU A 28 -8.24 -0.38 -6.97
CA GLU A 28 -9.49 -0.07 -6.29
C GLU A 28 -9.79 -1.05 -5.16
N SER A 29 -9.43 -2.30 -5.34
CA SER A 29 -9.77 -3.32 -4.35
C SER A 29 -8.69 -3.41 -3.28
N LEU A 30 -7.54 -2.81 -3.53
CA LEU A 30 -6.49 -2.72 -2.53
C LEU A 30 -6.79 -1.57 -1.58
N ARG A 31 -7.05 -0.40 -2.17
CA ARG A 31 -7.25 0.80 -1.38
C ARG A 31 -8.49 0.66 -0.49
N SER A 32 -9.54 0.02 -1.01
CA SER A 32 -10.76 -0.14 -0.24
C SER A 32 -10.51 -0.93 1.05
N HIS A 33 -9.60 -1.88 0.98
CA HIS A 33 -9.28 -2.71 2.14
C HIS A 33 -8.18 -2.11 3.00
N PHE A 34 -7.61 -1.00 2.56
CA PHE A 34 -6.58 -0.33 3.36
C PHE A 34 -7.01 1.07 3.79
N GLU A 35 -8.04 1.62 3.16
CA GLU A 35 -8.60 2.92 3.55
C GLU A 35 -9.43 2.79 4.82
N GLN A 36 -9.38 1.61 5.43
CA GLN A 36 -10.15 1.34 6.63
C GLN A 36 -9.40 1.81 7.88
N TRP A 37 -8.07 1.82 7.80
CA TRP A 37 -7.26 2.25 8.93
C TRP A 37 -6.64 3.61 8.66
N GLY A 38 -7.11 4.27 7.61
CA GLY A 38 -6.61 5.59 7.28
C GLY A 38 -6.97 6.04 5.88
N THR A 39 -6.21 6.99 5.36
CA THR A 39 -6.44 7.56 4.05
C THR A 39 -5.28 7.24 3.11
N LEU A 40 -5.56 6.58 2.00
CA LEU A 40 -4.51 6.29 1.04
C LEU A 40 -4.43 7.38 0.00
N THR A 41 -3.46 8.26 0.19
CA THR A 41 -3.25 9.39 -0.70
C THR A 41 -2.60 8.92 -1.99
N ASP A 42 -1.96 7.77 -1.93
CA ASP A 42 -1.30 7.18 -3.08
C ASP A 42 -1.46 5.68 -3.07
N CYS A 43 -2.34 5.18 -3.90
CA CYS A 43 -2.54 3.75 -4.00
C CYS A 43 -2.06 3.26 -5.35
N VAL A 44 -1.52 2.05 -5.39
CA VAL A 44 -1.05 1.47 -6.64
C VAL A 44 -0.75 -0.01 -6.48
N VAL A 45 -1.07 -0.78 -7.50
CA VAL A 45 -0.74 -2.19 -7.52
C VAL A 45 0.09 -2.49 -8.75
N MET A 46 0.95 -3.49 -8.67
CA MET A 46 1.70 -3.91 -9.83
C MET A 46 0.88 -4.95 -10.57
N ARG A 47 0.80 -4.85 -11.89
CA ARG A 47 -0.05 -5.75 -12.65
C ARG A 47 0.79 -6.72 -13.46
N ASP A 48 0.21 -7.88 -13.74
CA ASP A 48 0.85 -8.88 -14.57
C ASP A 48 1.02 -8.36 -15.98
N PRO A 49 2.15 -8.64 -16.63
CA PRO A 49 2.39 -8.21 -18.01
C PRO A 49 1.36 -8.79 -18.98
N ASN A 50 0.81 -9.93 -18.61
CA ASN A 50 -0.14 -10.64 -19.47
C ASN A 50 -1.56 -10.32 -19.05
N THR A 51 -1.91 -10.72 -17.83
CA THR A 51 -3.27 -10.62 -17.35
C THR A 51 -3.66 -9.17 -17.14
N LYS A 52 -2.66 -8.35 -16.75
CA LYS A 52 -2.85 -6.94 -16.46
C LYS A 52 -3.75 -6.76 -15.23
N ARG A 53 -3.81 -7.78 -14.39
CA ARG A 53 -4.64 -7.70 -13.18
C ARG A 53 -3.79 -7.35 -11.97
N SER A 54 -3.04 -8.32 -11.47
CA SER A 54 -2.18 -8.08 -10.32
C SER A 54 -0.91 -8.93 -10.41
N ARG A 55 0.13 -8.45 -9.79
CA ARG A 55 1.38 -9.17 -9.70
C ARG A 55 1.51 -9.84 -8.33
N GLY A 56 0.43 -9.80 -7.56
CA GLY A 56 0.43 -10.47 -6.28
C GLY A 56 0.95 -9.58 -5.16
N PHE A 57 1.13 -8.29 -5.45
CA PHE A 57 1.56 -7.33 -4.45
C PHE A 57 1.30 -5.90 -4.91
N GLY A 58 1.23 -4.97 -3.97
CA GLY A 58 0.95 -3.59 -4.30
C GLY A 58 1.44 -2.63 -3.22
N PHE A 59 1.10 -1.36 -3.37
CA PHE A 59 1.54 -0.32 -2.44
C PHE A 59 0.40 0.62 -2.09
N VAL A 60 0.44 1.15 -0.88
CA VAL A 60 -0.59 2.05 -0.37
C VAL A 60 0.01 3.08 0.57
N THR A 61 0.00 4.34 0.14
CA THR A 61 0.58 5.41 0.91
C THR A 61 -0.50 6.13 1.70
N TYR A 62 -0.40 6.08 3.00
CA TYR A 62 -1.38 6.72 3.86
C TYR A 62 -1.12 8.22 3.96
N ALA A 63 -2.03 8.94 4.62
CA ALA A 63 -1.90 10.37 4.78
C ALA A 63 -0.83 10.68 5.80
N THR A 64 -0.79 9.88 6.84
CA THR A 64 0.20 10.05 7.89
C THR A 64 0.68 8.69 8.38
N VAL A 65 1.87 8.67 8.96
CA VAL A 65 2.47 7.46 9.48
C VAL A 65 1.58 6.78 10.52
N GLU A 66 0.77 7.57 11.22
CA GLU A 66 -0.11 7.07 12.27
C GLU A 66 -1.11 6.06 11.71
N GLU A 67 -1.52 6.27 10.47
CA GLU A 67 -2.48 5.38 9.83
C GLU A 67 -1.78 4.09 9.42
N VAL A 68 -0.54 4.22 8.96
CA VAL A 68 0.28 3.08 8.63
C VAL A 68 0.42 2.15 9.84
N ASP A 69 0.69 2.76 10.99
CA ASP A 69 0.81 2.02 12.24
C ASP A 69 -0.44 1.18 12.51
N ALA A 70 -1.60 1.81 12.36
CA ALA A 70 -2.87 1.14 12.62
C ALA A 70 -3.06 -0.05 11.69
N ALA A 71 -2.70 0.12 10.42
CA ALA A 71 -2.80 -0.95 9.45
C ALA A 71 -1.84 -2.08 9.79
N MET A 72 -0.69 -1.72 10.33
CA MET A 72 0.31 -2.72 10.72
C MET A 72 -0.17 -3.52 11.93
N ASN A 73 -0.93 -2.87 12.82
CA ASN A 73 -1.49 -3.56 13.99
C ASN A 73 -2.61 -4.50 13.56
N ALA A 74 -3.12 -4.29 12.36
CA ALA A 74 -4.28 -5.03 11.87
C ALA A 74 -3.89 -6.31 11.14
N ARG A 75 -2.69 -6.82 11.42
CA ARG A 75 -2.24 -8.07 10.80
C ARG A 75 -2.56 -9.26 11.72
N PRO A 76 -2.72 -10.47 11.17
CA PRO A 76 -2.63 -10.72 9.72
C PRO A 76 -3.73 -10.02 8.95
N HIS A 77 -3.32 -9.23 7.97
CA HIS A 77 -4.24 -8.39 7.20
C HIS A 77 -5.11 -9.26 6.28
N LYS A 78 -6.21 -8.70 5.82
CA LYS A 78 -7.16 -9.45 5.01
C LYS A 78 -7.75 -8.58 3.91
N VAL A 79 -7.38 -8.88 2.67
CA VAL A 79 -7.89 -8.18 1.51
C VAL A 79 -8.20 -9.18 0.39
N ASP A 80 -9.42 -9.10 -0.15
CA ASP A 80 -9.88 -10.03 -1.19
C ASP A 80 -9.95 -11.47 -0.65
N GLY A 81 -10.06 -11.57 0.68
CA GLY A 81 -10.07 -12.87 1.31
C GLY A 81 -8.68 -13.46 1.44
N ARG A 82 -7.68 -12.64 1.13
CA ARG A 82 -6.29 -13.07 1.16
C ARG A 82 -5.53 -12.39 2.30
N VAL A 83 -4.70 -13.16 2.99
CA VAL A 83 -3.86 -12.61 4.04
C VAL A 83 -2.57 -12.06 3.46
N VAL A 84 -2.31 -10.78 3.70
CA VAL A 84 -1.15 -10.11 3.15
C VAL A 84 -0.21 -9.63 4.24
N GLU A 85 0.98 -9.21 3.84
CA GLU A 85 1.95 -8.66 4.77
C GLU A 85 2.18 -7.19 4.47
N PRO A 86 1.63 -6.30 5.31
CA PRO A 86 1.81 -4.88 5.18
C PRO A 86 3.03 -4.38 5.95
N LYS A 87 4.08 -4.04 5.21
CA LYS A 87 5.33 -3.60 5.82
C LYS A 87 5.70 -2.22 5.30
N ARG A 88 6.59 -1.54 6.02
CA ARG A 88 7.02 -0.20 5.64
C ARG A 88 7.71 -0.22 4.28
N ALA A 89 7.47 0.80 3.48
CA ALA A 89 8.08 0.88 2.16
C ALA A 89 9.52 1.36 2.25
N VAL A 90 10.31 0.90 1.31
CA VAL A 90 11.69 1.36 1.16
C VAL A 90 11.77 2.25 -0.07
N SER A 91 12.75 3.13 -0.14
CA SER A 91 12.90 3.98 -1.31
C SER A 91 13.17 3.11 -2.55
N ARG A 92 12.45 3.42 -3.63
CA ARG A 92 12.68 2.74 -4.90
C ARG A 92 14.04 3.15 -5.44
N GLU A 93 14.52 4.28 -4.96
CA GLU A 93 15.86 4.75 -5.24
C GLU A 93 16.89 3.76 -4.70
N ASP A 94 16.64 3.28 -3.49
CA ASP A 94 17.52 2.30 -2.84
C ASP A 94 17.33 0.93 -3.48
N SER A 95 16.08 0.57 -3.71
CA SER A 95 15.76 -0.73 -4.28
C SER A 95 15.01 -0.56 -5.60
N GLN A 96 15.77 -0.39 -6.67
CA GLN A 96 15.17 -0.24 -8.00
C GLN A 96 15.02 -1.60 -8.65
N ARG A 97 15.91 -2.51 -8.28
CA ARG A 97 15.82 -3.89 -8.70
C ARG A 97 16.23 -4.80 -7.55
N ALA A 1 -4.76 22.46 -4.75
CA ALA A 1 -4.03 22.50 -6.03
C ALA A 1 -2.56 22.15 -5.81
N SER A 2 -1.93 21.53 -6.80
CA SER A 2 -0.54 21.13 -6.70
C SER A 2 0.39 22.33 -6.84
N LYS A 3 0.41 23.16 -5.80
CA LYS A 3 1.34 24.28 -5.71
C LYS A 3 1.71 24.50 -4.25
N SER A 4 1.31 23.54 -3.42
CA SER A 4 1.48 23.63 -1.99
C SER A 4 2.90 23.27 -1.58
N GLU A 5 3.35 23.83 -0.47
CA GLU A 5 4.65 23.50 0.08
C GLU A 5 4.56 22.17 0.82
N SER A 6 4.47 21.10 0.06
CA SER A 6 4.37 19.76 0.61
C SER A 6 5.70 19.37 1.26
N PRO A 7 5.69 19.09 2.57
CA PRO A 7 6.89 18.72 3.32
C PRO A 7 7.60 17.52 2.69
N LYS A 8 8.91 17.61 2.61
CA LYS A 8 9.71 16.57 1.98
C LYS A 8 9.99 15.42 2.93
N GLU A 9 8.93 14.86 3.49
CA GLU A 9 9.05 13.64 4.28
C GLU A 9 8.73 12.48 3.36
N PRO A 10 9.63 11.48 3.29
CA PRO A 10 9.51 10.38 2.35
C PRO A 10 8.14 9.72 2.37
N GLU A 11 7.54 9.58 1.20
CA GLU A 11 6.33 8.79 1.07
C GLU A 11 6.68 7.33 1.30
N GLN A 12 7.99 7.05 1.20
CA GLN A 12 8.55 5.74 1.49
C GLN A 12 8.07 5.20 2.84
N LEU A 13 8.27 5.96 3.91
CA LEU A 13 7.93 5.47 5.24
C LEU A 13 6.45 5.69 5.53
N ARG A 14 5.78 6.41 4.63
CA ARG A 14 4.35 6.64 4.75
C ARG A 14 3.58 5.69 3.83
N LYS A 15 4.33 4.86 3.11
CA LYS A 15 3.73 3.91 2.19
C LYS A 15 3.83 2.51 2.77
N LEU A 16 2.78 1.75 2.60
CA LEU A 16 2.75 0.36 3.01
C LEU A 16 2.97 -0.55 1.81
N PHE A 17 3.88 -1.50 1.96
CA PHE A 17 4.14 -2.50 0.94
C PHE A 17 3.28 -3.72 1.20
N ILE A 18 2.40 -4.04 0.27
CA ILE A 18 1.48 -5.15 0.43
C ILE A 18 1.87 -6.30 -0.48
N GLY A 19 2.56 -7.28 0.06
CA GLY A 19 3.00 -8.39 -0.74
C GLY A 19 2.28 -9.67 -0.39
N GLY A 20 2.04 -10.50 -1.40
CA GLY A 20 1.40 -11.78 -1.18
C GLY A 20 -0.10 -11.69 -1.24
N LEU A 21 -0.60 -10.87 -2.15
CA LEU A 21 -2.04 -10.74 -2.33
C LEU A 21 -2.50 -11.50 -3.57
N SER A 22 -3.81 -11.63 -3.73
CA SER A 22 -4.38 -12.41 -4.81
C SER A 22 -4.27 -11.68 -6.14
N PHE A 23 -4.41 -12.41 -7.24
CA PHE A 23 -4.34 -11.80 -8.56
C PHE A 23 -5.69 -11.22 -8.96
N GLU A 24 -6.59 -11.19 -7.99
CA GLU A 24 -7.90 -10.58 -8.17
C GLU A 24 -7.94 -9.26 -7.42
N THR A 25 -6.91 -9.00 -6.64
CA THR A 25 -6.79 -7.76 -5.89
C THR A 25 -6.53 -6.59 -6.83
N THR A 26 -7.46 -5.65 -6.84
CA THR A 26 -7.35 -4.50 -7.72
C THR A 26 -7.30 -3.21 -6.90
N ASP A 27 -6.88 -2.13 -7.55
CA ASP A 27 -6.64 -0.86 -6.86
C ASP A 27 -7.83 -0.42 -6.03
N GLU A 28 -9.01 -0.53 -6.61
CA GLU A 28 -10.24 -0.12 -5.94
C GLU A 28 -10.51 -0.95 -4.69
N SER A 29 -10.23 -2.24 -4.74
CA SER A 29 -10.50 -3.10 -3.61
C SER A 29 -9.35 -3.04 -2.62
N LEU A 30 -8.16 -2.76 -3.15
CA LEU A 30 -6.97 -2.62 -2.34
C LEU A 30 -7.14 -1.43 -1.41
N ARG A 31 -7.46 -0.28 -1.99
CA ARG A 31 -7.62 0.93 -1.21
C ARG A 31 -8.83 0.81 -0.30
N SER A 32 -9.88 0.15 -0.77
CA SER A 32 -11.11 0.02 0.01
C SER A 32 -10.87 -0.79 1.28
N HIS A 33 -9.96 -1.75 1.23
CA HIS A 33 -9.65 -2.58 2.38
C HIS A 33 -8.53 -1.99 3.23
N PHE A 34 -7.90 -0.92 2.74
CA PHE A 34 -6.85 -0.26 3.51
C PHE A 34 -7.27 1.12 4.00
N GLU A 35 -8.26 1.72 3.34
CA GLU A 35 -8.79 3.02 3.76
C GLU A 35 -9.61 2.89 5.05
N GLN A 36 -9.56 1.71 5.65
CA GLN A 36 -10.30 1.45 6.87
C GLN A 36 -9.50 1.89 8.09
N TRP A 37 -8.18 1.88 7.97
CA TRP A 37 -7.33 2.30 9.08
C TRP A 37 -6.68 3.65 8.78
N GLY A 38 -7.09 4.27 7.68
CA GLY A 38 -6.55 5.57 7.33
C GLY A 38 -6.90 6.02 5.93
N THR A 39 -6.32 7.14 5.52
CA THR A 39 -6.58 7.73 4.21
C THR A 39 -5.45 7.43 3.25
N LEU A 40 -5.75 6.84 2.10
CA LEU A 40 -4.71 6.53 1.13
C LEU A 40 -4.54 7.64 0.12
N THR A 41 -3.40 8.29 0.19
CA THR A 41 -3.07 9.35 -0.75
C THR A 41 -2.53 8.74 -2.04
N ASP A 42 -1.93 7.56 -1.92
CA ASP A 42 -1.43 6.82 -3.09
C ASP A 42 -1.67 5.33 -2.93
N CYS A 43 -2.76 4.86 -3.49
CA CYS A 43 -3.08 3.44 -3.52
C CYS A 43 -2.87 2.91 -4.93
N VAL A 44 -2.11 1.84 -5.07
CA VAL A 44 -1.79 1.32 -6.40
C VAL A 44 -1.40 -0.16 -6.36
N VAL A 45 -2.03 -0.94 -7.23
CA VAL A 45 -1.68 -2.35 -7.37
C VAL A 45 -0.94 -2.57 -8.68
N MET A 46 0.18 -3.26 -8.62
CA MET A 46 0.97 -3.53 -9.81
C MET A 46 0.37 -4.69 -10.58
N ARG A 47 0.38 -4.61 -11.90
CA ARG A 47 -0.17 -5.69 -12.71
C ARG A 47 0.91 -6.37 -13.51
N ASP A 48 0.66 -7.62 -13.85
CA ASP A 48 1.56 -8.36 -14.71
C ASP A 48 1.59 -7.72 -16.09
N PRO A 49 2.77 -7.55 -16.68
CA PRO A 49 2.89 -6.95 -18.01
C PRO A 49 2.22 -7.78 -19.10
N ASN A 50 1.98 -9.05 -18.78
CA ASN A 50 1.41 -9.98 -19.75
C ASN A 50 -0.06 -10.23 -19.44
N THR A 51 -0.33 -10.72 -18.23
CA THR A 51 -1.68 -11.09 -17.84
C THR A 51 -2.52 -9.84 -17.57
N LYS A 52 -1.86 -8.79 -17.08
CA LYS A 52 -2.50 -7.53 -16.72
C LYS A 52 -3.51 -7.76 -15.59
N ARG A 53 -3.23 -8.76 -14.76
CA ARG A 53 -4.10 -9.11 -13.65
C ARG A 53 -3.57 -8.52 -12.35
N SER A 54 -2.46 -9.07 -11.89
CA SER A 54 -1.82 -8.60 -10.67
C SER A 54 -0.38 -9.09 -10.63
N ARG A 55 0.43 -8.44 -9.83
CA ARG A 55 1.81 -8.83 -9.64
C ARG A 55 1.96 -9.61 -8.34
N GLY A 56 0.86 -9.74 -7.61
CA GLY A 56 0.88 -10.40 -6.33
C GLY A 56 1.29 -9.46 -5.21
N PHE A 57 1.26 -8.18 -5.50
CA PHE A 57 1.59 -7.16 -4.52
C PHE A 57 1.07 -5.78 -4.96
N GLY A 58 0.93 -4.91 -3.98
CA GLY A 58 0.47 -3.56 -4.25
C GLY A 58 0.99 -2.59 -3.21
N PHE A 59 0.67 -1.33 -3.36
CA PHE A 59 1.13 -0.32 -2.44
C PHE A 59 -0.01 0.54 -1.94
N VAL A 60 0.14 1.02 -0.73
CA VAL A 60 -0.88 1.79 -0.05
C VAL A 60 -0.23 2.88 0.80
N THR A 61 -0.28 4.10 0.30
CA THR A 61 0.33 5.22 0.99
C THR A 61 -0.73 5.97 1.77
N TYR A 62 -0.56 6.05 3.08
CA TYR A 62 -1.52 6.73 3.93
C TYR A 62 -1.21 8.22 4.02
N ALA A 63 -2.07 8.96 4.70
CA ALA A 63 -1.90 10.39 4.84
C ALA A 63 -0.78 10.68 5.82
N THR A 64 -0.71 9.89 6.87
CA THR A 64 0.32 10.03 7.88
C THR A 64 0.83 8.65 8.29
N VAL A 65 1.99 8.62 8.92
CA VAL A 65 2.62 7.38 9.35
C VAL A 65 1.75 6.64 10.37
N GLU A 66 0.99 7.41 11.15
CA GLU A 66 0.12 6.85 12.19
C GLU A 66 -0.87 5.85 11.60
N GLU A 67 -1.37 6.17 10.41
CA GLU A 67 -2.38 5.33 9.77
C GLU A 67 -1.73 4.05 9.25
N VAL A 68 -0.50 4.17 8.77
CA VAL A 68 0.28 3.01 8.36
C VAL A 68 0.48 2.07 9.54
N ASP A 69 0.91 2.63 10.66
CA ASP A 69 1.13 1.85 11.88
C ASP A 69 -0.16 1.17 12.33
N ALA A 70 -1.28 1.84 12.16
CA ALA A 70 -2.57 1.27 12.54
C ALA A 70 -2.88 0.04 11.70
N ALA A 71 -2.64 0.16 10.40
CA ALA A 71 -2.86 -0.96 9.48
C ALA A 71 -1.89 -2.10 9.80
N MET A 72 -0.73 -1.74 10.32
CA MET A 72 0.25 -2.74 10.74
C MET A 72 -0.25 -3.50 11.95
N ASN A 73 -0.83 -2.80 12.91
CA ASN A 73 -1.40 -3.44 14.09
C ASN A 73 -2.60 -4.31 13.71
N ALA A 74 -3.11 -4.08 12.51
CA ALA A 74 -4.27 -4.79 12.02
C ALA A 74 -3.89 -6.08 11.28
N ARG A 75 -2.59 -6.38 11.21
CA ARG A 75 -2.14 -7.61 10.57
C ARG A 75 -2.24 -8.77 11.55
N PRO A 76 -2.38 -10.01 11.05
CA PRO A 76 -2.43 -10.31 9.60
C PRO A 76 -3.58 -9.58 8.90
N HIS A 77 -3.23 -8.89 7.82
CA HIS A 77 -4.20 -8.06 7.11
C HIS A 77 -5.04 -8.92 6.18
N LYS A 78 -6.14 -8.35 5.70
CA LYS A 78 -7.09 -9.09 4.90
C LYS A 78 -7.64 -8.21 3.79
N VAL A 79 -7.28 -8.51 2.55
CA VAL A 79 -7.81 -7.80 1.40
C VAL A 79 -8.08 -8.80 0.27
N ASP A 80 -9.30 -8.74 -0.28
CA ASP A 80 -9.74 -9.66 -1.33
C ASP A 80 -9.87 -11.09 -0.77
N GLY A 81 -9.95 -11.18 0.56
CA GLY A 81 -9.99 -12.47 1.21
C GLY A 81 -8.61 -13.08 1.34
N ARG A 82 -7.60 -12.29 0.98
CA ARG A 82 -6.23 -12.74 0.99
C ARG A 82 -5.50 -12.16 2.19
N VAL A 83 -4.87 -13.02 2.98
CA VAL A 83 -4.06 -12.58 4.10
C VAL A 83 -2.74 -12.04 3.61
N VAL A 84 -2.57 -10.73 3.68
CA VAL A 84 -1.38 -10.08 3.16
C VAL A 84 -0.49 -9.62 4.30
N GLU A 85 0.69 -9.14 3.94
CA GLU A 85 1.64 -8.65 4.91
C GLU A 85 2.07 -7.24 4.54
N PRO A 86 1.60 -6.24 5.31
CA PRO A 86 1.92 -4.85 5.08
C PRO A 86 3.17 -4.41 5.84
N LYS A 87 4.17 -3.95 5.10
CA LYS A 87 5.43 -3.53 5.70
C LYS A 87 5.81 -2.14 5.21
N ARG A 88 6.66 -1.44 5.96
CA ARG A 88 7.12 -0.11 5.57
C ARG A 88 7.81 -0.17 4.22
N ALA A 89 7.33 0.63 3.29
CA ALA A 89 7.84 0.61 1.93
C ALA A 89 9.24 1.22 1.85
N VAL A 90 9.95 0.87 0.79
CA VAL A 90 11.26 1.43 0.52
C VAL A 90 11.17 2.36 -0.69
N SER A 91 11.89 3.46 -0.66
CA SER A 91 11.85 4.39 -1.78
C SER A 91 12.41 3.73 -3.04
N ARG A 92 11.80 3.99 -4.18
CA ARG A 92 12.30 3.49 -5.46
C ARG A 92 13.62 4.18 -5.80
N GLU A 93 13.92 5.23 -5.06
CA GLU A 93 15.17 5.95 -5.19
C GLU A 93 16.27 5.24 -4.42
N ASP A 94 15.85 4.41 -3.47
CA ASP A 94 16.77 3.65 -2.63
C ASP A 94 16.81 2.19 -3.05
N SER A 95 15.82 1.79 -3.83
CA SER A 95 15.71 0.43 -4.30
C SER A 95 16.51 0.24 -5.59
N GLN A 96 17.27 -0.85 -5.65
CA GLN A 96 18.03 -1.18 -6.84
C GLN A 96 17.09 -1.58 -7.97
N ARG A 97 15.99 -2.22 -7.61
CA ARG A 97 15.00 -2.65 -8.60
C ARG A 97 13.88 -1.63 -8.69
N ALA A 1 -7.72 13.83 -3.03
CA ALA A 1 -7.65 13.27 -4.40
C ALA A 1 -6.68 14.09 -5.25
N SER A 2 -5.51 13.50 -5.51
CA SER A 2 -4.47 14.15 -6.33
C SER A 2 -3.94 15.41 -5.65
N LYS A 3 -2.87 15.26 -4.89
CA LYS A 3 -2.26 16.40 -4.20
C LYS A 3 -0.75 16.38 -4.41
N SER A 4 -0.23 17.43 -5.02
CA SER A 4 1.20 17.56 -5.21
C SER A 4 1.84 17.96 -3.89
N GLU A 5 2.57 17.02 -3.29
CA GLU A 5 3.11 17.20 -1.96
C GLU A 5 4.15 18.32 -1.92
N SER A 6 3.73 19.50 -1.49
CA SER A 6 4.63 20.63 -1.33
C SER A 6 5.52 20.42 -0.10
N PRO A 7 4.95 20.14 1.09
CA PRO A 7 5.72 19.70 2.24
C PRO A 7 5.97 18.21 2.14
N LYS A 8 7.09 17.86 1.53
CA LYS A 8 7.34 16.48 1.12
C LYS A 8 7.66 15.58 2.28
N GLU A 9 6.63 14.98 2.84
CA GLU A 9 6.81 13.87 3.75
C GLU A 9 7.14 12.64 2.92
N PRO A 10 8.21 11.93 3.28
CA PRO A 10 8.72 10.80 2.49
C PRO A 10 7.61 9.82 2.10
N GLU A 11 7.41 9.67 0.79
CA GLU A 11 6.43 8.75 0.26
C GLU A 11 6.83 7.33 0.63
N GLN A 12 8.13 7.10 0.67
CA GLN A 12 8.70 5.81 1.03
C GLN A 12 8.13 5.28 2.36
N LEU A 13 8.28 6.07 3.43
CA LEU A 13 7.94 5.58 4.76
C LEU A 13 6.44 5.74 5.04
N ARG A 14 5.72 6.38 4.14
CA ARG A 14 4.28 6.52 4.29
C ARG A 14 3.54 5.51 3.41
N LYS A 15 4.28 4.88 2.52
CA LYS A 15 3.71 3.88 1.65
C LYS A 15 3.83 2.51 2.28
N LEU A 16 2.75 1.76 2.22
CA LEU A 16 2.70 0.41 2.75
C LEU A 16 2.86 -0.59 1.61
N PHE A 17 3.80 -1.50 1.77
CA PHE A 17 4.02 -2.56 0.80
C PHE A 17 3.15 -3.75 1.13
N ILE A 18 2.22 -4.06 0.23
CA ILE A 18 1.29 -5.14 0.44
C ILE A 18 1.64 -6.32 -0.45
N GLY A 19 2.40 -7.27 0.08
CA GLY A 19 2.81 -8.40 -0.72
C GLY A 19 2.13 -9.67 -0.29
N GLY A 20 1.83 -10.53 -1.26
CA GLY A 20 1.18 -11.79 -0.94
C GLY A 20 -0.33 -11.68 -0.98
N LEU A 21 -0.84 -10.92 -1.95
CA LEU A 21 -2.27 -10.72 -2.07
C LEU A 21 -2.83 -11.45 -3.29
N SER A 22 -4.15 -11.41 -3.41
CA SER A 22 -4.86 -12.09 -4.48
C SER A 22 -4.56 -11.47 -5.84
N PHE A 23 -4.65 -12.28 -6.89
CA PHE A 23 -4.39 -11.79 -8.23
C PHE A 23 -5.60 -11.03 -8.75
N GLU A 24 -6.61 -10.93 -7.90
CA GLU A 24 -7.82 -10.19 -8.21
C GLU A 24 -7.85 -8.89 -7.44
N THR A 25 -6.86 -8.73 -6.55
CA THR A 25 -6.74 -7.53 -5.75
C THR A 25 -6.42 -6.32 -6.63
N THR A 26 -7.44 -5.50 -6.86
CA THR A 26 -7.31 -4.30 -7.66
C THR A 26 -7.11 -3.08 -6.79
N ASP A 27 -6.60 -2.01 -7.39
CA ASP A 27 -6.28 -0.76 -6.70
C ASP A 27 -7.42 -0.33 -5.79
N GLU A 28 -8.63 -0.31 -6.33
CA GLU A 28 -9.81 0.10 -5.58
C GLU A 28 -10.09 -0.84 -4.42
N SER A 29 -9.95 -2.13 -4.65
CA SER A 29 -10.25 -3.14 -3.65
C SER A 29 -9.23 -3.08 -2.52
N LEU A 30 -7.99 -2.79 -2.90
CA LEU A 30 -6.90 -2.76 -1.93
C LEU A 30 -7.08 -1.58 -1.00
N ARG A 31 -7.29 -0.40 -1.58
CA ARG A 31 -7.48 0.80 -0.77
C ARG A 31 -8.74 0.66 0.08
N SER A 32 -9.76 -0.02 -0.44
CA SER A 32 -11.02 -0.17 0.27
C SER A 32 -10.80 -0.92 1.58
N HIS A 33 -9.93 -1.91 1.54
CA HIS A 33 -9.65 -2.71 2.73
C HIS A 33 -8.62 -2.04 3.62
N PHE A 34 -7.96 -0.99 3.13
CA PHE A 34 -6.95 -0.31 3.92
C PHE A 34 -7.39 1.09 4.36
N GLU A 35 -8.46 1.61 3.75
CA GLU A 35 -9.00 2.94 4.12
C GLU A 35 -9.78 2.86 5.43
N GLN A 36 -9.58 1.78 6.16
CA GLN A 36 -10.25 1.59 7.43
C GLN A 36 -9.39 2.08 8.57
N TRP A 37 -8.09 1.90 8.45
CA TRP A 37 -7.16 2.30 9.49
C TRP A 37 -6.49 3.61 9.11
N GLY A 38 -7.01 4.25 8.07
CA GLY A 38 -6.49 5.54 7.64
C GLY A 38 -6.94 5.91 6.25
N THR A 39 -6.29 6.90 5.68
CA THR A 39 -6.63 7.40 4.35
C THR A 39 -5.47 7.15 3.38
N LEU A 40 -5.73 6.43 2.29
CA LEU A 40 -4.70 6.24 1.29
C LEU A 40 -4.70 7.42 0.32
N THR A 41 -3.60 8.15 0.32
CA THR A 41 -3.42 9.27 -0.59
C THR A 41 -2.92 8.75 -1.93
N ASP A 42 -2.30 7.58 -1.90
CA ASP A 42 -1.77 6.95 -3.10
C ASP A 42 -1.86 5.44 -3.00
N CYS A 43 -2.87 4.86 -3.63
CA CYS A 43 -3.00 3.42 -3.66
C CYS A 43 -2.81 2.93 -5.09
N VAL A 44 -2.14 1.80 -5.24
CA VAL A 44 -1.86 1.26 -6.56
C VAL A 44 -1.48 -0.21 -6.48
N VAL A 45 -1.95 -1.00 -7.43
CA VAL A 45 -1.57 -2.41 -7.51
C VAL A 45 -0.83 -2.67 -8.81
N MET A 46 0.16 -3.54 -8.75
CA MET A 46 0.96 -3.85 -9.91
C MET A 46 0.37 -5.02 -10.66
N ARG A 47 0.36 -4.90 -11.97
CA ARG A 47 -0.11 -5.97 -12.82
C ARG A 47 1.01 -6.42 -13.75
N ASP A 48 0.98 -7.69 -14.12
CA ASP A 48 1.98 -8.26 -15.00
C ASP A 48 2.04 -7.50 -16.32
N PRO A 49 3.24 -7.26 -16.84
CA PRO A 49 3.40 -6.53 -18.11
C PRO A 49 2.85 -7.31 -19.31
N ASN A 50 2.64 -8.61 -19.12
CA ASN A 50 2.18 -9.47 -20.20
C ASN A 50 0.72 -9.84 -20.00
N THR A 51 0.42 -10.36 -18.82
CA THR A 51 -0.92 -10.86 -18.52
C THR A 51 -1.84 -9.72 -18.09
N LYS A 52 -1.24 -8.67 -17.53
CA LYS A 52 -1.96 -7.49 -17.06
C LYS A 52 -2.87 -7.82 -15.88
N ARG A 53 -2.57 -8.91 -15.18
CA ARG A 53 -3.30 -9.26 -13.98
C ARG A 53 -2.46 -8.89 -12.77
N SER A 54 -3.08 -8.72 -11.61
CA SER A 54 -2.37 -8.34 -10.39
C SER A 54 -1.20 -9.29 -10.14
N ARG A 55 -0.02 -8.71 -9.94
CA ARG A 55 1.21 -9.48 -9.78
C ARG A 55 1.16 -10.37 -8.56
N GLY A 56 0.60 -9.84 -7.48
CA GLY A 56 0.62 -10.52 -6.21
C GLY A 56 1.05 -9.58 -5.09
N PHE A 57 1.15 -8.30 -5.44
CA PHE A 57 1.49 -7.27 -4.46
C PHE A 57 0.97 -5.90 -4.93
N GLY A 58 0.89 -4.98 -3.99
CA GLY A 58 0.46 -3.63 -4.29
C GLY A 58 0.96 -2.65 -3.24
N PHE A 59 0.63 -1.39 -3.40
CA PHE A 59 1.08 -0.37 -2.47
C PHE A 59 -0.05 0.57 -2.07
N VAL A 60 0.07 1.14 -0.87
CA VAL A 60 -0.91 2.08 -0.35
C VAL A 60 -0.22 3.11 0.54
N THR A 61 -0.21 4.34 0.07
CA THR A 61 0.40 5.43 0.81
C THR A 61 -0.66 6.11 1.65
N TYR A 62 -0.51 6.08 2.96
CA TYR A 62 -1.46 6.70 3.86
C TYR A 62 -1.25 8.22 3.92
N ALA A 63 -2.09 8.90 4.68
CA ALA A 63 -1.97 10.34 4.82
C ALA A 63 -0.85 10.67 5.79
N THR A 64 -0.73 9.84 6.82
CA THR A 64 0.33 9.97 7.80
C THR A 64 0.81 8.60 8.26
N VAL A 65 2.03 8.56 8.77
CA VAL A 65 2.63 7.30 9.24
C VAL A 65 1.81 6.69 10.39
N GLU A 66 1.05 7.51 11.09
CA GLU A 66 0.21 7.04 12.19
C GLU A 66 -0.83 6.05 11.70
N GLU A 67 -1.30 6.26 10.48
CA GLU A 67 -2.29 5.38 9.89
C GLU A 67 -1.63 4.08 9.44
N VAL A 68 -0.41 4.21 8.93
CA VAL A 68 0.40 3.06 8.54
C VAL A 68 0.56 2.10 9.71
N ASP A 69 0.94 2.65 10.86
CA ASP A 69 1.14 1.84 12.06
C ASP A 69 -0.13 1.11 12.45
N ALA A 70 -1.26 1.78 12.34
CA ALA A 70 -2.55 1.18 12.70
C ALA A 70 -2.86 0.00 11.77
N ALA A 71 -2.58 0.19 10.48
CA ALA A 71 -2.76 -0.87 9.51
C ALA A 71 -1.84 -2.05 9.81
N MET A 72 -0.65 -1.74 10.30
CA MET A 72 0.31 -2.77 10.66
C MET A 72 -0.19 -3.56 11.86
N ASN A 73 -0.68 -2.86 12.88
CA ASN A 73 -1.24 -3.50 14.07
C ASN A 73 -2.41 -4.40 13.69
N ALA A 74 -3.02 -4.12 12.55
CA ALA A 74 -4.20 -4.83 12.10
C ALA A 74 -3.83 -6.17 11.43
N ARG A 75 -2.55 -6.49 11.38
CA ARG A 75 -2.11 -7.76 10.82
C ARG A 75 -2.43 -8.90 11.78
N PRO A 76 -2.75 -10.09 11.25
CA PRO A 76 -2.75 -10.37 9.81
C PRO A 76 -3.85 -9.60 9.07
N HIS A 77 -3.45 -8.87 8.03
CA HIS A 77 -4.39 -8.04 7.29
C HIS A 77 -5.17 -8.91 6.30
N LYS A 78 -6.27 -8.39 5.82
CA LYS A 78 -7.16 -9.13 4.94
C LYS A 78 -7.71 -8.23 3.85
N VAL A 79 -7.31 -8.48 2.61
CA VAL A 79 -7.82 -7.74 1.48
C VAL A 79 -8.13 -8.68 0.32
N ASP A 80 -9.35 -8.55 -0.22
CA ASP A 80 -9.85 -9.41 -1.30
C ASP A 80 -9.97 -10.86 -0.80
N GLY A 81 -10.03 -11.03 0.52
CA GLY A 81 -10.12 -12.35 1.10
C GLY A 81 -8.78 -13.06 1.16
N ARG A 82 -7.71 -12.29 1.02
CA ARG A 82 -6.36 -12.83 1.10
C ARG A 82 -5.59 -12.15 2.23
N VAL A 83 -5.13 -12.96 3.18
CA VAL A 83 -4.28 -12.46 4.25
C VAL A 83 -2.96 -11.95 3.68
N VAL A 84 -2.67 -10.68 3.91
CA VAL A 84 -1.47 -10.07 3.36
C VAL A 84 -0.51 -9.66 4.46
N GLU A 85 0.66 -9.19 4.05
CA GLU A 85 1.64 -8.66 4.97
C GLU A 85 2.02 -7.24 4.57
N PRO A 86 1.54 -6.25 5.33
CA PRO A 86 1.78 -4.85 5.05
C PRO A 86 3.04 -4.34 5.74
N LYS A 87 4.08 -4.11 4.96
CA LYS A 87 5.36 -3.65 5.50
C LYS A 87 5.69 -2.26 4.99
N ARG A 88 6.61 -1.59 5.66
CA ARG A 88 7.07 -0.27 5.24
C ARG A 88 7.74 -0.37 3.89
N ALA A 89 7.35 0.51 2.97
CA ALA A 89 7.90 0.50 1.62
C ALA A 89 9.33 1.03 1.60
N VAL A 90 10.16 0.38 0.81
CA VAL A 90 11.54 0.81 0.61
C VAL A 90 11.62 1.64 -0.68
N SER A 91 12.74 2.31 -0.90
CA SER A 91 12.93 3.07 -2.12
C SER A 91 12.79 2.16 -3.35
N ARG A 92 12.18 2.67 -4.42
CA ARG A 92 11.86 1.86 -5.59
C ARG A 92 13.11 1.21 -6.20
N GLU A 93 14.09 2.03 -6.55
CA GLU A 93 15.27 1.54 -7.28
C GLU A 93 16.09 0.60 -6.42
N ASP A 94 16.11 0.88 -5.13
CA ASP A 94 16.87 0.08 -4.17
C ASP A 94 16.36 -1.35 -4.10
N SER A 95 15.13 -1.56 -4.52
CA SER A 95 14.55 -2.89 -4.51
C SER A 95 14.33 -3.40 -5.94
N GLN A 96 14.20 -2.48 -6.88
CA GLN A 96 14.06 -2.83 -8.28
C GLN A 96 15.34 -3.46 -8.81
N ARG A 97 16.46 -2.84 -8.50
CA ARG A 97 17.74 -3.35 -8.91
C ARG A 97 18.81 -3.00 -7.88
N ALA A 1 1.68 31.71 -7.79
CA ALA A 1 2.86 30.82 -7.80
C ALA A 1 2.84 29.91 -6.58
N SER A 2 2.60 28.63 -6.82
CA SER A 2 2.58 27.63 -5.77
C SER A 2 3.94 27.53 -5.09
N LYS A 3 3.95 27.11 -3.83
CA LYS A 3 5.18 27.05 -3.06
C LYS A 3 5.58 25.60 -2.79
N SER A 4 6.79 25.42 -2.29
CA SER A 4 7.27 24.11 -1.88
C SER A 4 6.49 23.63 -0.66
N GLU A 5 6.29 22.32 -0.57
CA GLU A 5 5.49 21.74 0.49
C GLU A 5 6.28 21.70 1.80
N SER A 6 5.58 21.96 2.90
CA SER A 6 6.20 21.95 4.21
C SER A 6 6.55 20.53 4.67
N PRO A 7 5.59 19.58 4.70
CA PRO A 7 5.87 18.19 5.07
C PRO A 7 6.61 17.46 3.96
N LYS A 8 7.93 17.35 4.11
CA LYS A 8 8.75 16.69 3.11
C LYS A 8 9.09 15.25 3.53
N GLU A 9 8.29 14.74 4.48
CA GLU A 9 8.47 13.37 4.96
C GLU A 9 8.41 12.38 3.80
N PRO A 10 9.29 11.37 3.83
CA PRO A 10 9.45 10.42 2.72
C PRO A 10 8.15 9.71 2.32
N GLU A 11 7.82 9.83 1.04
CA GLU A 11 6.68 9.17 0.45
C GLU A 11 6.81 7.65 0.58
N GLN A 12 8.04 7.17 0.49
CA GLN A 12 8.31 5.74 0.59
C GLN A 12 8.05 5.26 2.02
N LEU A 13 8.28 6.15 2.97
CA LEU A 13 8.08 5.84 4.39
C LEU A 13 6.61 5.75 4.72
N ARG A 14 5.84 6.64 4.11
CA ARG A 14 4.40 6.68 4.32
C ARG A 14 3.69 5.63 3.48
N LYS A 15 4.44 5.00 2.59
CA LYS A 15 3.89 3.98 1.73
C LYS A 15 4.02 2.59 2.35
N LEU A 16 2.96 1.82 2.21
CA LEU A 16 2.96 0.43 2.64
C LEU A 16 3.17 -0.49 1.45
N PHE A 17 4.07 -1.44 1.61
CA PHE A 17 4.32 -2.48 0.63
C PHE A 17 3.46 -3.68 0.97
N ILE A 18 2.47 -3.96 0.13
CA ILE A 18 1.52 -5.03 0.41
C ILE A 18 1.80 -6.22 -0.49
N GLY A 19 2.42 -7.25 0.06
CA GLY A 19 2.74 -8.41 -0.72
C GLY A 19 1.93 -9.62 -0.31
N GLY A 20 1.62 -10.48 -1.28
CA GLY A 20 0.92 -11.71 -0.99
C GLY A 20 -0.59 -11.53 -0.98
N LEU A 21 -1.11 -10.98 -2.06
CA LEU A 21 -2.56 -10.78 -2.18
C LEU A 21 -3.10 -11.46 -3.43
N SER A 22 -4.41 -11.59 -3.50
CA SER A 22 -5.07 -12.32 -4.58
C SER A 22 -4.87 -11.62 -5.93
N PHE A 23 -5.07 -12.37 -7.00
CA PHE A 23 -4.95 -11.84 -8.35
C PHE A 23 -6.24 -11.10 -8.72
N GLU A 24 -7.16 -11.07 -7.77
CA GLU A 24 -8.41 -10.35 -7.95
C GLU A 24 -8.33 -9.02 -7.21
N THR A 25 -7.33 -8.91 -6.35
CA THR A 25 -7.12 -7.72 -5.57
C THR A 25 -6.58 -6.58 -6.45
N THR A 26 -7.42 -5.59 -6.68
CA THR A 26 -7.06 -4.45 -7.49
C THR A 26 -7.07 -3.18 -6.66
N ASP A 27 -6.53 -2.11 -7.20
CA ASP A 27 -6.39 -0.83 -6.49
C ASP A 27 -7.64 -0.48 -5.71
N GLU A 28 -8.78 -0.55 -6.39
CA GLU A 28 -10.06 -0.17 -5.80
C GLU A 28 -10.44 -1.09 -4.64
N SER A 29 -10.28 -2.38 -4.82
CA SER A 29 -10.75 -3.32 -3.81
C SER A 29 -9.75 -3.43 -2.67
N LEU A 30 -8.50 -3.13 -2.97
CA LEU A 30 -7.45 -3.16 -1.98
C LEU A 30 -7.54 -1.92 -1.10
N ARG A 31 -7.72 -0.77 -1.74
CA ARG A 31 -7.79 0.48 -1.01
C ARG A 31 -9.03 0.49 -0.12
N SER A 32 -10.11 -0.12 -0.58
CA SER A 32 -11.33 -0.18 0.21
C SER A 32 -11.10 -0.94 1.52
N HIS A 33 -10.07 -1.79 1.55
CA HIS A 33 -9.73 -2.49 2.78
C HIS A 33 -8.73 -1.69 3.60
N PHE A 34 -7.79 -1.04 2.94
CA PHE A 34 -6.74 -0.31 3.65
C PHE A 34 -7.21 1.08 4.08
N GLU A 35 -8.27 1.60 3.45
CA GLU A 35 -8.85 2.88 3.85
C GLU A 35 -9.65 2.75 5.15
N GLN A 36 -9.53 1.59 5.79
CA GLN A 36 -10.27 1.33 7.01
C GLN A 36 -9.47 1.75 8.24
N TRP A 37 -8.15 1.79 8.11
CA TRP A 37 -7.29 2.19 9.22
C TRP A 37 -6.60 3.50 8.89
N GLY A 38 -7.07 4.18 7.86
CA GLY A 38 -6.50 5.47 7.49
C GLY A 38 -6.85 5.88 6.08
N THR A 39 -6.30 7.02 5.67
CA THR A 39 -6.56 7.58 4.34
C THR A 39 -5.42 7.25 3.38
N LEU A 40 -5.74 6.60 2.27
CA LEU A 40 -4.74 6.31 1.26
C LEU A 40 -4.73 7.40 0.21
N THR A 41 -3.64 8.15 0.15
CA THR A 41 -3.49 9.19 -0.85
C THR A 41 -3.04 8.57 -2.15
N ASP A 42 -2.30 7.46 -2.03
CA ASP A 42 -1.76 6.77 -3.18
C ASP A 42 -1.92 5.27 -2.99
N CYS A 43 -3.06 4.76 -3.39
CA CYS A 43 -3.34 3.34 -3.29
C CYS A 43 -3.41 2.71 -4.67
N VAL A 44 -2.51 1.77 -4.92
CA VAL A 44 -2.37 1.20 -6.25
C VAL A 44 -1.68 -0.16 -6.18
N VAL A 45 -2.16 -1.09 -6.98
CA VAL A 45 -1.58 -2.43 -7.03
C VAL A 45 -0.71 -2.56 -8.27
N MET A 46 0.15 -3.57 -8.30
CA MET A 46 1.01 -3.77 -9.44
C MET A 46 0.47 -4.85 -10.34
N ARG A 47 0.61 -4.67 -11.64
CA ARG A 47 0.16 -5.66 -12.60
C ARG A 47 1.34 -6.39 -13.18
N ASP A 48 1.07 -7.53 -13.79
CA ASP A 48 2.08 -8.26 -14.55
C ASP A 48 2.44 -7.46 -15.80
N PRO A 49 3.73 -7.37 -16.13
CA PRO A 49 4.18 -6.60 -17.29
C PRO A 49 3.82 -7.25 -18.62
N ASN A 50 3.24 -8.44 -18.55
CA ASN A 50 2.85 -9.16 -19.76
C ASN A 50 1.35 -9.31 -19.81
N THR A 51 0.80 -9.94 -18.77
CA THR A 51 -0.61 -10.24 -18.71
C THR A 51 -1.42 -8.98 -18.37
N LYS A 52 -0.80 -8.10 -17.57
CA LYS A 52 -1.41 -6.84 -17.15
C LYS A 52 -2.55 -7.08 -16.17
N ARG A 53 -2.50 -8.20 -15.47
CA ARG A 53 -3.45 -8.47 -14.38
C ARG A 53 -2.73 -8.24 -13.06
N SER A 54 -3.46 -8.32 -11.96
CA SER A 54 -2.86 -8.11 -10.65
C SER A 54 -1.69 -9.07 -10.46
N ARG A 55 -0.54 -8.51 -10.14
CA ARG A 55 0.70 -9.25 -10.06
C ARG A 55 0.72 -10.15 -8.82
N GLY A 56 -0.01 -9.72 -7.79
CA GLY A 56 -0.02 -10.48 -6.54
C GLY A 56 0.46 -9.65 -5.38
N PHE A 57 0.55 -8.33 -5.59
CA PHE A 57 0.98 -7.40 -4.55
C PHE A 57 0.65 -5.97 -4.96
N GLY A 58 0.71 -5.04 -4.02
CA GLY A 58 0.38 -3.66 -4.30
C GLY A 58 0.94 -2.71 -3.27
N PHE A 59 0.58 -1.43 -3.39
CA PHE A 59 1.07 -0.41 -2.47
C PHE A 59 -0.08 0.45 -1.97
N VAL A 60 0.09 0.96 -0.76
CA VAL A 60 -0.87 1.87 -0.15
C VAL A 60 -0.17 2.95 0.65
N THR A 61 -0.23 4.17 0.15
CA THR A 61 0.42 5.29 0.80
C THR A 61 -0.61 6.06 1.61
N TYR A 62 -0.50 5.96 2.93
CA TYR A 62 -1.41 6.65 3.81
C TYR A 62 -1.08 8.14 3.87
N ALA A 63 -1.96 8.89 4.51
CA ALA A 63 -1.79 10.34 4.63
C ALA A 63 -0.67 10.64 5.62
N THR A 64 -0.50 9.73 6.57
CA THR A 64 0.56 9.84 7.55
C THR A 64 0.98 8.46 8.02
N VAL A 65 2.21 8.35 8.51
CA VAL A 65 2.74 7.09 9.00
C VAL A 65 1.92 6.57 10.18
N GLU A 66 1.20 7.49 10.83
CA GLU A 66 0.32 7.16 11.94
C GLU A 66 -0.73 6.14 11.50
N GLU A 67 -1.19 6.28 10.27
CA GLU A 67 -2.20 5.38 9.72
C GLU A 67 -1.55 4.08 9.28
N VAL A 68 -0.33 4.19 8.77
CA VAL A 68 0.46 3.02 8.38
C VAL A 68 0.62 2.07 9.57
N ASP A 69 0.99 2.63 10.71
CA ASP A 69 1.15 1.85 11.93
C ASP A 69 -0.15 1.18 12.31
N ALA A 70 -1.27 1.88 12.15
CA ALA A 70 -2.57 1.32 12.49
C ALA A 70 -2.88 0.11 11.63
N ALA A 71 -2.51 0.19 10.35
CA ALA A 71 -2.70 -0.92 9.43
C ALA A 71 -1.78 -2.07 9.80
N MET A 72 -0.61 -1.73 10.32
CA MET A 72 0.35 -2.74 10.75
C MET A 72 -0.15 -3.44 12.02
N ASN A 73 -0.88 -2.71 12.86
CA ASN A 73 -1.48 -3.29 14.06
C ASN A 73 -2.69 -4.13 13.69
N ALA A 74 -3.18 -3.94 12.47
CA ALA A 74 -4.37 -4.64 11.98
C ALA A 74 -4.00 -6.00 11.41
N ARG A 75 -2.76 -6.42 11.61
CA ARG A 75 -2.30 -7.72 11.16
C ARG A 75 -2.86 -8.83 12.04
N PRO A 76 -3.10 -10.03 11.49
CA PRO A 76 -2.88 -10.31 10.06
C PRO A 76 -3.92 -9.62 9.19
N HIS A 77 -3.45 -8.83 8.24
CA HIS A 77 -4.34 -8.07 7.38
C HIS A 77 -5.12 -9.00 6.46
N LYS A 78 -6.28 -8.53 6.02
CA LYS A 78 -7.18 -9.37 5.23
C LYS A 78 -7.85 -8.54 4.14
N VAL A 79 -7.35 -8.70 2.92
CA VAL A 79 -7.94 -8.03 1.77
C VAL A 79 -8.27 -9.05 0.68
N ASP A 80 -9.52 -9.03 0.23
CA ASP A 80 -10.03 -9.99 -0.77
C ASP A 80 -10.02 -11.41 -0.19
N GLY A 81 -10.01 -11.50 1.14
CA GLY A 81 -9.95 -12.79 1.79
C GLY A 81 -8.54 -13.35 1.81
N ARG A 82 -7.57 -12.51 1.47
CA ARG A 82 -6.19 -12.92 1.41
C ARG A 82 -5.40 -12.25 2.53
N VAL A 83 -4.68 -13.05 3.31
CA VAL A 83 -3.84 -12.52 4.37
C VAL A 83 -2.55 -11.98 3.80
N VAL A 84 -2.42 -10.66 3.79
CA VAL A 84 -1.27 -10.02 3.20
C VAL A 84 -0.27 -9.59 4.26
N GLU A 85 0.89 -9.14 3.81
CA GLU A 85 1.92 -8.64 4.70
C GLU A 85 2.26 -7.20 4.35
N PRO A 86 1.82 -6.25 5.17
CA PRO A 86 2.07 -4.83 4.97
C PRO A 86 3.39 -4.38 5.61
N LYS A 87 4.37 -4.09 4.78
CA LYS A 87 5.67 -3.66 5.25
C LYS A 87 5.96 -2.22 4.80
N ARG A 88 6.88 -1.56 5.48
CA ARG A 88 7.31 -0.23 5.09
C ARG A 88 7.96 -0.26 3.72
N ALA A 89 7.62 0.70 2.88
CA ALA A 89 8.14 0.74 1.53
C ALA A 89 9.55 1.32 1.48
N VAL A 90 10.27 0.98 0.41
CA VAL A 90 11.64 1.42 0.21
C VAL A 90 11.71 2.23 -1.09
N SER A 91 12.74 3.04 -1.25
CA SER A 91 12.93 3.77 -2.49
C SER A 91 13.15 2.81 -3.65
N ARG A 92 12.52 3.08 -4.78
CA ARG A 92 12.61 2.23 -5.95
C ARG A 92 13.98 2.36 -6.61
N GLU A 93 14.63 3.48 -6.32
CA GLU A 93 15.99 3.72 -6.80
C GLU A 93 16.97 2.81 -6.06
N ASP A 94 16.71 2.62 -4.78
CA ASP A 94 17.62 1.87 -3.92
C ASP A 94 17.32 0.38 -3.96
N SER A 95 16.11 0.01 -4.38
CA SER A 95 15.78 -1.39 -4.55
C SER A 95 16.48 -1.94 -5.79
N GLN A 96 17.05 -3.13 -5.66
CA GLN A 96 17.84 -3.76 -6.73
C GLN A 96 19.14 -2.99 -6.96
N ARG A 97 19.55 -2.22 -5.96
CA ARG A 97 20.79 -1.48 -6.02
C ARG A 97 21.85 -2.19 -5.20
N ALA A 1 -1.85 33.73 11.63
CA ALA A 1 -1.52 33.66 10.19
C ALA A 1 -0.67 32.44 9.89
N SER A 2 0.17 32.05 10.84
CA SER A 2 1.01 30.87 10.69
C SER A 2 0.18 29.59 10.79
N LYS A 3 0.52 28.62 9.96
CA LYS A 3 -0.17 27.34 9.92
C LYS A 3 0.76 26.25 9.39
N SER A 4 0.19 25.16 8.88
CA SER A 4 0.97 24.09 8.29
C SER A 4 1.78 24.62 7.10
N GLU A 5 3.10 24.67 7.27
CA GLU A 5 3.98 25.24 6.26
C GLU A 5 4.54 24.15 5.35
N SER A 6 5.31 23.25 5.94
CA SER A 6 5.96 22.21 5.17
C SER A 6 6.00 20.91 5.98
N PRO A 7 5.02 20.03 5.78
CA PRO A 7 4.98 18.71 6.43
C PRO A 7 6.12 17.83 5.95
N LYS A 8 6.60 16.96 6.82
CA LYS A 8 7.68 16.06 6.47
C LYS A 8 7.11 14.74 5.99
N GLU A 9 6.83 14.66 4.70
CA GLU A 9 6.18 13.50 4.13
C GLU A 9 7.07 12.80 3.10
N PRO A 10 7.92 11.89 3.54
CA PRO A 10 8.62 10.96 2.65
C PRO A 10 7.69 9.83 2.25
N GLU A 11 7.38 9.73 0.97
CA GLU A 11 6.45 8.73 0.48
C GLU A 11 7.00 7.33 0.75
N GLN A 12 8.32 7.24 0.86
CA GLN A 12 8.98 5.97 1.15
C GLN A 12 8.50 5.40 2.47
N LEU A 13 8.53 6.20 3.53
CA LEU A 13 8.24 5.70 4.86
C LEU A 13 6.75 5.80 5.19
N ARG A 14 6.01 6.55 4.39
CA ARG A 14 4.58 6.65 4.58
C ARG A 14 3.82 5.67 3.70
N LYS A 15 4.54 4.99 2.81
CA LYS A 15 3.92 4.02 1.93
C LYS A 15 3.98 2.63 2.54
N LEU A 16 2.88 1.92 2.46
CA LEU A 16 2.82 0.54 2.91
C LEU A 16 3.04 -0.41 1.75
N PHE A 17 3.97 -1.32 1.94
CA PHE A 17 4.25 -2.37 0.97
C PHE A 17 3.38 -3.57 1.28
N ILE A 18 2.46 -3.87 0.38
CA ILE A 18 1.49 -4.93 0.60
C ILE A 18 1.84 -6.14 -0.24
N GLY A 19 2.55 -7.09 0.33
CA GLY A 19 2.94 -8.27 -0.41
C GLY A 19 2.18 -9.50 0.03
N GLY A 20 1.82 -10.34 -0.94
CA GLY A 20 1.13 -11.57 -0.62
C GLY A 20 -0.37 -11.44 -0.75
N LEU A 21 -0.83 -10.85 -1.84
CA LEU A 21 -2.25 -10.74 -2.11
C LEU A 21 -2.62 -11.49 -3.38
N SER A 22 -3.92 -11.64 -3.61
CA SER A 22 -4.39 -12.47 -4.71
C SER A 22 -4.31 -11.73 -6.04
N PHE A 23 -4.48 -12.45 -7.14
CA PHE A 23 -4.44 -11.84 -8.47
C PHE A 23 -5.76 -11.16 -8.79
N GLU A 24 -6.72 -11.32 -7.89
CA GLU A 24 -8.02 -10.69 -8.03
C GLU A 24 -8.03 -9.38 -7.26
N THR A 25 -6.96 -9.15 -6.51
CA THR A 25 -6.78 -7.92 -5.78
C THR A 25 -6.33 -6.80 -6.70
N THR A 26 -7.25 -5.92 -7.06
CA THR A 26 -6.92 -4.77 -7.88
C THR A 26 -6.95 -3.52 -7.02
N ASP A 27 -6.50 -2.41 -7.61
CA ASP A 27 -6.32 -1.15 -6.91
C ASP A 27 -7.56 -0.77 -6.11
N GLU A 28 -8.73 -0.83 -6.76
CA GLU A 28 -9.99 -0.47 -6.12
C GLU A 28 -10.28 -1.41 -4.94
N SER A 29 -9.96 -2.69 -5.11
CA SER A 29 -10.24 -3.68 -4.09
C SER A 29 -9.31 -3.47 -2.90
N LEU A 30 -8.06 -3.12 -3.20
CA LEU A 30 -7.03 -3.02 -2.18
C LEU A 30 -7.22 -1.75 -1.36
N ARG A 31 -7.37 -0.62 -2.04
CA ARG A 31 -7.49 0.66 -1.35
C ARG A 31 -8.71 0.66 -0.43
N SER A 32 -9.83 0.11 -0.91
CA SER A 32 -11.08 0.14 -0.17
C SER A 32 -10.97 -0.68 1.12
N HIS A 33 -10.04 -1.61 1.16
CA HIS A 33 -9.77 -2.36 2.37
C HIS A 33 -8.86 -1.56 3.30
N PHE A 34 -7.80 -0.99 2.75
CA PHE A 34 -6.82 -0.32 3.59
C PHE A 34 -7.28 1.09 4.00
N GLU A 35 -8.32 1.60 3.35
CA GLU A 35 -8.87 2.91 3.70
C GLU A 35 -9.75 2.81 4.94
N GLN A 36 -9.67 1.69 5.63
CA GLN A 36 -10.40 1.49 6.88
C GLN A 36 -9.56 1.98 8.06
N TRP A 37 -8.26 1.82 7.94
CA TRP A 37 -7.34 2.19 9.01
C TRP A 37 -6.66 3.52 8.70
N GLY A 38 -7.13 4.18 7.65
CA GLY A 38 -6.56 5.47 7.29
C GLY A 38 -6.91 5.90 5.88
N THR A 39 -6.27 6.96 5.42
CA THR A 39 -6.51 7.51 4.10
C THR A 39 -5.33 7.21 3.17
N LEU A 40 -5.60 6.58 2.04
CA LEU A 40 -4.55 6.28 1.07
C LEU A 40 -4.49 7.39 0.03
N THR A 41 -3.44 8.20 0.09
CA THR A 41 -3.26 9.29 -0.85
C THR A 41 -2.62 8.76 -2.12
N ASP A 42 -2.01 7.58 -2.01
CA ASP A 42 -1.31 6.96 -3.11
C ASP A 42 -1.45 5.45 -3.03
N CYS A 43 -2.38 4.91 -3.76
CA CYS A 43 -2.62 3.47 -3.74
C CYS A 43 -2.46 2.89 -5.14
N VAL A 44 -1.92 1.68 -5.22
CA VAL A 44 -1.69 1.03 -6.50
C VAL A 44 -1.40 -0.46 -6.30
N VAL A 45 -1.80 -1.27 -7.26
CA VAL A 45 -1.46 -2.68 -7.24
C VAL A 45 -0.52 -3.00 -8.39
N MET A 46 0.47 -3.83 -8.14
CA MET A 46 1.39 -4.24 -9.18
C MET A 46 0.78 -5.38 -9.97
N ARG A 47 0.77 -5.22 -11.26
CA ARG A 47 0.04 -6.12 -12.13
C ARG A 47 0.95 -6.76 -13.15
N ASP A 48 0.48 -7.86 -13.73
CA ASP A 48 1.25 -8.60 -14.72
C ASP A 48 1.55 -7.73 -15.93
N PRO A 49 2.77 -7.83 -16.47
CA PRO A 49 3.17 -7.05 -17.65
C PRO A 49 2.42 -7.46 -18.91
N ASN A 50 1.67 -8.55 -18.82
CA ASN A 50 0.92 -9.07 -19.96
C ASN A 50 -0.57 -8.96 -19.70
N THR A 51 -1.03 -9.63 -18.64
CA THR A 51 -2.45 -9.69 -18.33
C THR A 51 -2.94 -8.37 -17.75
N LYS A 52 -2.03 -7.68 -17.06
CA LYS A 52 -2.34 -6.43 -16.37
C LYS A 52 -3.36 -6.66 -15.26
N ARG A 53 -3.44 -7.88 -14.75
CA ARG A 53 -4.40 -8.21 -13.72
C ARG A 53 -3.81 -7.96 -12.33
N SER A 54 -2.79 -8.73 -11.97
CA SER A 54 -2.09 -8.54 -10.72
C SER A 54 -0.83 -9.39 -10.69
N ARG A 55 0.11 -9.01 -9.83
CA ARG A 55 1.32 -9.79 -9.63
C ARG A 55 1.25 -10.54 -8.31
N GLY A 56 0.46 -10.02 -7.38
CA GLY A 56 0.37 -10.63 -6.07
C GLY A 56 0.85 -9.71 -4.96
N PHE A 57 1.01 -8.43 -5.29
CA PHE A 57 1.38 -7.43 -4.28
C PHE A 57 1.07 -6.03 -4.77
N GLY A 58 1.06 -5.06 -3.84
CA GLY A 58 0.74 -3.69 -4.18
C GLY A 58 1.27 -2.71 -3.16
N PHE A 59 0.86 -1.44 -3.28
CA PHE A 59 1.31 -0.39 -2.37
C PHE A 59 0.17 0.52 -1.96
N VAL A 60 0.29 1.10 -0.77
CA VAL A 60 -0.72 2.00 -0.23
C VAL A 60 -0.08 3.04 0.68
N THR A 61 -0.07 4.28 0.23
CA THR A 61 0.52 5.36 0.98
C THR A 61 -0.56 6.08 1.77
N TYR A 62 -0.41 6.09 3.09
CA TYR A 62 -1.39 6.71 3.96
C TYR A 62 -1.13 8.20 4.09
N ALA A 63 -2.08 8.92 4.67
CA ALA A 63 -1.97 10.37 4.84
C ALA A 63 -0.92 10.70 5.88
N THR A 64 -0.69 9.77 6.79
CA THR A 64 0.31 9.94 7.83
C THR A 64 0.77 8.59 8.35
N VAL A 65 1.97 8.57 8.94
CA VAL A 65 2.62 7.33 9.38
C VAL A 65 1.79 6.52 10.37
N GLU A 66 1.03 7.20 11.22
CA GLU A 66 0.26 6.50 12.25
C GLU A 66 -0.92 5.73 11.65
N GLU A 67 -1.34 6.11 10.45
CA GLU A 67 -2.37 5.36 9.76
C GLU A 67 -1.78 4.07 9.22
N VAL A 68 -0.51 4.15 8.85
CA VAL A 68 0.26 2.97 8.46
C VAL A 68 0.37 2.01 9.64
N ASP A 69 0.66 2.59 10.81
CA ASP A 69 0.74 1.83 12.05
C ASP A 69 -0.57 1.08 12.30
N ALA A 70 -1.69 1.78 12.13
CA ALA A 70 -3.00 1.18 12.35
C ALA A 70 -3.21 -0.04 11.45
N ALA A 71 -2.75 0.06 10.20
CA ALA A 71 -2.88 -1.03 9.26
C ALA A 71 -1.92 -2.17 9.60
N MET A 72 -0.75 -1.81 10.12
CA MET A 72 0.23 -2.80 10.54
C MET A 72 -0.27 -3.57 11.76
N ASN A 73 -0.96 -2.86 12.64
CA ASN A 73 -1.54 -3.46 13.83
C ASN A 73 -2.72 -4.33 13.44
N ALA A 74 -3.22 -4.11 12.23
CA ALA A 74 -4.33 -4.88 11.69
C ALA A 74 -3.82 -6.13 10.99
N ARG A 75 -2.51 -6.34 11.06
CA ARG A 75 -1.89 -7.55 10.54
C ARG A 75 -1.99 -8.68 11.57
N PRO A 76 -2.32 -9.90 11.14
CA PRO A 76 -2.47 -10.24 9.72
C PRO A 76 -3.66 -9.56 9.05
N HIS A 77 -3.38 -8.90 7.93
CA HIS A 77 -4.37 -8.11 7.24
C HIS A 77 -5.20 -9.00 6.31
N LYS A 78 -6.31 -8.47 5.80
CA LYS A 78 -7.21 -9.25 4.96
C LYS A 78 -7.81 -8.39 3.85
N VAL A 79 -7.38 -8.65 2.63
CA VAL A 79 -7.93 -7.97 1.46
C VAL A 79 -8.12 -8.97 0.32
N ASP A 80 -9.33 -8.98 -0.25
CA ASP A 80 -9.71 -9.91 -1.32
C ASP A 80 -9.72 -11.36 -0.78
N GLY A 81 -9.98 -11.50 0.51
CA GLY A 81 -9.96 -12.80 1.13
C GLY A 81 -8.56 -13.36 1.24
N ARG A 82 -7.58 -12.47 1.10
CA ARG A 82 -6.18 -12.86 1.14
C ARG A 82 -5.48 -12.16 2.31
N VAL A 83 -4.76 -12.94 3.11
CA VAL A 83 -3.99 -12.39 4.20
C VAL A 83 -2.68 -11.81 3.67
N VAL A 84 -2.50 -10.50 3.86
CA VAL A 84 -1.34 -9.82 3.31
C VAL A 84 -0.43 -9.30 4.42
N GLU A 85 0.80 -8.98 4.05
CA GLU A 85 1.78 -8.47 5.00
C GLU A 85 2.17 -7.04 4.63
N PRO A 86 1.67 -6.06 5.40
CA PRO A 86 1.95 -4.65 5.18
C PRO A 86 3.21 -4.18 5.92
N LYS A 87 4.23 -3.82 5.16
CA LYS A 87 5.50 -3.36 5.74
C LYS A 87 5.89 -2.00 5.19
N ARG A 88 6.77 -1.29 5.90
CA ARG A 88 7.25 0.02 5.46
C ARG A 88 7.94 -0.10 4.10
N ALA A 89 7.59 0.79 3.18
CA ALA A 89 8.10 0.72 1.82
C ALA A 89 9.51 1.30 1.72
N VAL A 90 10.18 0.97 0.62
CA VAL A 90 11.50 1.51 0.33
C VAL A 90 11.44 2.34 -0.95
N SER A 91 12.34 3.29 -1.11
CA SER A 91 12.39 4.07 -2.34
C SER A 91 12.60 3.13 -3.54
N ARG A 92 11.82 3.34 -4.59
CA ARG A 92 11.85 2.45 -5.76
C ARG A 92 13.15 2.62 -6.54
N GLU A 93 13.79 3.75 -6.34
CA GLU A 93 15.09 4.00 -6.95
C GLU A 93 16.18 3.19 -6.25
N ASP A 94 15.86 2.76 -5.04
CA ASP A 94 16.80 1.99 -4.21
C ASP A 94 16.72 0.52 -4.54
N SER A 95 15.52 0.08 -4.82
CA SER A 95 15.21 -1.34 -4.89
C SER A 95 15.76 -2.01 -6.15
N GLN A 96 15.08 -1.77 -7.27
CA GLN A 96 15.41 -2.42 -8.54
C GLN A 96 15.35 -3.95 -8.38
N ARG A 97 14.15 -4.45 -8.13
CA ARG A 97 13.93 -5.88 -8.02
C ARG A 97 12.81 -6.31 -8.98
N ALA A 1 5.32 29.52 -6.67
CA ALA A 1 5.35 28.04 -6.63
C ALA A 1 5.69 27.54 -5.22
N SER A 2 6.77 28.05 -4.66
CA SER A 2 7.19 27.66 -3.31
C SER A 2 6.25 28.27 -2.27
N LYS A 3 5.24 27.50 -1.89
CA LYS A 3 4.26 27.96 -0.92
C LYS A 3 4.54 27.37 0.46
N SER A 4 5.60 26.57 0.54
CA SER A 4 6.09 26.01 1.81
C SER A 4 5.11 24.99 2.40
N GLU A 5 4.06 24.67 1.66
CA GLU A 5 3.04 23.75 2.15
C GLU A 5 3.19 22.38 1.48
N SER A 6 4.40 22.10 1.03
CA SER A 6 4.71 20.81 0.42
C SER A 6 4.69 19.70 1.48
N PRO A 7 4.27 18.49 1.11
CA PRO A 7 4.20 17.35 2.03
C PRO A 7 5.55 17.02 2.66
N LYS A 8 5.67 17.25 3.96
CA LYS A 8 6.91 16.99 4.67
C LYS A 8 7.03 15.52 5.05
N GLU A 9 5.93 14.80 4.94
CA GLU A 9 5.92 13.37 5.18
C GLU A 9 6.31 12.62 3.90
N PRO A 10 7.48 11.96 3.89
CA PRO A 10 7.97 11.24 2.72
C PRO A 10 7.00 10.17 2.25
N GLU A 11 6.81 10.09 0.94
CA GLU A 11 5.94 9.08 0.36
C GLU A 11 6.45 7.68 0.66
N GLN A 12 7.77 7.54 0.69
CA GLN A 12 8.41 6.25 0.96
C GLN A 12 7.87 5.59 2.22
N LEU A 13 7.98 6.26 3.37
CA LEU A 13 7.67 5.62 4.64
C LEU A 13 6.18 5.68 4.94
N ARG A 14 5.42 6.42 4.13
CA ARG A 14 3.98 6.43 4.26
C ARG A 14 3.37 5.37 3.36
N LYS A 15 4.15 4.90 2.40
CA LYS A 15 3.69 3.89 1.47
C LYS A 15 3.88 2.51 2.07
N LEU A 16 2.81 1.74 2.05
CA LEU A 16 2.83 0.41 2.59
C LEU A 16 2.99 -0.59 1.46
N PHE A 17 3.98 -1.46 1.60
CA PHE A 17 4.21 -2.52 0.63
C PHE A 17 3.32 -3.71 0.98
N ILE A 18 2.37 -3.99 0.11
CA ILE A 18 1.42 -5.05 0.33
C ILE A 18 1.77 -6.24 -0.54
N GLY A 19 2.55 -7.15 0.00
CA GLY A 19 2.92 -8.33 -0.75
C GLY A 19 2.09 -9.51 -0.32
N GLY A 20 1.74 -10.34 -1.28
CA GLY A 20 0.96 -11.51 -0.96
C GLY A 20 -0.53 -11.24 -1.04
N LEU A 21 -0.94 -10.48 -2.04
CA LEU A 21 -2.35 -10.27 -2.30
C LEU A 21 -2.75 -11.07 -3.52
N SER A 22 -4.05 -11.22 -3.74
CA SER A 22 -4.55 -12.13 -4.76
C SER A 22 -4.38 -11.55 -6.17
N PHE A 23 -4.71 -12.35 -7.17
CA PHE A 23 -4.66 -11.90 -8.55
C PHE A 23 -5.97 -11.20 -8.92
N GLU A 24 -6.85 -11.10 -7.94
CA GLU A 24 -8.10 -10.39 -8.10
C GLU A 24 -8.07 -9.09 -7.33
N THR A 25 -7.05 -8.94 -6.50
CA THR A 25 -6.82 -7.69 -5.78
C THR A 25 -6.51 -6.57 -6.77
N THR A 26 -7.26 -5.47 -6.69
CA THR A 26 -7.10 -4.38 -7.61
C THR A 26 -7.02 -3.06 -6.86
N ASP A 27 -6.59 -2.02 -7.55
CA ASP A 27 -6.31 -0.73 -6.94
C ASP A 27 -7.48 -0.23 -6.11
N GLU A 28 -8.69 -0.43 -6.64
CA GLU A 28 -9.90 0.02 -5.98
C GLU A 28 -10.18 -0.77 -4.71
N SER A 29 -9.98 -2.08 -4.77
CA SER A 29 -10.29 -2.91 -3.62
C SER A 29 -9.16 -2.78 -2.59
N LEU A 30 -7.96 -2.56 -3.09
CA LEU A 30 -6.80 -2.40 -2.23
C LEU A 30 -6.99 -1.19 -1.34
N ARG A 31 -7.43 -0.10 -1.94
CA ARG A 31 -7.64 1.12 -1.18
C ARG A 31 -8.79 0.93 -0.20
N SER A 32 -9.87 0.31 -0.64
CA SER A 32 -11.02 0.09 0.24
C SER A 32 -10.67 -0.80 1.43
N HIS A 33 -9.76 -1.73 1.23
CA HIS A 33 -9.33 -2.62 2.30
C HIS A 33 -8.29 -1.97 3.20
N PHE A 34 -7.67 -0.89 2.74
CA PHE A 34 -6.63 -0.24 3.54
C PHE A 34 -7.04 1.13 4.05
N GLU A 35 -8.06 1.75 3.44
CA GLU A 35 -8.56 3.03 3.91
C GLU A 35 -9.44 2.83 5.14
N GLN A 36 -9.36 1.63 5.72
CA GLN A 36 -10.10 1.30 6.92
C GLN A 36 -9.40 1.85 8.15
N TRP A 37 -8.07 1.82 8.13
CA TRP A 37 -7.29 2.27 9.28
C TRP A 37 -6.62 3.58 8.97
N GLY A 38 -7.00 4.20 7.86
CA GLY A 38 -6.41 5.47 7.49
C GLY A 38 -6.85 5.97 6.13
N THR A 39 -6.14 6.96 5.62
CA THR A 39 -6.43 7.55 4.33
C THR A 39 -5.29 7.31 3.35
N LEU A 40 -5.59 6.71 2.21
CA LEU A 40 -4.57 6.45 1.20
C LEU A 40 -4.52 7.58 0.20
N THR A 41 -3.44 8.35 0.26
CA THR A 41 -3.23 9.46 -0.65
C THR A 41 -2.69 8.95 -1.99
N ASP A 42 -2.16 7.73 -1.96
CA ASP A 42 -1.62 7.10 -3.14
C ASP A 42 -1.81 5.60 -3.07
N CYS A 43 -2.75 5.09 -3.85
CA CYS A 43 -2.98 3.67 -3.91
C CYS A 43 -2.64 3.14 -5.31
N VAL A 44 -1.87 2.07 -5.36
CA VAL A 44 -1.46 1.50 -6.64
C VAL A 44 -1.10 0.02 -6.49
N VAL A 45 -1.74 -0.81 -7.30
CA VAL A 45 -1.44 -2.23 -7.33
C VAL A 45 -0.55 -2.52 -8.53
N MET A 46 0.36 -3.47 -8.38
CA MET A 46 1.21 -3.87 -9.47
C MET A 46 0.53 -4.94 -10.29
N ARG A 47 0.49 -4.77 -11.59
CA ARG A 47 -0.15 -5.73 -12.46
C ARG A 47 0.88 -6.45 -13.29
N ASP A 48 0.63 -7.72 -13.55
CA ASP A 48 1.54 -8.57 -14.30
C ASP A 48 1.86 -7.94 -15.65
N PRO A 49 3.13 -8.00 -16.08
CA PRO A 49 3.55 -7.46 -17.37
C PRO A 49 2.90 -8.19 -18.54
N ASN A 50 2.35 -9.36 -18.27
CA ASN A 50 1.72 -10.18 -19.29
C ASN A 50 0.21 -10.16 -19.12
N THR A 51 -0.26 -10.67 -17.97
CA THR A 51 -1.69 -10.82 -17.73
C THR A 51 -2.35 -9.47 -17.49
N LYS A 52 -1.61 -8.55 -16.88
CA LYS A 52 -2.10 -7.20 -16.58
C LYS A 52 -3.25 -7.25 -15.57
N ARG A 53 -3.24 -8.23 -14.69
CA ARG A 53 -4.25 -8.30 -13.63
C ARG A 53 -3.63 -7.99 -12.27
N SER A 54 -2.75 -8.85 -11.81
CA SER A 54 -2.08 -8.63 -10.55
C SER A 54 -0.71 -9.31 -10.55
N ARG A 55 0.22 -8.71 -9.82
CA ARG A 55 1.53 -9.31 -9.63
C ARG A 55 1.64 -9.94 -8.26
N GLY A 56 0.55 -9.88 -7.50
CA GLY A 56 0.55 -10.47 -6.18
C GLY A 56 1.04 -9.51 -5.11
N PHE A 57 1.15 -8.23 -5.47
CA PHE A 57 1.56 -7.20 -4.52
C PHE A 57 1.16 -5.81 -5.00
N GLY A 58 1.06 -4.89 -4.06
CA GLY A 58 0.69 -3.53 -4.37
C GLY A 58 1.19 -2.55 -3.33
N PHE A 59 0.85 -1.28 -3.48
CA PHE A 59 1.31 -0.26 -2.55
C PHE A 59 0.17 0.69 -2.17
N VAL A 60 0.26 1.23 -0.97
CA VAL A 60 -0.76 2.11 -0.42
C VAL A 60 -0.15 3.13 0.51
N THR A 61 -0.17 4.39 0.09
CA THR A 61 0.44 5.46 0.83
C THR A 61 -0.59 6.14 1.71
N TYR A 62 -0.41 6.03 3.02
CA TYR A 62 -1.32 6.65 3.97
C TYR A 62 -1.01 8.14 4.13
N ALA A 63 -1.93 8.87 4.74
CA ALA A 63 -1.80 10.30 4.91
C ALA A 63 -0.71 10.61 5.92
N THR A 64 -0.61 9.74 6.92
CA THR A 64 0.41 9.86 7.93
C THR A 64 0.91 8.47 8.34
N VAL A 65 2.14 8.43 8.82
CA VAL A 65 2.74 7.19 9.31
C VAL A 65 1.88 6.54 10.40
N GLU A 66 1.10 7.36 11.10
CA GLU A 66 0.22 6.88 12.15
C GLU A 66 -0.73 5.80 11.63
N GLU A 67 -1.27 6.06 10.45
CA GLU A 67 -2.24 5.16 9.85
C GLU A 67 -1.57 3.87 9.38
N VAL A 68 -0.33 4.01 8.94
CA VAL A 68 0.49 2.87 8.56
C VAL A 68 0.66 1.93 9.76
N ASP A 69 1.00 2.50 10.90
CA ASP A 69 1.13 1.73 12.13
C ASP A 69 -0.18 1.04 12.45
N ALA A 70 -1.28 1.77 12.34
CA ALA A 70 -2.60 1.22 12.62
C ALA A 70 -2.90 0.01 11.73
N ALA A 71 -2.51 0.10 10.47
CA ALA A 71 -2.71 -1.00 9.53
C ALA A 71 -1.83 -2.20 9.88
N MET A 72 -0.61 -1.92 10.32
CA MET A 72 0.33 -2.99 10.69
C MET A 72 -0.13 -3.69 11.96
N ASN A 73 -0.79 -2.94 12.84
CA ASN A 73 -1.24 -3.47 14.13
C ASN A 73 -2.54 -4.25 13.98
N ALA A 74 -3.17 -4.12 12.82
CA ALA A 74 -4.47 -4.76 12.59
C ALA A 74 -4.31 -6.13 11.95
N ARG A 75 -3.08 -6.63 11.91
CA ARG A 75 -2.80 -7.93 11.32
C ARG A 75 -3.26 -9.06 12.25
N PRO A 76 -3.51 -10.27 11.71
CA PRO A 76 -3.34 -10.58 10.28
C PRO A 76 -4.30 -9.80 9.38
N HIS A 77 -3.74 -9.18 8.36
CA HIS A 77 -4.52 -8.38 7.43
C HIS A 77 -5.22 -9.28 6.40
N LYS A 78 -6.39 -8.87 5.95
CA LYS A 78 -7.17 -9.65 5.01
C LYS A 78 -7.66 -8.76 3.86
N VAL A 79 -7.13 -9.01 2.66
CA VAL A 79 -7.52 -8.27 1.47
C VAL A 79 -7.99 -9.23 0.37
N ASP A 80 -9.25 -9.07 -0.04
CA ASP A 80 -9.86 -9.90 -1.09
C ASP A 80 -9.93 -11.36 -0.65
N GLY A 81 -9.96 -11.59 0.65
CA GLY A 81 -9.97 -12.94 1.17
C GLY A 81 -8.58 -13.54 1.23
N ARG A 82 -7.58 -12.71 0.95
CA ARG A 82 -6.19 -13.13 0.96
C ARG A 82 -5.43 -12.43 2.09
N VAL A 83 -4.78 -13.23 2.94
CA VAL A 83 -3.95 -12.68 4.00
C VAL A 83 -2.68 -12.07 3.40
N VAL A 84 -2.55 -10.76 3.52
CA VAL A 84 -1.41 -10.06 2.97
C VAL A 84 -0.41 -9.68 4.06
N GLU A 85 0.74 -9.17 3.65
CA GLU A 85 1.73 -8.69 4.59
C GLU A 85 2.11 -7.26 4.25
N PRO A 86 1.64 -6.31 5.06
CA PRO A 86 1.92 -4.89 4.86
C PRO A 86 3.20 -4.45 5.56
N LYS A 87 4.21 -4.12 4.77
CA LYS A 87 5.49 -3.68 5.31
C LYS A 87 5.83 -2.28 4.79
N ARG A 88 6.71 -1.58 5.49
CA ARG A 88 7.15 -0.26 5.06
C ARG A 88 7.83 -0.34 3.68
N ALA A 89 7.43 0.53 2.78
CA ALA A 89 7.96 0.50 1.42
C ALA A 89 9.37 1.06 1.35
N VAL A 90 10.19 0.44 0.52
CA VAL A 90 11.56 0.89 0.29
C VAL A 90 11.62 1.64 -1.03
N SER A 91 11.96 2.93 -0.97
CA SER A 91 11.98 3.79 -2.16
C SER A 91 12.71 3.11 -3.33
N ARG A 92 12.18 3.30 -4.53
CA ARG A 92 12.76 2.70 -5.73
C ARG A 92 14.20 3.17 -5.91
N GLU A 93 14.51 4.33 -5.33
CA GLU A 93 15.84 4.90 -5.39
C GLU A 93 16.80 4.08 -4.53
N ASP A 94 16.26 3.54 -3.45
CA ASP A 94 17.03 2.76 -2.50
C ASP A 94 17.20 1.33 -2.98
N SER A 95 16.17 0.80 -3.62
CA SER A 95 16.20 -0.56 -4.11
C SER A 95 17.10 -0.67 -5.33
N GLN A 96 17.92 -1.73 -5.37
CA GLN A 96 18.87 -1.89 -6.45
C GLN A 96 18.17 -2.33 -7.73
N ARG A 97 17.31 -3.33 -7.63
CA ARG A 97 16.52 -3.80 -8.76
C ARG A 97 15.16 -4.28 -8.30
N ALA A 1 -7.85 11.78 6.08
CA ALA A 1 -9.05 12.51 5.61
C ALA A 1 -8.85 12.98 4.17
N SER A 2 -7.69 13.55 3.90
CA SER A 2 -7.35 13.99 2.57
C SER A 2 -5.98 13.44 2.20
N LYS A 3 -5.47 13.83 1.04
CA LYS A 3 -4.15 13.40 0.62
C LYS A 3 -3.07 14.11 1.41
N SER A 4 -2.40 13.35 2.27
CA SER A 4 -1.36 13.84 3.15
C SER A 4 -1.92 14.72 4.25
N GLU A 5 -2.11 14.13 5.43
CA GLU A 5 -2.53 14.88 6.61
C GLU A 5 -1.38 15.73 7.08
N SER A 6 -1.39 17.00 6.68
CA SER A 6 -0.25 17.91 6.87
C SER A 6 0.94 17.41 6.06
N PRO A 7 1.24 18.09 4.93
CA PRO A 7 2.33 17.70 4.02
C PRO A 7 3.61 17.33 4.74
N LYS A 8 3.90 16.03 4.75
CA LYS A 8 5.03 15.50 5.50
C LYS A 8 6.20 15.20 4.57
N GLU A 9 5.87 15.00 3.28
CA GLU A 9 6.81 14.82 2.17
C GLU A 9 7.07 13.34 1.83
N PRO A 10 8.00 12.60 2.51
CA PRO A 10 8.42 11.26 2.06
C PRO A 10 7.26 10.29 1.91
N GLU A 11 7.10 9.77 0.69
CA GLU A 11 6.06 8.78 0.44
C GLU A 11 6.54 7.41 0.88
N GLN A 12 7.86 7.26 1.01
CA GLN A 12 8.48 6.00 1.44
C GLN A 12 7.93 5.56 2.79
N LEU A 13 8.07 6.40 3.80
CA LEU A 13 7.71 6.03 5.16
C LEU A 13 6.20 6.00 5.33
N ARG A 14 5.49 6.50 4.33
CA ARG A 14 4.03 6.52 4.37
C ARG A 14 3.47 5.43 3.48
N LYS A 15 4.33 4.76 2.75
CA LYS A 15 3.91 3.71 1.85
C LYS A 15 4.01 2.35 2.51
N LEU A 16 2.94 1.59 2.43
CA LEU A 16 2.91 0.23 2.90
C LEU A 16 3.14 -0.74 1.74
N PHE A 17 4.05 -1.67 1.95
CA PHE A 17 4.32 -2.73 0.99
C PHE A 17 3.41 -3.92 1.30
N ILE A 18 2.51 -4.24 0.38
CA ILE A 18 1.54 -5.29 0.61
C ILE A 18 1.89 -6.51 -0.23
N GLY A 19 2.55 -7.46 0.39
CA GLY A 19 2.96 -8.65 -0.33
C GLY A 19 2.11 -9.86 0.03
N GLY A 20 1.85 -10.69 -0.96
CA GLY A 20 1.14 -11.93 -0.71
C GLY A 20 -0.36 -11.74 -0.71
N LEU A 21 -0.88 -11.05 -1.71
CA LEU A 21 -2.32 -10.87 -1.84
C LEU A 21 -2.83 -11.68 -3.03
N SER A 22 -4.15 -11.77 -3.16
CA SER A 22 -4.76 -12.63 -4.16
C SER A 22 -4.60 -12.05 -5.56
N PHE A 23 -4.84 -12.88 -6.56
CA PHE A 23 -4.78 -12.44 -7.94
C PHE A 23 -6.11 -11.81 -8.35
N GLU A 24 -7.01 -11.71 -7.38
CA GLU A 24 -8.29 -11.07 -7.59
C GLU A 24 -8.27 -9.69 -6.94
N THR A 25 -7.21 -9.44 -6.17
CA THR A 25 -7.02 -8.15 -5.54
C THR A 25 -6.80 -7.05 -6.59
N THR A 26 -7.86 -6.32 -6.88
CA THR A 26 -7.77 -5.18 -7.78
C THR A 26 -7.56 -3.91 -6.97
N ASP A 27 -7.01 -2.89 -7.61
CA ASP A 27 -6.65 -1.64 -6.96
C ASP A 27 -7.80 -1.08 -6.14
N GLU A 28 -9.00 -1.13 -6.70
CA GLU A 28 -10.18 -0.61 -6.05
C GLU A 28 -10.51 -1.39 -4.78
N SER A 29 -10.37 -2.71 -4.84
CA SER A 29 -10.62 -3.53 -3.66
C SER A 29 -9.51 -3.32 -2.65
N LEU A 30 -8.30 -3.20 -3.17
CA LEU A 30 -7.11 -3.06 -2.32
C LEU A 30 -7.21 -1.80 -1.48
N ARG A 31 -7.55 -0.68 -2.12
CA ARG A 31 -7.65 0.57 -1.39
C ARG A 31 -8.80 0.51 -0.38
N SER A 32 -9.91 -0.11 -0.78
CA SER A 32 -11.09 -0.18 0.08
C SER A 32 -10.78 -0.90 1.40
N HIS A 33 -9.97 -1.94 1.32
CA HIS A 33 -9.62 -2.71 2.52
C HIS A 33 -8.56 -2.00 3.35
N PHE A 34 -7.82 -1.08 2.75
CA PHE A 34 -6.74 -0.41 3.46
C PHE A 34 -7.13 1.01 3.89
N GLU A 35 -8.14 1.59 3.24
CA GLU A 35 -8.62 2.92 3.61
C GLU A 35 -9.46 2.87 4.88
N GLN A 36 -9.39 1.73 5.57
CA GLN A 36 -10.14 1.55 6.81
C GLN A 36 -9.31 1.98 8.01
N TRP A 37 -7.99 1.96 7.87
CA TRP A 37 -7.11 2.35 8.96
C TRP A 37 -6.37 3.63 8.59
N GLY A 38 -6.83 4.28 7.53
CA GLY A 38 -6.20 5.51 7.10
C GLY A 38 -6.66 5.97 5.72
N THR A 39 -5.93 6.91 5.14
CA THR A 39 -6.26 7.44 3.83
C THR A 39 -5.14 7.13 2.83
N LEU A 40 -5.46 6.41 1.76
CA LEU A 40 -4.45 6.07 0.78
C LEU A 40 -4.35 7.13 -0.30
N THR A 41 -3.29 7.91 -0.24
CA THR A 41 -3.04 8.94 -1.23
C THR A 41 -2.55 8.30 -2.51
N ASP A 42 -1.90 7.16 -2.36
CA ASP A 42 -1.38 6.40 -3.48
C ASP A 42 -1.61 4.92 -3.27
N CYS A 43 -2.65 4.39 -3.88
CA CYS A 43 -2.93 2.98 -3.80
C CYS A 43 -2.73 2.34 -5.17
N VAL A 44 -2.03 1.22 -5.20
CA VAL A 44 -1.77 0.54 -6.46
C VAL A 44 -1.33 -0.90 -6.23
N VAL A 45 -1.98 -1.82 -6.92
CA VAL A 45 -1.57 -3.21 -6.91
C VAL A 45 -0.64 -3.43 -8.08
N MET A 46 0.50 -4.07 -7.84
CA MET A 46 1.44 -4.31 -8.92
C MET A 46 0.86 -5.28 -9.91
N ARG A 47 0.81 -4.85 -11.13
CA ARG A 47 0.15 -5.59 -12.19
C ARG A 47 1.12 -5.74 -13.35
N ASP A 48 0.98 -6.85 -14.06
CA ASP A 48 1.87 -7.16 -15.18
C ASP A 48 1.88 -6.03 -16.21
N PRO A 49 3.06 -5.68 -16.74
CA PRO A 49 3.18 -4.64 -17.75
C PRO A 49 2.58 -5.04 -19.10
N ASN A 50 2.29 -6.32 -19.26
CA ASN A 50 1.72 -6.83 -20.50
C ASN A 50 0.25 -7.14 -20.32
N THR A 51 -0.04 -7.95 -19.31
CA THR A 51 -1.39 -8.43 -19.09
C THR A 51 -2.20 -7.43 -18.27
N LYS A 52 -1.50 -6.65 -17.45
CA LYS A 52 -2.12 -5.68 -16.55
C LYS A 52 -2.97 -6.38 -15.50
N ARG A 53 -2.60 -7.61 -15.19
CA ARG A 53 -3.28 -8.37 -14.14
C ARG A 53 -2.45 -8.34 -12.86
N SER A 54 -3.11 -8.55 -11.73
CA SER A 54 -2.45 -8.45 -10.43
C SER A 54 -1.38 -9.52 -10.27
N ARG A 55 -0.22 -9.09 -9.80
CA ARG A 55 0.93 -9.98 -9.64
C ARG A 55 0.89 -10.74 -8.32
N GLY A 56 0.09 -10.27 -7.39
CA GLY A 56 0.02 -10.92 -6.09
C GLY A 56 0.60 -10.06 -4.99
N PHE A 57 0.87 -8.80 -5.30
CA PHE A 57 1.35 -7.85 -4.30
C PHE A 57 1.15 -6.42 -4.79
N GLY A 58 1.20 -5.46 -3.87
CA GLY A 58 0.98 -4.07 -4.25
C GLY A 58 1.46 -3.10 -3.18
N PHE A 59 1.08 -1.84 -3.32
CA PHE A 59 1.51 -0.80 -2.39
C PHE A 59 0.34 0.10 -1.99
N VAL A 60 0.48 0.75 -0.84
CA VAL A 60 -0.53 1.66 -0.32
C VAL A 60 0.11 2.78 0.48
N THR A 61 0.06 3.98 -0.08
CA THR A 61 0.64 5.14 0.57
C THR A 61 -0.43 5.85 1.37
N TYR A 62 -0.27 5.87 2.67
CA TYR A 62 -1.23 6.54 3.53
C TYR A 62 -0.94 8.03 3.59
N ALA A 63 -1.85 8.76 4.20
CA ALA A 63 -1.72 10.20 4.27
C ALA A 63 -0.58 10.58 5.19
N THR A 64 -0.29 9.69 6.13
CA THR A 64 0.79 9.89 7.07
C THR A 64 1.19 8.56 7.72
N VAL A 65 2.24 8.59 8.52
CA VAL A 65 2.84 7.39 9.09
C VAL A 65 1.95 6.72 10.15
N GLU A 66 1.25 7.52 10.95
CA GLU A 66 0.38 6.97 12.00
C GLU A 66 -0.75 6.13 11.43
N GLU A 67 -1.05 6.32 10.14
CA GLU A 67 -2.06 5.52 9.48
C GLU A 67 -1.47 4.17 9.10
N VAL A 68 -0.25 4.20 8.57
CA VAL A 68 0.50 2.98 8.26
C VAL A 68 0.63 2.12 9.50
N ASP A 69 0.99 2.76 10.61
CA ASP A 69 1.10 2.09 11.89
C ASP A 69 -0.18 1.34 12.25
N ALA A 70 -1.31 2.00 12.04
CA ALA A 70 -2.60 1.41 12.39
C ALA A 70 -2.89 0.20 11.52
N ALA A 71 -2.49 0.28 10.25
CA ALA A 71 -2.67 -0.83 9.33
C ALA A 71 -1.79 -2.00 9.72
N MET A 72 -0.64 -1.70 10.32
CA MET A 72 0.26 -2.73 10.79
C MET A 72 -0.33 -3.39 12.04
N ASN A 73 -0.99 -2.59 12.88
CA ASN A 73 -1.68 -3.11 14.06
C ASN A 73 -2.93 -3.88 13.65
N ALA A 74 -3.28 -3.79 12.37
CA ALA A 74 -4.42 -4.51 11.84
C ALA A 74 -4.00 -5.88 11.32
N ARG A 75 -2.72 -6.17 11.41
CA ARG A 75 -2.18 -7.47 11.02
C ARG A 75 -2.55 -8.53 12.06
N PRO A 76 -2.91 -9.74 11.62
CA PRO A 76 -2.91 -10.13 10.20
C PRO A 76 -3.98 -9.40 9.39
N HIS A 77 -3.54 -8.72 8.34
CA HIS A 77 -4.44 -7.95 7.51
C HIS A 77 -5.25 -8.89 6.62
N LYS A 78 -6.36 -8.40 6.10
CA LYS A 78 -7.25 -9.20 5.29
C LYS A 78 -7.84 -8.37 4.17
N VAL A 79 -7.46 -8.69 2.94
CA VAL A 79 -7.96 -7.99 1.77
C VAL A 79 -8.29 -8.99 0.66
N ASP A 80 -9.50 -8.87 0.13
CA ASP A 80 -10.00 -9.75 -0.94
C ASP A 80 -10.10 -11.20 -0.46
N GLY A 81 -10.14 -11.37 0.86
CA GLY A 81 -10.19 -12.71 1.43
C GLY A 81 -8.81 -13.34 1.53
N ARG A 82 -7.79 -12.51 1.40
CA ARG A 82 -6.41 -12.97 1.48
C ARG A 82 -5.68 -12.28 2.63
N VAL A 83 -4.96 -13.07 3.43
CA VAL A 83 -4.14 -12.54 4.50
C VAL A 83 -2.84 -11.97 3.92
N VAL A 84 -2.59 -10.69 4.17
CA VAL A 84 -1.43 -10.04 3.60
C VAL A 84 -0.50 -9.50 4.69
N GLU A 85 0.71 -9.18 4.30
CA GLU A 85 1.70 -8.63 5.22
C GLU A 85 2.10 -7.23 4.77
N PRO A 86 1.66 -6.21 5.51
CA PRO A 86 1.99 -4.82 5.22
C PRO A 86 3.25 -4.35 5.93
N LYS A 87 4.27 -4.02 5.17
CA LYS A 87 5.54 -3.57 5.75
C LYS A 87 5.90 -2.18 5.25
N ARG A 88 6.77 -1.50 5.99
CA ARG A 88 7.28 -0.18 5.59
C ARG A 88 7.95 -0.28 4.22
N ALA A 89 7.44 0.44 3.25
CA ALA A 89 7.99 0.40 1.91
C ALA A 89 9.31 1.13 1.84
N VAL A 90 10.31 0.47 1.26
CA VAL A 90 11.61 1.09 1.04
C VAL A 90 11.55 1.99 -0.18
N SER A 91 12.35 3.03 -0.20
CA SER A 91 12.47 3.89 -1.36
C SER A 91 12.79 3.04 -2.59
N ARG A 92 12.04 3.24 -3.66
CA ARG A 92 12.31 2.52 -4.90
C ARG A 92 13.68 2.93 -5.42
N GLU A 93 14.06 4.17 -5.13
CA GLU A 93 15.38 4.66 -5.47
C GLU A 93 16.45 3.91 -4.68
N ASP A 94 16.12 3.57 -3.43
CA ASP A 94 17.03 2.83 -2.56
C ASP A 94 17.32 1.48 -3.16
N SER A 95 16.27 0.78 -3.53
CA SER A 95 16.39 -0.57 -4.03
C SER A 95 17.10 -0.58 -5.38
N GLN A 96 17.01 0.54 -6.09
CA GLN A 96 17.73 0.72 -7.35
C GLN A 96 19.22 0.89 -7.08
N ARG A 97 19.53 1.69 -6.06
CA ARG A 97 20.89 1.98 -5.65
C ARG A 97 21.57 2.91 -6.65
N ALA A 1 -0.67 22.63 -1.79
CA ALA A 1 0.56 23.45 -1.92
C ALA A 1 0.28 24.73 -2.70
N SER A 2 0.38 25.86 -2.03
CA SER A 2 0.19 27.15 -2.66
C SER A 2 1.54 27.62 -3.23
N LYS A 3 2.59 27.33 -2.48
CA LYS A 3 3.96 27.57 -2.94
C LYS A 3 4.82 26.38 -2.55
N SER A 4 6.13 26.56 -2.49
CA SER A 4 7.02 25.52 -2.01
C SER A 4 6.80 25.30 -0.51
N GLU A 5 5.97 24.32 -0.19
CA GLU A 5 5.62 24.03 1.20
C GLU A 5 5.33 22.54 1.37
N SER A 6 5.94 21.73 0.52
CA SER A 6 5.73 20.28 0.58
C SER A 6 6.48 19.69 1.77
N PRO A 7 5.75 19.01 2.66
CA PRO A 7 6.32 18.40 3.86
C PRO A 7 7.36 17.34 3.50
N LYS A 8 8.27 17.08 4.43
CA LYS A 8 9.37 16.17 4.17
C LYS A 8 9.14 14.81 4.82
N GLU A 9 7.91 14.31 4.71
CA GLU A 9 7.61 12.94 5.14
C GLU A 9 7.68 12.01 3.94
N PRO A 10 8.78 11.25 3.81
CA PRO A 10 9.04 10.39 2.66
C PRO A 10 7.85 9.51 2.30
N GLU A 11 7.55 9.41 1.01
CA GLU A 11 6.44 8.59 0.57
C GLU A 11 6.67 7.13 0.93
N GLN A 12 7.91 6.65 0.78
CA GLN A 12 8.24 5.26 1.10
C GLN A 12 7.96 4.98 2.58
N LEU A 13 8.13 6.01 3.40
CA LEU A 13 7.85 5.92 4.82
C LEU A 13 6.36 5.76 5.07
N ARG A 14 5.58 6.52 4.32
CA ARG A 14 4.14 6.52 4.47
C ARG A 14 3.47 5.48 3.57
N LYS A 15 4.27 4.83 2.75
CA LYS A 15 3.77 3.85 1.81
C LYS A 15 3.91 2.46 2.40
N LEU A 16 2.84 1.70 2.31
CA LEU A 16 2.80 0.35 2.82
C LEU A 16 2.99 -0.64 1.68
N PHE A 17 3.93 -1.55 1.86
CA PHE A 17 4.17 -2.62 0.89
C PHE A 17 3.24 -3.78 1.20
N ILE A 18 2.38 -4.10 0.27
CA ILE A 18 1.40 -5.16 0.49
C ILE A 18 1.77 -6.37 -0.35
N GLY A 19 2.48 -7.31 0.26
CA GLY A 19 2.83 -8.53 -0.45
C GLY A 19 2.01 -9.69 0.05
N GLY A 20 1.59 -10.55 -0.85
CA GLY A 20 0.85 -11.74 -0.46
C GLY A 20 -0.58 -11.71 -0.92
N LEU A 21 -0.96 -10.66 -1.63
CA LEU A 21 -2.33 -10.51 -2.09
C LEU A 21 -2.57 -11.31 -3.37
N SER A 22 -3.84 -11.53 -3.68
CA SER A 22 -4.22 -12.41 -4.78
C SER A 22 -4.06 -11.72 -6.12
N PHE A 23 -4.33 -12.44 -7.20
CA PHE A 23 -4.27 -11.88 -8.53
C PHE A 23 -5.60 -11.21 -8.87
N GLU A 24 -6.50 -11.21 -7.89
CA GLU A 24 -7.79 -10.54 -8.03
C GLU A 24 -7.78 -9.25 -7.25
N THR A 25 -6.73 -9.06 -6.45
CA THR A 25 -6.58 -7.87 -5.66
C THR A 25 -6.24 -6.66 -6.54
N THR A 26 -7.27 -5.94 -6.96
CA THR A 26 -7.10 -4.73 -7.75
C THR A 26 -6.87 -3.54 -6.83
N ASP A 27 -6.34 -2.45 -7.39
CA ASP A 27 -5.94 -1.28 -6.62
C ASP A 27 -7.12 -0.70 -5.86
N GLU A 28 -8.24 -0.63 -6.54
CA GLU A 28 -9.47 -0.13 -5.94
C GLU A 28 -9.91 -0.99 -4.76
N SER A 29 -9.80 -2.31 -4.91
CA SER A 29 -10.16 -3.21 -3.84
C SER A 29 -9.13 -3.10 -2.72
N LEU A 30 -7.87 -2.96 -3.12
CA LEU A 30 -6.76 -2.91 -2.18
C LEU A 30 -6.90 -1.67 -1.30
N ARG A 31 -7.24 -0.54 -1.92
CA ARG A 31 -7.40 0.69 -1.17
C ARG A 31 -8.61 0.60 -0.25
N SER A 32 -9.68 -0.02 -0.73
CA SER A 32 -10.91 -0.13 0.04
C SER A 32 -10.67 -0.89 1.35
N HIS A 33 -9.79 -1.87 1.31
CA HIS A 33 -9.47 -2.65 2.50
C HIS A 33 -8.46 -1.93 3.39
N PHE A 34 -7.62 -1.10 2.80
CA PHE A 34 -6.59 -0.42 3.57
C PHE A 34 -7.00 0.99 4.00
N GLU A 35 -8.06 1.52 3.38
CA GLU A 35 -8.59 2.82 3.77
C GLU A 35 -9.48 2.69 5.00
N GLN A 36 -9.45 1.52 5.61
CA GLN A 36 -10.22 1.26 6.80
C GLN A 36 -9.51 1.77 8.05
N TRP A 37 -8.18 1.65 8.06
CA TRP A 37 -7.39 2.10 9.21
C TRP A 37 -6.66 3.40 8.90
N GLY A 38 -6.88 3.93 7.71
CA GLY A 38 -6.23 5.17 7.33
C GLY A 38 -6.60 5.64 5.94
N THR A 39 -6.14 6.83 5.59
CA THR A 39 -6.39 7.42 4.29
C THR A 39 -5.24 7.11 3.33
N LEU A 40 -5.55 6.54 2.16
CA LEU A 40 -4.52 6.30 1.15
C LEU A 40 -4.53 7.42 0.12
N THR A 41 -3.47 8.21 0.12
CA THR A 41 -3.33 9.31 -0.82
C THR A 41 -2.77 8.79 -2.13
N ASP A 42 -2.11 7.64 -2.06
CA ASP A 42 -1.57 7.00 -3.24
C ASP A 42 -1.74 5.49 -3.14
N CYS A 43 -2.71 4.96 -3.84
CA CYS A 43 -2.91 3.54 -3.88
C CYS A 43 -2.60 2.99 -5.27
N VAL A 44 -1.77 1.98 -5.33
CA VAL A 44 -1.37 1.41 -6.60
C VAL A 44 -1.03 -0.07 -6.45
N VAL A 45 -1.60 -0.88 -7.34
CA VAL A 45 -1.31 -2.30 -7.37
C VAL A 45 -0.61 -2.66 -8.67
N MET A 46 0.43 -3.47 -8.56
CA MET A 46 1.21 -3.85 -9.71
C MET A 46 0.49 -4.94 -10.50
N ARG A 47 0.47 -4.79 -11.81
CA ARG A 47 -0.14 -5.78 -12.67
C ARG A 47 0.85 -6.21 -13.73
N ASP A 48 0.65 -7.40 -14.25
CA ASP A 48 1.47 -7.91 -15.33
C ASP A 48 1.28 -7.05 -16.57
N PRO A 49 2.36 -6.73 -17.29
CA PRO A 49 2.26 -5.91 -18.50
C PRO A 49 1.56 -6.64 -19.65
N ASN A 50 1.41 -7.95 -19.52
CA ASN A 50 0.82 -8.77 -20.56
C ASN A 50 -0.57 -9.22 -20.15
N THR A 51 -0.70 -9.75 -18.94
CA THR A 51 -1.98 -10.27 -18.48
C THR A 51 -2.83 -9.16 -17.88
N LYS A 52 -2.16 -8.16 -17.30
CA LYS A 52 -2.83 -7.04 -16.60
C LYS A 52 -3.50 -7.52 -15.33
N ARG A 53 -3.02 -8.65 -14.81
CA ARG A 53 -3.50 -9.17 -13.55
C ARG A 53 -2.51 -8.81 -12.45
N SER A 54 -2.98 -8.80 -11.21
CA SER A 54 -2.17 -8.38 -10.07
C SER A 54 -0.89 -9.21 -9.97
N ARG A 55 0.19 -8.56 -9.57
CA ARG A 55 1.51 -9.20 -9.48
C ARG A 55 1.71 -9.86 -8.12
N GLY A 56 0.66 -9.91 -7.31
CA GLY A 56 0.75 -10.53 -6.01
C GLY A 56 1.21 -9.57 -4.93
N PHE A 57 1.32 -8.29 -5.30
CA PHE A 57 1.68 -7.25 -4.34
C PHE A 57 1.25 -5.87 -4.83
N GLY A 58 1.17 -4.93 -3.90
CA GLY A 58 0.78 -3.58 -4.23
C GLY A 58 1.29 -2.59 -3.20
N PHE A 59 0.98 -1.32 -3.38
CA PHE A 59 1.44 -0.27 -2.47
C PHE A 59 0.31 0.68 -2.11
N VAL A 60 0.39 1.21 -0.90
CA VAL A 60 -0.60 2.14 -0.38
C VAL A 60 0.04 3.22 0.48
N THR A 61 0.04 4.44 -0.02
CA THR A 61 0.61 5.56 0.71
C THR A 61 -0.46 6.20 1.57
N TYR A 62 -0.29 6.14 2.87
CA TYR A 62 -1.23 6.74 3.78
C TYR A 62 -0.99 8.23 3.92
N ALA A 63 -1.97 8.93 4.45
CA ALA A 63 -1.90 10.38 4.62
C ALA A 63 -0.80 10.76 5.61
N THR A 64 -0.50 9.82 6.50
CA THR A 64 0.52 10.01 7.50
C THR A 64 0.98 8.66 8.04
N VAL A 65 2.14 8.65 8.70
CA VAL A 65 2.70 7.44 9.28
C VAL A 65 1.77 6.85 10.34
N GLU A 66 0.99 7.71 10.99
CA GLU A 66 0.07 7.30 12.03
C GLU A 66 -0.98 6.33 11.48
N GLU A 67 -1.37 6.55 10.23
CA GLU A 67 -2.32 5.68 9.55
C GLU A 67 -1.69 4.32 9.29
N VAL A 68 -0.41 4.34 8.92
CA VAL A 68 0.35 3.14 8.62
C VAL A 68 0.42 2.22 9.84
N ASP A 69 0.69 2.80 11.01
CA ASP A 69 0.77 2.03 12.24
C ASP A 69 -0.55 1.29 12.50
N ALA A 70 -1.66 2.00 12.34
CA ALA A 70 -2.98 1.41 12.56
C ALA A 70 -3.20 0.22 11.65
N ALA A 71 -2.76 0.35 10.40
CA ALA A 71 -2.89 -0.73 9.43
C ALA A 71 -2.02 -1.93 9.83
N MET A 72 -0.81 -1.64 10.30
CA MET A 72 0.11 -2.70 10.72
C MET A 72 -0.43 -3.42 11.96
N ASN A 73 -1.05 -2.66 12.85
CA ASN A 73 -1.60 -3.21 14.09
C ASN A 73 -2.80 -4.10 13.80
N ALA A 74 -3.34 -3.96 12.61
CA ALA A 74 -4.53 -4.70 12.21
C ALA A 74 -4.17 -6.06 11.62
N ARG A 75 -3.01 -6.57 11.99
CA ARG A 75 -2.56 -7.87 11.51
C ARG A 75 -3.37 -8.98 12.18
N PRO A 76 -3.63 -10.10 11.47
CA PRO A 76 -3.23 -10.28 10.08
C PRO A 76 -4.22 -9.59 9.14
N HIS A 77 -3.69 -8.81 8.21
CA HIS A 77 -4.52 -8.08 7.28
C HIS A 77 -5.23 -9.04 6.31
N LYS A 78 -6.39 -8.64 5.84
CA LYS A 78 -7.21 -9.51 5.01
C LYS A 78 -7.86 -8.70 3.89
N VAL A 79 -7.33 -8.84 2.69
CA VAL A 79 -7.86 -8.16 1.52
C VAL A 79 -8.15 -9.17 0.41
N ASP A 80 -9.35 -9.11 -0.15
CA ASP A 80 -9.82 -10.08 -1.15
C ASP A 80 -9.86 -11.48 -0.53
N GLY A 81 -10.06 -11.53 0.78
CA GLY A 81 -10.06 -12.80 1.49
C GLY A 81 -8.67 -13.41 1.55
N ARG A 82 -7.67 -12.58 1.29
CA ARG A 82 -6.29 -13.03 1.26
C ARG A 82 -5.51 -12.37 2.39
N VAL A 83 -4.69 -13.16 3.08
CA VAL A 83 -3.86 -12.65 4.16
C VAL A 83 -2.57 -12.07 3.58
N VAL A 84 -2.34 -10.80 3.84
CA VAL A 84 -1.17 -10.11 3.30
C VAL A 84 -0.26 -9.63 4.40
N GLU A 85 0.93 -9.18 4.03
CA GLU A 85 1.85 -8.57 4.98
C GLU A 85 2.12 -7.13 4.58
N PRO A 86 1.58 -6.18 5.35
CA PRO A 86 1.76 -4.77 5.10
C PRO A 86 2.99 -4.22 5.82
N LYS A 87 4.04 -3.95 5.06
CA LYS A 87 5.30 -3.52 5.63
C LYS A 87 5.67 -2.13 5.13
N ARG A 88 6.66 -1.52 5.76
CA ARG A 88 7.16 -0.21 5.34
C ARG A 88 7.78 -0.31 3.95
N ALA A 89 7.57 0.69 3.11
CA ALA A 89 8.10 0.66 1.76
C ALA A 89 9.52 1.23 1.70
N VAL A 90 10.34 0.64 0.85
CA VAL A 90 11.67 1.13 0.58
C VAL A 90 11.64 2.01 -0.68
N SER A 91 12.68 2.80 -0.89
CA SER A 91 12.80 3.59 -2.11
C SER A 91 12.61 2.71 -3.34
N ARG A 92 11.74 3.12 -4.25
CA ARG A 92 11.47 2.35 -5.44
C ARG A 92 12.72 2.31 -6.32
N GLU A 93 13.50 3.38 -6.24
CA GLU A 93 14.76 3.47 -6.98
C GLU A 93 15.79 2.52 -6.39
N ASP A 94 15.66 2.28 -5.08
CA ASP A 94 16.60 1.42 -4.36
C ASP A 94 16.51 -0.01 -4.87
N SER A 95 15.30 -0.42 -5.20
CA SER A 95 15.08 -1.78 -5.65
C SER A 95 14.99 -1.85 -7.17
N GLN A 96 15.24 -0.73 -7.84
CA GLN A 96 15.25 -0.70 -9.29
C GLN A 96 16.66 -0.52 -9.82
N ARG A 97 17.62 -0.37 -8.92
CA ARG A 97 19.02 -0.25 -9.31
C ARG A 97 19.71 -1.62 -9.17
N ALA A 1 -11.05 17.51 13.40
CA ALA A 1 -12.22 16.64 13.71
C ALA A 1 -12.01 15.24 13.14
N SER A 2 -12.07 15.11 11.84
CA SER A 2 -11.79 13.84 11.18
C SER A 2 -10.45 13.92 10.45
N LYS A 3 -10.08 15.14 10.07
CA LYS A 3 -8.81 15.39 9.43
C LYS A 3 -8.01 16.39 10.25
N SER A 4 -7.18 15.87 11.14
CA SER A 4 -6.39 16.72 12.02
C SER A 4 -4.94 16.28 11.99
N GLU A 5 -4.60 15.39 11.06
CA GLU A 5 -3.26 14.83 10.97
C GLU A 5 -2.31 15.78 10.25
N SER A 6 -1.04 15.46 10.25
CA SER A 6 -0.04 16.26 9.58
C SER A 6 1.08 15.39 9.03
N PRO A 7 1.16 15.26 7.70
CA PRO A 7 2.17 14.43 7.04
C PRO A 7 3.59 14.93 7.27
N LYS A 8 4.54 14.02 7.24
CA LYS A 8 5.94 14.36 7.44
C LYS A 8 6.57 14.79 6.11
N GLU A 9 7.11 13.83 5.38
CA GLU A 9 7.69 14.09 4.06
C GLU A 9 7.91 12.78 3.30
N PRO A 10 8.76 11.86 3.83
CA PRO A 10 9.10 10.61 3.12
C PRO A 10 7.86 9.83 2.68
N GLU A 11 7.73 9.68 1.37
CA GLU A 11 6.65 8.94 0.75
C GLU A 11 6.73 7.46 1.12
N GLN A 12 7.93 6.90 1.00
CA GLN A 12 8.13 5.47 1.22
C GLN A 12 7.87 5.11 2.69
N LEU A 13 8.09 6.06 3.58
CA LEU A 13 7.78 5.89 4.99
C LEU A 13 6.28 5.79 5.19
N ARG A 14 5.57 6.63 4.45
CA ARG A 14 4.12 6.69 4.54
C ARG A 14 3.49 5.65 3.62
N LYS A 15 4.32 4.98 2.84
CA LYS A 15 3.84 4.00 1.89
C LYS A 15 4.01 2.59 2.45
N LEU A 16 2.97 1.79 2.30
CA LEU A 16 2.98 0.42 2.71
C LEU A 16 3.23 -0.51 1.54
N PHE A 17 4.12 -1.47 1.73
CA PHE A 17 4.38 -2.51 0.75
C PHE A 17 3.51 -3.72 1.08
N ILE A 18 2.55 -3.99 0.21
CA ILE A 18 1.60 -5.06 0.46
C ILE A 18 1.90 -6.25 -0.43
N GLY A 19 2.58 -7.23 0.11
CA GLY A 19 2.94 -8.39 -0.67
C GLY A 19 2.18 -9.62 -0.26
N GLY A 20 1.85 -10.45 -1.24
CA GLY A 20 1.17 -11.70 -0.95
C GLY A 20 -0.33 -11.54 -0.89
N LEU A 21 -0.88 -10.80 -1.83
CA LEU A 21 -2.33 -10.59 -1.87
C LEU A 21 -2.97 -11.40 -2.99
N SER A 22 -4.29 -11.52 -2.92
CA SER A 22 -5.06 -12.28 -3.89
C SER A 22 -4.87 -11.71 -5.29
N PHE A 23 -4.97 -12.57 -6.30
CA PHE A 23 -4.85 -12.14 -7.68
C PHE A 23 -6.06 -11.32 -8.09
N GLU A 24 -7.09 -11.35 -7.25
CA GLU A 24 -8.29 -10.57 -7.49
C GLU A 24 -8.18 -9.21 -6.81
N THR A 25 -7.13 -9.05 -6.04
CA THR A 25 -6.85 -7.81 -5.35
C THR A 25 -6.32 -6.76 -6.32
N THR A 26 -7.21 -5.93 -6.80
CA THR A 26 -6.84 -4.82 -7.67
C THR A 26 -6.74 -3.55 -6.83
N ASP A 27 -6.11 -2.53 -7.39
CA ASP A 27 -5.77 -1.31 -6.66
C ASP A 27 -6.97 -0.71 -5.96
N GLU A 28 -8.08 -0.63 -6.69
CA GLU A 28 -9.32 -0.08 -6.17
C GLU A 28 -9.86 -0.90 -5.01
N SER A 29 -9.68 -2.21 -5.07
CA SER A 29 -10.15 -3.08 -4.00
C SER A 29 -9.16 -3.02 -2.84
N LEU A 30 -7.89 -2.90 -3.20
CA LEU A 30 -6.81 -2.88 -2.23
C LEU A 30 -6.93 -1.62 -1.38
N ARG A 31 -7.22 -0.49 -2.03
CA ARG A 31 -7.38 0.76 -1.31
C ARG A 31 -8.61 0.69 -0.41
N SER A 32 -9.70 0.13 -0.93
CA SER A 32 -10.95 0.08 -0.19
C SER A 32 -10.81 -0.73 1.09
N HIS A 33 -9.87 -1.67 1.10
CA HIS A 33 -9.56 -2.42 2.30
C HIS A 33 -8.65 -1.60 3.22
N PHE A 34 -7.60 -1.02 2.67
CA PHE A 34 -6.62 -0.32 3.50
C PHE A 34 -7.12 1.05 3.96
N GLU A 35 -8.13 1.58 3.28
CA GLU A 35 -8.70 2.87 3.68
C GLU A 35 -9.60 2.72 4.91
N GLN A 36 -9.51 1.55 5.56
CA GLN A 36 -10.28 1.29 6.76
C GLN A 36 -9.54 1.80 8.00
N TRP A 37 -8.21 1.80 7.93
CA TRP A 37 -7.39 2.23 9.06
C TRP A 37 -6.75 3.58 8.76
N GLY A 38 -7.25 4.26 7.74
CA GLY A 38 -6.72 5.54 7.37
C GLY A 38 -7.14 5.97 5.97
N THR A 39 -6.39 6.90 5.40
CA THR A 39 -6.69 7.41 4.07
C THR A 39 -5.48 7.23 3.15
N LEU A 40 -5.69 6.56 2.03
CA LEU A 40 -4.60 6.32 1.08
C LEU A 40 -4.53 7.44 0.06
N THR A 41 -3.56 8.31 0.23
CA THR A 41 -3.34 9.41 -0.69
C THR A 41 -2.78 8.87 -1.99
N ASP A 42 -2.17 7.70 -1.89
CA ASP A 42 -1.62 7.01 -3.05
C ASP A 42 -1.85 5.51 -2.88
N CYS A 43 -2.48 4.90 -3.86
CA CYS A 43 -2.77 3.48 -3.80
C CYS A 43 -2.65 2.86 -5.17
N VAL A 44 -1.93 1.76 -5.24
CA VAL A 44 -1.69 1.11 -6.52
C VAL A 44 -1.18 -0.31 -6.31
N VAL A 45 -1.67 -1.24 -7.12
CA VAL A 45 -1.14 -2.58 -7.13
C VAL A 45 -0.38 -2.78 -8.42
N MET A 46 0.62 -3.64 -8.39
CA MET A 46 1.37 -3.92 -9.60
C MET A 46 0.63 -4.95 -10.43
N ARG A 47 0.66 -4.79 -11.74
CA ARG A 47 -0.07 -5.68 -12.62
C ARG A 47 0.90 -6.55 -13.39
N ASP A 48 0.41 -7.69 -13.86
CA ASP A 48 1.22 -8.57 -14.70
C ASP A 48 1.60 -7.84 -15.98
N PRO A 49 2.84 -8.02 -16.44
CA PRO A 49 3.31 -7.37 -17.68
C PRO A 49 2.60 -7.91 -18.91
N ASN A 50 1.95 -9.05 -18.77
CA ASN A 50 1.27 -9.71 -19.88
C ASN A 50 -0.23 -9.52 -19.75
N THR A 51 -0.78 -10.02 -18.65
CA THR A 51 -2.23 -10.00 -18.45
C THR A 51 -2.72 -8.62 -18.05
N LYS A 52 -1.85 -7.86 -17.38
CA LYS A 52 -2.18 -6.53 -16.86
C LYS A 52 -3.27 -6.63 -15.79
N ARG A 53 -3.31 -7.78 -15.13
CA ARG A 53 -4.28 -8.01 -14.06
C ARG A 53 -3.66 -7.72 -12.70
N SER A 54 -2.83 -8.63 -12.22
CA SER A 54 -2.23 -8.48 -10.90
C SER A 54 -0.86 -9.12 -10.82
N ARG A 55 0.00 -8.56 -10.00
CA ARG A 55 1.34 -9.09 -9.76
C ARG A 55 1.40 -9.86 -8.43
N GLY A 56 0.32 -9.77 -7.66
CA GLY A 56 0.27 -10.45 -6.38
C GLY A 56 0.78 -9.60 -5.24
N PHE A 57 0.84 -8.29 -5.47
CA PHE A 57 1.30 -7.35 -4.46
C PHE A 57 1.05 -5.90 -4.92
N GLY A 58 1.07 -4.97 -3.97
CA GLY A 58 0.84 -3.58 -4.28
C GLY A 58 1.38 -2.63 -3.22
N PHE A 59 1.06 -1.35 -3.35
CA PHE A 59 1.52 -0.33 -2.42
C PHE A 59 0.37 0.57 -2.00
N VAL A 60 0.50 1.16 -0.81
CA VAL A 60 -0.52 2.05 -0.27
C VAL A 60 0.08 3.12 0.62
N THR A 61 0.01 4.36 0.16
CA THR A 61 0.55 5.49 0.89
C THR A 61 -0.56 6.19 1.65
N TYR A 62 -0.48 6.17 2.97
CA TYR A 62 -1.49 6.80 3.80
C TYR A 62 -1.28 8.30 3.88
N ALA A 63 -2.20 8.98 4.56
CA ALA A 63 -2.12 10.42 4.72
C ALA A 63 -1.02 10.76 5.71
N THR A 64 -0.82 9.88 6.67
CA THR A 64 0.20 10.07 7.68
C THR A 64 0.75 8.74 8.15
N VAL A 65 1.90 8.80 8.81
CA VAL A 65 2.58 7.63 9.34
C VAL A 65 1.71 6.88 10.35
N GLU A 66 0.88 7.63 11.07
CA GLU A 66 0.01 7.06 12.11
C GLU A 66 -0.92 6.01 11.53
N GLU A 67 -1.42 6.27 10.32
CA GLU A 67 -2.38 5.38 9.68
C GLU A 67 -1.70 4.09 9.23
N VAL A 68 -0.46 4.22 8.77
CA VAL A 68 0.32 3.05 8.36
C VAL A 68 0.48 2.08 9.53
N ASP A 69 0.82 2.63 10.69
CA ASP A 69 1.04 1.83 11.88
C ASP A 69 -0.24 1.08 12.27
N ALA A 70 -1.37 1.75 12.18
CA ALA A 70 -2.64 1.14 12.52
C ALA A 70 -2.96 -0.01 11.59
N ALA A 71 -2.60 0.14 10.32
CA ALA A 71 -2.80 -0.91 9.33
C ALA A 71 -1.91 -2.10 9.63
N MET A 72 -0.73 -1.82 10.17
CA MET A 72 0.21 -2.87 10.54
C MET A 72 -0.31 -3.64 11.75
N ASN A 73 -0.92 -2.92 12.69
CA ASN A 73 -1.50 -3.55 13.89
C ASN A 73 -2.72 -4.37 13.53
N ALA A 74 -3.25 -4.14 12.34
CA ALA A 74 -4.43 -4.85 11.87
C ALA A 74 -4.05 -6.22 11.31
N ARG A 75 -2.75 -6.52 11.31
CA ARG A 75 -2.24 -7.81 10.86
C ARG A 75 -2.68 -8.91 11.85
N PRO A 76 -3.05 -10.10 11.34
CA PRO A 76 -2.96 -10.46 9.92
C PRO A 76 -4.02 -9.75 9.09
N HIS A 77 -3.55 -8.93 8.16
CA HIS A 77 -4.41 -8.13 7.31
C HIS A 77 -5.05 -9.01 6.24
N LYS A 78 -6.34 -8.87 6.05
CA LYS A 78 -7.08 -9.74 5.13
C LYS A 78 -7.69 -8.91 4.00
N VAL A 79 -7.16 -9.08 2.79
CA VAL A 79 -7.65 -8.33 1.63
C VAL A 79 -8.27 -9.27 0.60
N ASP A 80 -9.54 -9.00 0.25
CA ASP A 80 -10.31 -9.81 -0.70
C ASP A 80 -10.63 -11.19 -0.13
N GLY A 81 -9.57 -11.89 0.20
CA GLY A 81 -9.66 -13.24 0.72
C GLY A 81 -8.29 -13.82 0.86
N ARG A 82 -7.35 -12.95 1.18
CA ARG A 82 -5.95 -13.31 1.30
C ARG A 82 -5.30 -12.45 2.36
N VAL A 83 -4.74 -13.06 3.38
CA VAL A 83 -4.03 -12.31 4.41
C VAL A 83 -2.64 -11.91 3.92
N VAL A 84 -2.43 -10.61 3.88
CA VAL A 84 -1.24 -10.03 3.28
C VAL A 84 -0.21 -9.65 4.35
N GLU A 85 0.89 -9.09 3.89
CA GLU A 85 1.95 -8.61 4.76
C GLU A 85 2.28 -7.16 4.42
N PRO A 86 1.81 -6.21 5.25
CA PRO A 86 2.04 -4.80 5.04
C PRO A 86 3.30 -4.31 5.74
N LYS A 87 4.33 -4.06 4.94
CA LYS A 87 5.61 -3.57 5.45
C LYS A 87 5.88 -2.16 4.97
N ARG A 88 6.84 -1.50 5.59
CA ARG A 88 7.25 -0.16 5.19
C ARG A 88 7.90 -0.20 3.81
N ALA A 89 7.59 0.79 2.99
CA ALA A 89 8.17 0.86 1.67
C ALA A 89 9.61 1.34 1.72
N VAL A 90 10.40 0.88 0.76
CA VAL A 90 11.79 1.25 0.65
C VAL A 90 11.99 2.06 -0.63
N SER A 91 13.09 2.79 -0.74
CA SER A 91 13.36 3.56 -1.94
C SER A 91 13.37 2.67 -3.18
N ARG A 92 12.66 3.12 -4.22
CA ARG A 92 12.64 2.43 -5.51
C ARG A 92 13.99 2.57 -6.22
N GLU A 93 14.87 3.38 -5.63
CA GLU A 93 16.20 3.56 -6.13
C GLU A 93 17.14 2.51 -5.54
N ASP A 94 16.98 2.25 -4.24
CA ASP A 94 17.79 1.27 -3.55
C ASP A 94 17.40 -0.14 -3.97
N SER A 95 16.10 -0.39 -4.00
CA SER A 95 15.59 -1.70 -4.36
C SER A 95 15.09 -1.71 -5.80
N GLN A 96 15.88 -2.26 -6.69
CA GLN A 96 15.49 -2.39 -8.09
C GLN A 96 15.38 -3.85 -8.48
N ARG A 97 16.42 -4.62 -8.17
CA ARG A 97 16.40 -6.05 -8.42
C ARG A 97 16.26 -6.80 -7.11
N ALA A 1 9.82 20.76 7.26
CA ALA A 1 9.13 21.96 6.75
C ALA A 1 8.26 22.58 7.83
N SER A 2 8.08 23.89 7.78
CA SER A 2 7.21 24.58 8.73
C SER A 2 5.79 24.60 8.19
N LYS A 3 5.65 24.86 6.90
CA LYS A 3 4.35 24.84 6.25
C LYS A 3 4.38 23.86 5.09
N SER A 4 3.28 23.14 4.90
CA SER A 4 3.18 22.20 3.80
C SER A 4 1.74 22.08 3.32
N GLU A 5 1.39 22.92 2.36
CA GLU A 5 0.09 22.84 1.72
C GLU A 5 0.02 21.55 0.90
N SER A 6 1.11 21.27 0.20
CA SER A 6 1.30 19.99 -0.44
C SER A 6 2.32 19.20 0.39
N PRO A 7 1.86 18.19 1.14
CA PRO A 7 2.70 17.47 2.10
C PRO A 7 3.83 16.67 1.45
N LYS A 8 4.94 17.34 1.18
CA LYS A 8 6.12 16.66 0.69
C LYS A 8 6.90 16.10 1.87
N GLU A 9 6.44 14.97 2.33
CA GLU A 9 7.08 14.23 3.39
C GLU A 9 7.42 12.86 2.83
N PRO A 10 8.40 12.15 3.42
CA PRO A 10 8.87 10.87 2.89
C PRO A 10 7.73 9.88 2.67
N GLU A 11 7.27 9.78 1.42
CA GLU A 11 6.22 8.84 1.05
C GLU A 11 6.77 7.42 1.18
N GLN A 12 8.07 7.34 1.38
CA GLN A 12 8.76 6.09 1.65
C GLN A 12 8.20 5.46 2.93
N LEU A 13 8.15 6.23 4.01
CA LEU A 13 7.73 5.69 5.29
C LEU A 13 6.21 5.71 5.44
N ARG A 14 5.54 6.44 4.56
CA ARG A 14 4.08 6.51 4.58
C ARG A 14 3.49 5.49 3.62
N LYS A 15 4.35 4.81 2.89
CA LYS A 15 3.92 3.79 1.95
C LYS A 15 4.02 2.42 2.57
N LEU A 16 2.95 1.66 2.45
CA LEU A 16 2.92 0.28 2.89
C LEU A 16 3.15 -0.67 1.71
N PHE A 17 4.06 -1.60 1.90
CA PHE A 17 4.35 -2.61 0.89
C PHE A 17 3.47 -3.82 1.12
N ILE A 18 2.52 -4.04 0.23
CA ILE A 18 1.57 -5.13 0.40
C ILE A 18 1.88 -6.26 -0.56
N GLY A 19 2.50 -7.29 -0.03
CA GLY A 19 2.87 -8.42 -0.87
C GLY A 19 2.10 -9.66 -0.52
N GLY A 20 1.87 -10.50 -1.52
CA GLY A 20 1.22 -11.77 -1.28
C GLY A 20 -0.28 -11.66 -1.24
N LEU A 21 -0.84 -10.73 -2.01
CA LEU A 21 -2.28 -10.50 -2.01
C LEU A 21 -2.96 -11.25 -3.15
N SER A 22 -4.28 -11.30 -3.10
CA SER A 22 -5.08 -12.00 -4.08
C SER A 22 -4.87 -11.39 -5.47
N PHE A 23 -4.90 -12.24 -6.49
CA PHE A 23 -4.74 -11.78 -7.87
C PHE A 23 -5.99 -11.05 -8.33
N GLU A 24 -7.01 -11.05 -7.49
CA GLU A 24 -8.24 -10.32 -7.75
C GLU A 24 -8.26 -9.04 -6.91
N THR A 25 -7.16 -8.83 -6.20
CA THR A 25 -6.96 -7.58 -5.48
C THR A 25 -6.35 -6.53 -6.41
N THR A 26 -7.18 -5.63 -6.89
CA THR A 26 -6.71 -4.55 -7.72
C THR A 26 -6.75 -3.24 -6.94
N ASP A 27 -6.48 -2.15 -7.64
CA ASP A 27 -6.43 -0.81 -7.03
C ASP A 27 -7.58 -0.55 -6.08
N GLU A 28 -8.80 -0.66 -6.60
CA GLU A 28 -9.99 -0.40 -5.81
C GLU A 28 -10.11 -1.42 -4.68
N SER A 29 -9.79 -2.67 -4.97
CA SER A 29 -9.91 -3.74 -3.99
C SER A 29 -8.94 -3.51 -2.85
N LEU A 30 -7.78 -2.98 -3.19
CA LEU A 30 -6.72 -2.78 -2.21
C LEU A 30 -7.02 -1.57 -1.36
N ARG A 31 -7.37 -0.46 -2.00
CA ARG A 31 -7.57 0.78 -1.27
C ARG A 31 -8.74 0.65 -0.30
N SER A 32 -9.82 0.00 -0.72
CA SER A 32 -11.02 -0.10 0.11
C SER A 32 -10.76 -0.92 1.37
N HIS A 33 -9.87 -1.89 1.28
CA HIS A 33 -9.56 -2.73 2.44
C HIS A 33 -8.41 -2.14 3.26
N PHE A 34 -7.82 -1.05 2.80
CA PHE A 34 -6.77 -0.38 3.56
C PHE A 34 -7.23 1.01 4.04
N GLU A 35 -8.23 1.58 3.38
CA GLU A 35 -8.78 2.88 3.79
C GLU A 35 -9.62 2.75 5.06
N GLN A 36 -9.53 1.59 5.70
CA GLN A 36 -10.27 1.33 6.91
C GLN A 36 -9.45 1.71 8.14
N TRP A 37 -8.15 1.83 7.96
CA TRP A 37 -7.27 2.23 9.04
C TRP A 37 -6.57 3.53 8.70
N GLY A 38 -7.09 4.21 7.70
CA GLY A 38 -6.54 5.50 7.31
C GLY A 38 -6.96 5.95 5.93
N THR A 39 -6.33 7.02 5.48
CA THR A 39 -6.62 7.60 4.17
C THR A 39 -5.49 7.32 3.20
N LEU A 40 -5.78 6.70 2.05
CA LEU A 40 -4.74 6.44 1.07
C LEU A 40 -4.66 7.57 0.07
N THR A 41 -3.60 8.34 0.16
CA THR A 41 -3.36 9.42 -0.78
C THR A 41 -2.82 8.85 -2.08
N ASP A 42 -2.09 7.75 -1.95
CA ASP A 42 -1.52 7.06 -3.11
C ASP A 42 -1.62 5.55 -2.95
N CYS A 43 -2.70 4.99 -3.45
CA CYS A 43 -2.89 3.55 -3.46
C CYS A 43 -2.77 3.03 -4.89
N VAL A 44 -2.10 1.92 -5.07
CA VAL A 44 -1.85 1.40 -6.41
C VAL A 44 -1.38 -0.05 -6.36
N VAL A 45 -1.77 -0.83 -7.35
CA VAL A 45 -1.34 -2.21 -7.44
C VAL A 45 -0.50 -2.44 -8.68
N MET A 46 0.34 -3.47 -8.67
CA MET A 46 1.16 -3.78 -9.81
C MET A 46 0.55 -4.93 -10.59
N ARG A 47 0.51 -4.80 -11.90
CA ARG A 47 -0.04 -5.84 -12.74
C ARG A 47 1.06 -6.51 -13.55
N ASP A 48 0.72 -7.62 -14.15
CA ASP A 48 1.63 -8.31 -15.05
C ASP A 48 1.71 -7.55 -16.36
N PRO A 49 2.90 -7.41 -16.95
CA PRO A 49 3.06 -6.72 -18.22
C PRO A 49 2.54 -7.52 -19.42
N ASN A 50 2.18 -8.77 -19.17
CA ASN A 50 1.69 -9.64 -20.24
C ASN A 50 0.20 -9.86 -20.07
N THR A 51 -0.20 -10.30 -18.88
CA THR A 51 -1.58 -10.62 -18.60
C THR A 51 -2.36 -9.38 -18.19
N LYS A 52 -1.65 -8.43 -17.58
CA LYS A 52 -2.24 -7.18 -17.08
C LYS A 52 -3.17 -7.46 -15.90
N ARG A 53 -2.93 -8.58 -15.23
CA ARG A 53 -3.65 -8.91 -14.00
C ARG A 53 -2.76 -8.58 -12.82
N SER A 54 -3.36 -8.47 -11.64
CA SER A 54 -2.60 -8.17 -10.42
C SER A 54 -1.44 -9.14 -10.25
N ARG A 55 -0.27 -8.60 -9.96
CA ARG A 55 0.94 -9.40 -9.82
C ARG A 55 1.07 -9.97 -8.40
N GLY A 56 -0.03 -9.95 -7.66
CA GLY A 56 -0.01 -10.55 -6.34
C GLY A 56 0.60 -9.66 -5.29
N PHE A 57 0.70 -8.37 -5.58
CA PHE A 57 1.24 -7.41 -4.62
C PHE A 57 0.93 -5.98 -5.08
N GLY A 58 0.95 -5.04 -4.13
CA GLY A 58 0.64 -3.66 -4.43
C GLY A 58 1.14 -2.73 -3.35
N PHE A 59 0.77 -1.46 -3.45
CA PHE A 59 1.23 -0.45 -2.51
C PHE A 59 0.08 0.43 -2.02
N VAL A 60 0.25 0.92 -0.81
CA VAL A 60 -0.77 1.75 -0.16
C VAL A 60 -0.09 2.84 0.66
N THR A 61 -0.18 4.07 0.17
CA THR A 61 0.41 5.21 0.85
C THR A 61 -0.67 5.97 1.61
N TYR A 62 -0.56 5.95 2.93
CA TYR A 62 -1.52 6.64 3.79
C TYR A 62 -1.21 8.13 3.86
N ALA A 63 -2.08 8.88 4.51
CA ALA A 63 -1.92 10.31 4.62
C ALA A 63 -0.83 10.65 5.62
N THR A 64 -0.72 9.82 6.65
CA THR A 64 0.28 10.02 7.68
C THR A 64 0.74 8.66 8.23
N VAL A 65 1.92 8.65 8.83
CA VAL A 65 2.56 7.43 9.30
C VAL A 65 1.70 6.67 10.31
N GLU A 66 0.91 7.39 11.11
CA GLU A 66 0.10 6.75 12.15
C GLU A 66 -0.93 5.80 11.55
N GLU A 67 -1.35 6.10 10.32
CA GLU A 67 -2.33 5.28 9.65
C GLU A 67 -1.69 3.98 9.17
N VAL A 68 -0.46 4.09 8.67
CA VAL A 68 0.33 2.92 8.33
C VAL A 68 0.49 2.02 9.55
N ASP A 69 0.80 2.65 10.66
CA ASP A 69 0.98 1.95 11.92
C ASP A 69 -0.31 1.23 12.33
N ALA A 70 -1.45 1.90 12.13
CA ALA A 70 -2.74 1.33 12.49
C ALA A 70 -3.03 0.08 11.67
N ALA A 71 -2.64 0.11 10.40
CA ALA A 71 -2.82 -1.03 9.51
C ALA A 71 -1.89 -2.17 9.93
N MET A 72 -0.72 -1.81 10.44
CA MET A 72 0.24 -2.80 10.92
C MET A 72 -0.27 -3.46 12.19
N ASN A 73 -0.97 -2.68 13.01
CA ASN A 73 -1.60 -3.22 14.21
C ASN A 73 -2.77 -4.12 13.85
N ALA A 74 -3.25 -3.97 12.62
CA ALA A 74 -4.41 -4.71 12.15
C ALA A 74 -4.01 -6.01 11.44
N ARG A 75 -2.72 -6.32 11.43
CA ARG A 75 -2.25 -7.55 10.82
C ARG A 75 -2.45 -8.73 11.77
N PRO A 76 -2.56 -9.96 11.25
CA PRO A 76 -2.48 -10.23 9.81
C PRO A 76 -3.60 -9.56 9.03
N HIS A 77 -3.21 -8.82 7.99
CA HIS A 77 -4.15 -8.04 7.22
C HIS A 77 -4.93 -8.93 6.27
N LYS A 78 -6.10 -8.47 5.87
CA LYS A 78 -6.98 -9.25 5.02
C LYS A 78 -7.63 -8.36 3.98
N VAL A 79 -7.28 -8.57 2.72
CA VAL A 79 -7.83 -7.77 1.64
C VAL A 79 -8.33 -8.68 0.52
N ASP A 80 -9.57 -8.42 0.09
CA ASP A 80 -10.28 -9.26 -0.88
C ASP A 80 -10.66 -10.61 -0.27
N GLY A 81 -9.65 -11.32 0.17
CA GLY A 81 -9.82 -12.62 0.78
C GLY A 81 -8.50 -13.30 0.98
N ARG A 82 -7.47 -12.49 1.18
CA ARG A 82 -6.10 -12.96 1.26
C ARG A 82 -5.38 -12.28 2.42
N VAL A 83 -4.68 -13.08 3.22
CA VAL A 83 -3.86 -12.54 4.29
C VAL A 83 -2.57 -11.99 3.71
N VAL A 84 -2.31 -10.71 3.95
CA VAL A 84 -1.16 -10.04 3.36
C VAL A 84 -0.20 -9.53 4.42
N GLU A 85 0.98 -9.15 3.98
CA GLU A 85 2.00 -8.61 4.86
C GLU A 85 2.32 -7.18 4.46
N PRO A 86 1.87 -6.21 5.26
CA PRO A 86 2.12 -4.81 5.03
C PRO A 86 3.37 -4.33 5.75
N LYS A 87 4.44 -4.09 4.99
CA LYS A 87 5.70 -3.64 5.57
C LYS A 87 6.02 -2.22 5.12
N ARG A 88 6.85 -1.54 5.91
CA ARG A 88 7.31 -0.19 5.56
C ARG A 88 8.03 -0.25 4.22
N ALA A 89 7.61 0.60 3.29
CA ALA A 89 8.16 0.57 1.95
C ALA A 89 9.51 1.27 1.88
N VAL A 90 10.36 0.78 0.99
CA VAL A 90 11.65 1.38 0.73
C VAL A 90 11.53 2.34 -0.44
N SER A 91 12.11 3.53 -0.32
CA SER A 91 12.06 4.50 -1.40
C SER A 91 12.61 3.89 -2.68
N ARG A 92 11.98 4.17 -3.82
CA ARG A 92 12.43 3.65 -5.10
C ARG A 92 13.83 4.21 -5.40
N GLU A 93 14.11 5.36 -4.81
CA GLU A 93 15.41 6.01 -4.96
C GLU A 93 16.48 5.23 -4.21
N ASP A 94 16.08 4.69 -3.06
CA ASP A 94 16.99 3.94 -2.21
C ASP A 94 17.06 2.47 -2.61
N SER A 95 16.08 2.05 -3.40
CA SER A 95 16.01 0.67 -3.85
C SER A 95 17.11 0.38 -4.87
N GLN A 96 18.15 -0.30 -4.42
CA GLN A 96 19.26 -0.65 -5.28
C GLN A 96 19.35 -2.17 -5.43
N ARG A 97 19.65 -2.85 -4.34
CA ARG A 97 19.69 -4.30 -4.33
C ARG A 97 18.46 -4.85 -3.62
N ALA A 1 1.55 21.06 14.01
CA ALA A 1 1.98 21.12 15.42
C ALA A 1 1.32 20.01 16.24
N SER A 2 0.09 20.22 16.66
CA SER A 2 -0.63 19.21 17.43
C SER A 2 -1.26 18.18 16.51
N LYS A 3 -1.45 18.55 15.24
CA LYS A 3 -1.91 17.60 14.24
C LYS A 3 -0.81 16.59 13.96
N SER A 4 -1.19 15.38 13.59
CA SER A 4 -0.25 14.29 13.41
C SER A 4 0.84 14.63 12.39
N GLU A 5 0.48 15.37 11.35
CA GLU A 5 1.42 15.70 10.30
C GLU A 5 1.31 17.16 9.89
N SER A 6 2.08 17.54 8.90
CA SER A 6 2.03 18.88 8.32
C SER A 6 2.66 18.90 6.92
N PRO A 7 3.95 18.51 6.77
CA PRO A 7 4.66 18.63 5.51
C PRO A 7 4.73 17.34 4.67
N LYS A 8 4.12 16.26 5.18
CA LYS A 8 4.27 14.93 4.61
C LYS A 8 5.73 14.48 4.66
N GLU A 9 6.48 14.89 3.64
CA GLU A 9 7.94 14.67 3.53
C GLU A 9 8.30 13.31 2.89
N PRO A 10 8.47 12.19 3.65
CA PRO A 10 8.96 10.94 3.08
C PRO A 10 7.86 10.00 2.62
N GLU A 11 7.79 9.77 1.31
CA GLU A 11 6.86 8.81 0.74
C GLU A 11 7.19 7.40 1.21
N GLN A 12 8.47 7.15 1.43
CA GLN A 12 8.95 5.82 1.81
C GLN A 12 8.25 5.31 3.07
N LEU A 13 8.38 6.05 4.16
CA LEU A 13 7.92 5.57 5.45
C LEU A 13 6.41 5.74 5.61
N ARG A 14 5.79 6.43 4.66
CA ARG A 14 4.34 6.62 4.67
C ARG A 14 3.67 5.70 3.68
N LYS A 15 4.47 4.94 2.95
CA LYS A 15 3.97 4.01 1.96
C LYS A 15 4.03 2.59 2.51
N LEU A 16 2.96 1.86 2.31
CA LEU A 16 2.87 0.48 2.80
C LEU A 16 3.03 -0.49 1.63
N PHE A 17 3.92 -1.44 1.79
CA PHE A 17 4.12 -2.50 0.81
C PHE A 17 3.17 -3.65 1.11
N ILE A 18 2.31 -3.96 0.16
CA ILE A 18 1.33 -5.01 0.35
C ILE A 18 1.64 -6.19 -0.55
N GLY A 19 2.37 -7.16 -0.03
CA GLY A 19 2.73 -8.30 -0.84
C GLY A 19 1.99 -9.55 -0.41
N GLY A 20 1.68 -10.41 -1.37
CA GLY A 20 1.03 -11.66 -1.06
C GLY A 20 -0.47 -11.58 -1.20
N LEU A 21 -0.93 -10.63 -2.00
CA LEU A 21 -2.36 -10.48 -2.24
C LEU A 21 -2.78 -11.28 -3.46
N SER A 22 -4.07 -11.50 -3.62
CA SER A 22 -4.59 -12.33 -4.68
C SER A 22 -4.53 -11.61 -6.03
N PHE A 23 -4.66 -12.37 -7.11
CA PHE A 23 -4.69 -11.79 -8.45
C PHE A 23 -6.04 -11.16 -8.70
N GLU A 24 -6.94 -11.35 -7.74
CA GLU A 24 -8.25 -10.75 -7.76
C GLU A 24 -8.20 -9.37 -7.12
N THR A 25 -7.13 -9.15 -6.38
CA THR A 25 -6.92 -7.89 -5.70
C THR A 25 -6.51 -6.80 -6.68
N THR A 26 -7.38 -5.82 -6.82
CA THR A 26 -7.13 -4.69 -7.71
C THR A 26 -7.08 -3.41 -6.90
N ASP A 27 -6.69 -2.32 -7.54
CA ASP A 27 -6.53 -1.03 -6.87
C ASP A 27 -7.75 -0.67 -6.02
N GLU A 28 -8.92 -0.82 -6.61
CA GLU A 28 -10.16 -0.45 -5.93
C GLU A 28 -10.41 -1.33 -4.70
N SER A 29 -10.07 -2.62 -4.79
CA SER A 29 -10.33 -3.51 -3.68
C SER A 29 -9.22 -3.40 -2.66
N LEU A 30 -8.02 -3.06 -3.13
CA LEU A 30 -6.85 -2.97 -2.27
C LEU A 30 -6.98 -1.74 -1.37
N ARG A 31 -7.23 -0.58 -1.98
CA ARG A 31 -7.28 0.65 -1.22
C ARG A 31 -8.47 0.65 -0.28
N SER A 32 -9.61 0.12 -0.72
CA SER A 32 -10.82 0.14 0.09
C SER A 32 -10.63 -0.64 1.39
N HIS A 33 -9.81 -1.69 1.34
CA HIS A 33 -9.49 -2.44 2.54
C HIS A 33 -8.56 -1.64 3.44
N PHE A 34 -7.55 -1.02 2.85
CA PHE A 34 -6.56 -0.31 3.65
C PHE A 34 -7.02 1.07 4.07
N GLU A 35 -8.11 1.56 3.48
CA GLU A 35 -8.69 2.83 3.87
C GLU A 35 -9.47 2.72 5.18
N GLN A 36 -9.45 1.53 5.76
CA GLN A 36 -10.15 1.29 7.02
C GLN A 36 -9.33 1.81 8.20
N TRP A 37 -8.01 1.72 8.08
CA TRP A 37 -7.13 2.15 9.16
C TRP A 37 -6.47 3.47 8.82
N GLY A 38 -6.94 4.11 7.76
CA GLY A 38 -6.37 5.37 7.36
C GLY A 38 -6.81 5.83 5.97
N THR A 39 -6.24 6.93 5.53
CA THR A 39 -6.56 7.49 4.23
C THR A 39 -5.40 7.30 3.26
N LEU A 40 -5.65 6.62 2.16
CA LEU A 40 -4.59 6.37 1.18
C LEU A 40 -4.54 7.50 0.17
N THR A 41 -3.54 8.37 0.32
CA THR A 41 -3.35 9.48 -0.58
C THR A 41 -2.85 8.96 -1.93
N ASP A 42 -2.14 7.85 -1.89
CA ASP A 42 -1.61 7.24 -3.10
C ASP A 42 -1.77 5.74 -3.05
N CYS A 43 -2.68 5.22 -3.84
CA CYS A 43 -2.87 3.79 -3.92
C CYS A 43 -2.49 3.30 -5.31
N VAL A 44 -2.01 2.06 -5.38
CA VAL A 44 -1.67 1.46 -6.65
C VAL A 44 -1.30 -0.01 -6.49
N VAL A 45 -1.74 -0.83 -7.44
CA VAL A 45 -1.37 -2.23 -7.47
C VAL A 45 -0.65 -2.55 -8.76
N MET A 46 0.39 -3.35 -8.66
CA MET A 46 1.17 -3.70 -9.82
C MET A 46 0.52 -4.84 -10.58
N ARG A 47 0.50 -4.72 -11.89
CA ARG A 47 -0.12 -5.72 -12.73
C ARG A 47 0.95 -6.52 -13.45
N ASP A 48 0.63 -7.76 -13.73
CA ASP A 48 1.52 -8.62 -14.49
C ASP A 48 1.80 -8.00 -15.84
N PRO A 49 3.06 -7.98 -16.29
CA PRO A 49 3.43 -7.37 -17.56
C PRO A 49 2.82 -8.10 -18.76
N ASN A 50 2.33 -9.31 -18.53
CA ASN A 50 1.75 -10.11 -19.60
C ASN A 50 0.24 -10.11 -19.48
N THR A 51 -0.25 -10.54 -18.33
CA THR A 51 -1.69 -10.70 -18.13
C THR A 51 -2.36 -9.36 -17.84
N LYS A 52 -1.59 -8.45 -17.22
CA LYS A 52 -2.08 -7.13 -16.84
C LYS A 52 -3.21 -7.23 -15.81
N ARG A 53 -3.21 -8.33 -15.06
CA ARG A 53 -4.22 -8.55 -14.02
C ARG A 53 -3.71 -8.07 -12.68
N SER A 54 -2.78 -8.83 -12.10
CA SER A 54 -2.17 -8.46 -10.84
C SER A 54 -0.82 -9.16 -10.71
N ARG A 55 0.08 -8.56 -9.94
CA ARG A 55 1.39 -9.14 -9.72
C ARG A 55 1.45 -9.84 -8.37
N GLY A 56 0.35 -9.77 -7.62
CA GLY A 56 0.33 -10.40 -6.31
C GLY A 56 0.85 -9.48 -5.22
N PHE A 57 0.92 -8.19 -5.53
CA PHE A 57 1.34 -7.18 -4.56
C PHE A 57 0.96 -5.78 -5.03
N GLY A 58 0.94 -4.85 -4.08
CA GLY A 58 0.62 -3.47 -4.39
C GLY A 58 1.14 -2.53 -3.31
N PHE A 59 0.85 -1.25 -3.43
CA PHE A 59 1.30 -0.26 -2.47
C PHE A 59 0.19 0.70 -2.10
N VAL A 60 0.30 1.24 -0.89
CA VAL A 60 -0.68 2.18 -0.36
C VAL A 60 -0.02 3.20 0.54
N THR A 61 -0.03 4.45 0.10
CA THR A 61 0.55 5.53 0.85
C THR A 61 -0.53 6.24 1.64
N TYR A 62 -0.36 6.29 2.95
CA TYR A 62 -1.36 6.88 3.82
C TYR A 62 -1.16 8.39 3.94
N ALA A 63 -2.09 9.04 4.61
CA ALA A 63 -2.03 10.48 4.79
C ALA A 63 -0.97 10.83 5.81
N THR A 64 -0.88 10.00 6.84
CA THR A 64 0.12 10.17 7.88
C THR A 64 0.65 8.81 8.31
N VAL A 65 1.85 8.81 8.84
CA VAL A 65 2.49 7.58 9.31
C VAL A 65 1.67 6.93 10.44
N GLU A 66 0.87 7.75 11.12
CA GLU A 66 0.00 7.26 12.18
C GLU A 66 -0.94 6.18 11.66
N GLU A 67 -1.42 6.37 10.44
CA GLU A 67 -2.35 5.44 9.83
C GLU A 67 -1.64 4.17 9.40
N VAL A 68 -0.42 4.33 8.89
CA VAL A 68 0.41 3.19 8.54
C VAL A 68 0.58 2.24 9.72
N ASP A 69 0.86 2.81 10.88
CA ASP A 69 1.05 2.03 12.10
C ASP A 69 -0.19 1.20 12.40
N ALA A 70 -1.35 1.85 12.32
CA ALA A 70 -2.61 1.19 12.64
C ALA A 70 -2.88 0.02 11.71
N ALA A 71 -2.55 0.21 10.43
CA ALA A 71 -2.73 -0.83 9.42
C ALA A 71 -1.80 -2.00 9.70
N MET A 72 -0.61 -1.70 10.21
CA MET A 72 0.36 -2.74 10.53
C MET A 72 -0.13 -3.59 11.69
N ASN A 73 -0.70 -2.92 12.69
CA ASN A 73 -1.23 -3.62 13.86
C ASN A 73 -2.44 -4.47 13.48
N ALA A 74 -2.99 -4.21 12.30
CA ALA A 74 -4.18 -4.89 11.82
C ALA A 74 -3.85 -6.23 11.18
N ARG A 75 -2.66 -6.76 11.48
CA ARG A 75 -2.26 -8.06 10.97
C ARG A 75 -2.81 -9.17 11.86
N PRO A 76 -3.07 -10.36 11.30
CA PRO A 76 -2.91 -10.64 9.87
C PRO A 76 -3.94 -9.88 9.03
N HIS A 77 -3.45 -9.05 8.13
CA HIS A 77 -4.31 -8.23 7.31
C HIS A 77 -5.04 -9.08 6.27
N LYS A 78 -6.29 -8.75 6.01
CA LYS A 78 -7.09 -9.52 5.08
C LYS A 78 -7.62 -8.64 3.95
N VAL A 79 -7.17 -8.91 2.73
CA VAL A 79 -7.64 -8.18 1.56
C VAL A 79 -8.13 -9.17 0.50
N ASP A 80 -9.37 -9.03 0.08
CA ASP A 80 -10.00 -9.92 -0.91
C ASP A 80 -10.09 -11.35 -0.39
N GLY A 81 -10.07 -11.51 0.93
CA GLY A 81 -10.08 -12.83 1.52
C GLY A 81 -8.69 -13.45 1.52
N ARG A 82 -7.69 -12.61 1.27
CA ARG A 82 -6.31 -13.04 1.23
C ARG A 82 -5.52 -12.39 2.34
N VAL A 83 -4.78 -13.20 3.09
CA VAL A 83 -3.93 -12.68 4.15
C VAL A 83 -2.68 -12.04 3.56
N VAL A 84 -2.63 -10.72 3.59
CA VAL A 84 -1.51 -9.99 3.01
C VAL A 84 -0.49 -9.66 4.09
N GLU A 85 0.59 -9.01 3.70
CA GLU A 85 1.62 -8.59 4.64
C GLU A 85 2.03 -7.16 4.35
N PRO A 86 1.42 -6.20 5.06
CA PRO A 86 1.73 -4.78 4.91
C PRO A 86 2.97 -4.37 5.70
N LYS A 87 3.98 -3.86 4.99
CA LYS A 87 5.23 -3.47 5.61
C LYS A 87 5.67 -2.10 5.10
N ARG A 88 6.61 -1.49 5.80
CA ARG A 88 7.17 -0.20 5.38
C ARG A 88 7.78 -0.34 3.99
N ALA A 89 7.25 0.42 3.04
CA ALA A 89 7.67 0.29 1.66
C ALA A 89 9.02 0.98 1.42
N VAL A 90 10.06 0.16 1.29
CA VAL A 90 11.40 0.63 0.98
C VAL A 90 11.42 1.44 -0.30
N SER A 91 12.21 2.51 -0.33
CA SER A 91 12.25 3.39 -1.50
C SER A 91 12.44 2.61 -2.79
N ARG A 92 11.63 2.92 -3.80
CA ARG A 92 11.68 2.23 -5.09
C ARG A 92 13.01 2.47 -5.79
N GLU A 93 13.73 3.50 -5.33
CA GLU A 93 15.07 3.78 -5.82
C GLU A 93 16.01 2.64 -5.46
N ASP A 94 15.89 2.16 -4.22
CA ASP A 94 16.75 1.10 -3.71
C ASP A 94 16.46 -0.22 -4.40
N SER A 95 15.19 -0.55 -4.51
CA SER A 95 14.78 -1.83 -5.05
C SER A 95 14.11 -1.69 -6.40
N GLN A 96 14.86 -1.99 -7.46
CA GLN A 96 14.32 -1.96 -8.82
C GLN A 96 13.70 -3.31 -9.17
N ARG A 97 14.17 -4.35 -8.53
CA ARG A 97 13.72 -5.70 -8.80
C ARG A 97 13.62 -6.49 -7.50
N ALA A 1 7.06 33.21 3.09
CA ALA A 1 8.22 32.38 2.74
C ALA A 1 7.81 31.27 1.78
N SER A 2 8.79 30.53 1.26
CA SER A 2 8.51 29.43 0.36
C SER A 2 8.33 28.15 1.16
N LYS A 3 7.13 27.61 1.12
CA LYS A 3 6.82 26.37 1.82
C LYS A 3 6.97 25.19 0.88
N SER A 4 6.69 24.01 1.37
CA SER A 4 6.73 22.82 0.55
C SER A 4 5.39 22.64 -0.16
N GLU A 5 5.39 22.76 -1.48
CA GLU A 5 4.18 22.59 -2.26
C GLU A 5 3.75 21.13 -2.24
N SER A 6 2.56 20.89 -1.70
CA SER A 6 2.11 19.55 -1.33
C SER A 6 2.96 19.03 -0.15
N PRO A 7 2.30 18.50 0.89
CA PRO A 7 2.98 18.04 2.11
C PRO A 7 4.24 17.24 1.81
N LYS A 8 5.40 17.87 2.02
CA LYS A 8 6.66 17.25 1.71
C LYS A 8 7.07 16.32 2.83
N GLU A 9 6.62 15.09 2.70
CA GLU A 9 6.87 14.07 3.69
C GLU A 9 7.15 12.77 2.95
N PRO A 10 8.31 12.14 3.22
CA PRO A 10 8.77 10.96 2.48
C PRO A 10 7.67 9.93 2.24
N GLU A 11 7.24 9.84 0.99
CA GLU A 11 6.21 8.90 0.60
C GLU A 11 6.67 7.47 0.87
N GLN A 12 7.98 7.30 0.94
CA GLN A 12 8.60 6.01 1.26
C GLN A 12 8.02 5.40 2.54
N LEU A 13 8.16 6.09 3.67
CA LEU A 13 7.79 5.52 4.95
C LEU A 13 6.29 5.64 5.19
N ARG A 14 5.60 6.35 4.31
CA ARG A 14 4.15 6.45 4.38
C ARG A 14 3.52 5.41 3.49
N LYS A 15 4.34 4.78 2.67
CA LYS A 15 3.88 3.74 1.77
C LYS A 15 4.08 2.38 2.41
N LEU A 16 3.10 1.52 2.24
CA LEU A 16 3.13 0.19 2.77
C LEU A 16 3.30 -0.82 1.63
N PHE A 17 4.28 -1.69 1.77
CA PHE A 17 4.53 -2.73 0.78
C PHE A 17 3.63 -3.92 1.07
N ILE A 18 2.66 -4.13 0.19
CA ILE A 18 1.66 -5.17 0.41
C ILE A 18 1.91 -6.33 -0.53
N GLY A 19 2.48 -7.41 -0.01
CA GLY A 19 2.74 -8.55 -0.83
C GLY A 19 2.01 -9.78 -0.35
N GLY A 20 1.82 -10.73 -1.25
CA GLY A 20 1.16 -11.97 -0.89
C GLY A 20 -0.34 -11.85 -0.91
N LEU A 21 -0.83 -10.95 -1.76
CA LEU A 21 -2.26 -10.73 -1.87
C LEU A 21 -2.85 -11.53 -3.03
N SER A 22 -4.15 -11.41 -3.21
CA SER A 22 -4.87 -12.17 -4.22
C SER A 22 -4.72 -11.53 -5.59
N PHE A 23 -4.79 -12.34 -6.63
CA PHE A 23 -4.74 -11.84 -8.00
C PHE A 23 -6.05 -11.13 -8.35
N GLU A 24 -7.00 -11.23 -7.44
CA GLU A 24 -8.30 -10.59 -7.60
C GLU A 24 -8.25 -9.22 -6.93
N THR A 25 -7.17 -8.98 -6.20
CA THR A 25 -6.92 -7.69 -5.57
C THR A 25 -6.47 -6.68 -6.62
N THR A 26 -7.30 -5.67 -6.85
CA THR A 26 -6.95 -4.61 -7.77
C THR A 26 -6.94 -3.28 -7.03
N ASP A 27 -6.69 -2.18 -7.74
CA ASP A 27 -6.54 -0.86 -7.12
C ASP A 27 -7.67 -0.54 -6.16
N GLU A 28 -8.90 -0.71 -6.62
CA GLU A 28 -10.06 -0.41 -5.79
C GLU A 28 -10.16 -1.34 -4.60
N SER A 29 -9.80 -2.61 -4.81
CA SER A 29 -9.84 -3.59 -3.74
C SER A 29 -8.75 -3.28 -2.72
N LEU A 30 -7.61 -2.84 -3.23
CA LEU A 30 -6.45 -2.56 -2.40
C LEU A 30 -6.75 -1.38 -1.49
N ARG A 31 -7.18 -0.27 -2.08
CA ARG A 31 -7.40 0.93 -1.30
C ARG A 31 -8.57 0.76 -0.34
N SER A 32 -9.65 0.14 -0.79
CA SER A 32 -10.85 0.01 0.05
C SER A 32 -10.57 -0.85 1.28
N HIS A 33 -9.72 -1.86 1.13
CA HIS A 33 -9.38 -2.73 2.25
C HIS A 33 -8.33 -2.10 3.14
N PHE A 34 -7.69 -1.02 2.69
CA PHE A 34 -6.71 -0.34 3.51
C PHE A 34 -7.19 1.02 4.02
N GLU A 35 -8.18 1.61 3.35
CA GLU A 35 -8.71 2.91 3.74
C GLU A 35 -9.60 2.79 4.99
N GLN A 36 -9.50 1.67 5.67
CA GLN A 36 -10.24 1.43 6.89
C GLN A 36 -9.50 1.96 8.10
N TRP A 37 -8.17 1.90 8.03
CA TRP A 37 -7.33 2.34 9.15
C TRP A 37 -6.71 3.69 8.85
N GLY A 38 -7.19 4.34 7.80
CA GLY A 38 -6.68 5.64 7.45
C GLY A 38 -7.09 6.07 6.06
N THR A 39 -6.45 7.12 5.56
CA THR A 39 -6.76 7.67 4.26
C THR A 39 -5.62 7.41 3.28
N LEU A 40 -5.90 6.73 2.18
CA LEU A 40 -4.86 6.45 1.20
C LEU A 40 -4.81 7.58 0.18
N THR A 41 -3.71 8.29 0.17
CA THR A 41 -3.49 9.33 -0.81
C THR A 41 -2.99 8.73 -2.11
N ASP A 42 -2.39 7.55 -1.97
CA ASP A 42 -1.84 6.81 -3.08
C ASP A 42 -2.10 5.32 -2.88
N CYS A 43 -2.63 4.67 -3.88
CA CYS A 43 -2.92 3.25 -3.79
C CYS A 43 -2.67 2.60 -5.15
N VAL A 44 -2.13 1.40 -5.17
CA VAL A 44 -1.83 0.74 -6.43
C VAL A 44 -1.52 -0.74 -6.24
N VAL A 45 -1.78 -1.50 -7.29
CA VAL A 45 -1.35 -2.88 -7.37
C VAL A 45 -0.46 -3.02 -8.60
N MET A 46 0.61 -3.79 -8.50
CA MET A 46 1.45 -4.01 -9.68
C MET A 46 0.84 -5.10 -10.53
N ARG A 47 0.86 -4.90 -11.83
CA ARG A 47 0.18 -5.80 -12.75
C ARG A 47 1.19 -6.58 -13.58
N ASP A 48 0.75 -7.71 -14.11
CA ASP A 48 1.56 -8.50 -15.03
C ASP A 48 1.87 -7.65 -16.25
N PRO A 49 3.10 -7.69 -16.76
CA PRO A 49 3.50 -6.89 -17.92
C PRO A 49 2.79 -7.33 -19.20
N ASN A 50 2.18 -8.51 -19.16
CA ASN A 50 1.53 -9.07 -20.33
C ASN A 50 0.02 -9.01 -20.18
N THR A 51 -0.48 -9.49 -19.04
CA THR A 51 -1.92 -9.59 -18.83
C THR A 51 -2.48 -8.31 -18.22
N LYS A 52 -1.66 -7.62 -17.43
CA LYS A 52 -2.05 -6.40 -16.74
C LYS A 52 -3.16 -6.65 -15.71
N ARG A 53 -3.19 -7.84 -15.13
CA ARG A 53 -4.17 -8.12 -14.08
C ARG A 53 -3.58 -7.86 -12.70
N SER A 54 -2.72 -8.73 -12.22
CA SER A 54 -2.10 -8.55 -10.91
C SER A 54 -0.80 -9.34 -10.79
N ARG A 55 0.17 -8.77 -10.10
CA ARG A 55 1.43 -9.44 -9.85
C ARG A 55 1.49 -9.99 -8.43
N GLY A 56 0.34 -9.99 -7.76
CA GLY A 56 0.25 -10.59 -6.44
C GLY A 56 0.80 -9.72 -5.33
N PHE A 57 0.91 -8.42 -5.60
CA PHE A 57 1.38 -7.47 -4.61
C PHE A 57 1.08 -6.04 -5.06
N GLY A 58 1.08 -5.11 -4.12
CA GLY A 58 0.80 -3.74 -4.42
C GLY A 58 1.34 -2.79 -3.38
N PHE A 59 0.92 -1.53 -3.44
CA PHE A 59 1.40 -0.51 -2.53
C PHE A 59 0.24 0.36 -2.06
N VAL A 60 0.41 0.94 -0.89
CA VAL A 60 -0.60 1.76 -0.28
C VAL A 60 0.05 2.87 0.53
N THR A 61 -0.30 4.10 0.24
CA THR A 61 0.27 5.24 0.94
C THR A 61 -0.81 5.98 1.71
N TYR A 62 -0.66 6.02 3.02
CA TYR A 62 -1.62 6.70 3.88
C TYR A 62 -1.32 8.19 3.95
N ALA A 63 -2.21 8.93 4.59
CA ALA A 63 -2.06 10.37 4.71
C ALA A 63 -0.95 10.70 5.69
N THR A 64 -0.80 9.82 6.66
CA THR A 64 0.24 9.94 7.66
C THR A 64 0.68 8.55 8.12
N VAL A 65 1.91 8.45 8.61
CA VAL A 65 2.48 7.19 9.02
C VAL A 65 1.72 6.59 10.21
N GLU A 66 0.98 7.42 10.92
CA GLU A 66 0.15 6.97 12.03
C GLU A 66 -0.93 6.01 11.55
N GLU A 67 -1.38 6.21 10.32
CA GLU A 67 -2.39 5.35 9.73
C GLU A 67 -1.74 4.06 9.26
N VAL A 68 -0.50 4.18 8.79
CA VAL A 68 0.32 3.01 8.46
C VAL A 68 0.49 2.12 9.68
N ASP A 69 0.78 2.75 10.80
CA ASP A 69 0.92 2.04 12.07
C ASP A 69 -0.36 1.27 12.40
N ALA A 70 -1.50 1.93 12.23
CA ALA A 70 -2.79 1.32 12.51
C ALA A 70 -3.01 0.09 11.62
N ALA A 71 -2.61 0.19 10.37
CA ALA A 71 -2.74 -0.91 9.43
C ALA A 71 -1.83 -2.07 9.81
N MET A 72 -0.62 -1.74 10.26
CA MET A 72 0.33 -2.75 10.72
C MET A 72 -0.21 -3.47 11.96
N ASN A 73 -0.74 -2.69 12.89
CA ASN A 73 -1.26 -3.24 14.14
C ASN A 73 -2.54 -4.04 13.90
N ALA A 74 -3.10 -3.90 12.71
CA ALA A 74 -4.31 -4.61 12.35
C ALA A 74 -3.99 -6.03 11.87
N ARG A 75 -2.70 -6.34 11.77
CA ARG A 75 -2.25 -7.68 11.40
C ARG A 75 -2.81 -8.71 12.39
N PRO A 76 -3.26 -9.89 11.90
CA PRO A 76 -3.21 -10.25 10.48
C PRO A 76 -4.20 -9.47 9.63
N HIS A 77 -3.69 -8.84 8.59
CA HIS A 77 -4.50 -8.04 7.68
C HIS A 77 -5.24 -8.94 6.69
N LYS A 78 -6.37 -8.47 6.19
CA LYS A 78 -7.16 -9.23 5.24
C LYS A 78 -7.58 -8.37 4.06
N VAL A 79 -7.10 -8.72 2.88
CA VAL A 79 -7.45 -8.00 1.67
C VAL A 79 -7.93 -8.98 0.59
N ASP A 80 -9.16 -8.81 0.14
CA ASP A 80 -9.74 -9.62 -0.93
C ASP A 80 -9.78 -11.10 -0.53
N GLY A 81 -10.04 -11.35 0.75
CA GLY A 81 -10.09 -12.71 1.25
C GLY A 81 -8.71 -13.34 1.36
N ARG A 82 -7.68 -12.51 1.28
CA ARG A 82 -6.31 -12.96 1.37
C ARG A 82 -5.57 -12.25 2.50
N VAL A 83 -4.84 -13.00 3.30
CA VAL A 83 -4.02 -12.40 4.35
C VAL A 83 -2.78 -11.77 3.73
N VAL A 84 -2.70 -10.46 3.81
CA VAL A 84 -1.59 -9.74 3.20
C VAL A 84 -0.54 -9.39 4.23
N GLU A 85 0.66 -9.13 3.76
CA GLU A 85 1.76 -8.77 4.65
C GLU A 85 2.21 -7.35 4.37
N PRO A 86 1.79 -6.41 5.22
CA PRO A 86 2.09 -4.99 5.05
C PRO A 86 3.36 -4.55 5.78
N LYS A 87 4.37 -4.17 5.02
CA LYS A 87 5.64 -3.71 5.60
C LYS A 87 5.98 -2.32 5.10
N ARG A 88 6.88 -1.64 5.79
CA ARG A 88 7.31 -0.30 5.39
C ARG A 88 7.99 -0.35 4.02
N ALA A 89 7.64 0.59 3.16
CA ALA A 89 8.18 0.61 1.81
C ALA A 89 9.57 1.22 1.75
N VAL A 90 10.24 0.98 0.64
CA VAL A 90 11.58 1.49 0.39
C VAL A 90 11.52 2.52 -0.74
N SER A 91 12.42 3.49 -0.72
CA SER A 91 12.49 4.45 -1.82
C SER A 91 12.73 3.70 -3.13
N ARG A 92 11.93 4.02 -4.15
CA ARG A 92 11.97 3.28 -5.40
C ARG A 92 13.33 3.43 -6.07
N GLU A 93 13.96 4.58 -5.89
CA GLU A 93 15.27 4.83 -6.47
C GLU A 93 16.30 3.89 -5.85
N ASP A 94 16.12 3.59 -4.58
CA ASP A 94 17.04 2.75 -3.83
C ASP A 94 17.00 1.33 -4.33
N SER A 95 15.81 0.85 -4.61
CA SER A 95 15.60 -0.55 -4.90
C SER A 95 15.95 -0.86 -6.36
N GLN A 96 15.99 0.18 -7.18
CA GLN A 96 16.35 0.02 -8.59
C GLN A 96 17.85 -0.26 -8.72
N ARG A 97 18.19 -1.53 -8.79
CA ARG A 97 19.57 -1.97 -8.97
C ARG A 97 19.62 -3.13 -9.94
N ALA A 1 -12.20 11.08 3.02
CA ALA A 1 -11.63 12.35 3.54
C ALA A 1 -10.63 12.93 2.55
N SER A 2 -10.99 14.05 1.94
CA SER A 2 -10.14 14.71 0.97
C SER A 2 -9.30 15.79 1.65
N LYS A 3 -8.02 15.51 1.83
CA LYS A 3 -7.11 16.44 2.49
C LYS A 3 -6.67 17.54 1.53
N SER A 4 -6.44 18.73 2.05
CA SER A 4 -5.90 19.82 1.28
C SER A 4 -4.38 19.79 1.36
N GLU A 5 -3.88 19.53 2.56
CA GLU A 5 -2.46 19.41 2.79
C GLU A 5 -2.08 17.96 3.02
N SER A 6 -1.34 17.40 2.07
CA SER A 6 -0.87 16.03 2.18
C SER A 6 0.39 15.98 3.05
N PRO A 7 0.30 15.30 4.20
CA PRO A 7 1.41 15.21 5.16
C PRO A 7 2.48 14.21 4.74
N LYS A 8 2.26 13.59 3.58
CA LYS A 8 3.18 12.57 3.10
C LYS A 8 4.37 13.18 2.35
N GLU A 9 5.24 13.85 3.09
CA GLU A 9 6.46 14.41 2.53
C GLU A 9 7.36 13.29 2.01
N PRO A 10 7.77 12.33 2.88
CA PRO A 10 8.45 11.13 2.44
C PRO A 10 7.45 10.02 2.14
N GLU A 11 7.23 9.78 0.86
CA GLU A 11 6.28 8.77 0.44
C GLU A 11 6.80 7.38 0.75
N GLN A 12 8.13 7.26 0.83
CA GLN A 12 8.77 6.00 1.18
C GLN A 12 8.25 5.46 2.50
N LEU A 13 8.39 6.26 3.55
CA LEU A 13 8.14 5.78 4.91
C LEU A 13 6.64 5.81 5.24
N ARG A 14 5.86 6.44 4.37
CA ARG A 14 4.41 6.50 4.55
C ARG A 14 3.70 5.54 3.60
N LYS A 15 4.47 4.86 2.76
CA LYS A 15 3.91 3.90 1.83
C LYS A 15 4.00 2.50 2.42
N LEU A 16 2.95 1.74 2.21
CA LEU A 16 2.87 0.39 2.73
C LEU A 16 3.05 -0.60 1.59
N PHE A 17 4.00 -1.51 1.76
CA PHE A 17 4.24 -2.57 0.79
C PHE A 17 3.35 -3.75 1.10
N ILE A 18 2.52 -4.12 0.14
CA ILE A 18 1.56 -5.19 0.35
C ILE A 18 1.90 -6.39 -0.51
N GLY A 19 2.58 -7.36 0.07
CA GLY A 19 2.93 -8.55 -0.67
C GLY A 19 2.09 -9.74 -0.26
N GLY A 20 1.79 -10.61 -1.21
CA GLY A 20 1.06 -11.81 -0.91
C GLY A 20 -0.42 -11.69 -1.21
N LEU A 21 -0.79 -10.67 -1.96
CA LEU A 21 -2.19 -10.45 -2.30
C LEU A 21 -2.56 -11.24 -3.56
N SER A 22 -3.86 -11.37 -3.81
CA SER A 22 -4.35 -12.20 -4.89
C SER A 22 -4.23 -11.49 -6.23
N PHE A 23 -4.51 -12.21 -7.31
CA PHE A 23 -4.52 -11.63 -8.63
C PHE A 23 -5.85 -10.93 -8.88
N GLU A 24 -6.73 -11.05 -7.89
CA GLU A 24 -8.01 -10.38 -7.93
C GLU A 24 -7.93 -9.09 -7.12
N THR A 25 -6.80 -8.91 -6.44
CA THR A 25 -6.53 -7.69 -5.71
C THR A 25 -6.12 -6.58 -6.66
N THR A 26 -7.10 -5.79 -7.08
CA THR A 26 -6.84 -4.65 -7.93
C THR A 26 -6.70 -3.39 -7.07
N ASP A 27 -6.23 -2.30 -7.68
CA ASP A 27 -5.92 -1.09 -6.93
C ASP A 27 -7.13 -0.56 -6.17
N GLU A 28 -8.28 -0.61 -6.81
CA GLU A 28 -9.53 -0.17 -6.20
C GLU A 28 -9.88 -1.07 -5.01
N SER A 29 -9.66 -2.37 -5.15
CA SER A 29 -9.93 -3.30 -4.07
C SER A 29 -8.91 -3.10 -2.94
N LEU A 30 -7.67 -2.83 -3.34
CA LEU A 30 -6.58 -2.66 -2.39
C LEU A 30 -6.82 -1.45 -1.51
N ARG A 31 -7.05 -0.30 -2.15
CA ARG A 31 -7.23 0.95 -1.41
C ARG A 31 -8.44 0.83 -0.47
N SER A 32 -9.49 0.17 -0.94
CA SER A 32 -10.71 0.04 -0.16
C SER A 32 -10.44 -0.71 1.15
N HIS A 33 -9.60 -1.73 1.08
CA HIS A 33 -9.31 -2.55 2.26
C HIS A 33 -8.21 -1.93 3.11
N PHE A 34 -7.61 -0.84 2.65
CA PHE A 34 -6.61 -0.15 3.45
C PHE A 34 -7.10 1.22 3.92
N GLU A 35 -8.15 1.74 3.28
CA GLU A 35 -8.75 3.00 3.69
C GLU A 35 -9.60 2.79 4.95
N GLN A 36 -9.56 1.58 5.47
CA GLN A 36 -10.32 1.25 6.67
C GLN A 36 -9.67 1.83 7.91
N TRP A 37 -8.35 1.69 8.00
CA TRP A 37 -7.60 2.14 9.16
C TRP A 37 -6.95 3.51 8.92
N GLY A 38 -7.24 4.10 7.77
CA GLY A 38 -6.65 5.39 7.46
C GLY A 38 -6.98 5.87 6.06
N THR A 39 -6.45 7.03 5.70
CA THR A 39 -6.70 7.63 4.40
C THR A 39 -5.53 7.41 3.46
N LEU A 40 -5.78 6.81 2.29
CA LEU A 40 -4.71 6.60 1.34
C LEU A 40 -4.61 7.79 0.39
N THR A 41 -3.53 8.54 0.52
CA THR A 41 -3.26 9.65 -0.37
C THR A 41 -2.75 9.11 -1.71
N ASP A 42 -2.19 7.91 -1.64
CA ASP A 42 -1.69 7.20 -2.80
C ASP A 42 -1.94 5.71 -2.63
N CYS A 43 -2.19 5.01 -3.72
CA CYS A 43 -2.40 3.58 -3.68
C CYS A 43 -2.42 3.03 -5.10
N VAL A 44 -1.85 1.85 -5.28
CA VAL A 44 -1.75 1.25 -6.60
C VAL A 44 -1.28 -0.19 -6.47
N VAL A 45 -1.73 -1.04 -7.38
CA VAL A 45 -1.26 -2.41 -7.42
C VAL A 45 -0.32 -2.61 -8.59
N MET A 46 0.53 -3.61 -8.50
CA MET A 46 1.38 -3.97 -9.61
C MET A 46 0.69 -5.03 -10.43
N ARG A 47 0.78 -4.94 -11.74
CA ARG A 47 0.04 -5.85 -12.60
C ARG A 47 0.98 -6.64 -13.48
N ASP A 48 0.55 -7.82 -13.84
CA ASP A 48 1.29 -8.66 -14.77
C ASP A 48 1.33 -8.00 -16.14
N PRO A 49 2.47 -8.03 -16.81
CA PRO A 49 2.61 -7.43 -18.14
C PRO A 49 1.75 -8.13 -19.19
N ASN A 50 1.33 -9.36 -18.88
CA ASN A 50 0.56 -10.16 -19.82
C ASN A 50 -0.91 -10.18 -19.42
N THR A 51 -1.17 -10.62 -18.20
CA THR A 51 -2.54 -10.79 -17.72
C THR A 51 -3.16 -9.45 -17.34
N LYS A 52 -2.33 -8.52 -16.87
CA LYS A 52 -2.79 -7.21 -16.42
C LYS A 52 -3.73 -7.35 -15.23
N ARG A 53 -3.51 -8.39 -14.43
CA ARG A 53 -4.32 -8.63 -13.23
C ARG A 53 -3.63 -7.99 -12.03
N SER A 54 -2.64 -8.68 -11.50
CA SER A 54 -1.80 -8.14 -10.46
C SER A 54 -0.48 -8.89 -10.49
N ARG A 55 0.41 -8.55 -9.57
CA ARG A 55 1.71 -9.19 -9.49
C ARG A 55 1.91 -9.83 -8.12
N GLY A 56 0.81 -10.00 -7.40
CA GLY A 56 0.89 -10.59 -6.08
C GLY A 56 1.32 -9.59 -5.02
N PHE A 57 1.40 -8.31 -5.42
CA PHE A 57 1.75 -7.26 -4.48
C PHE A 57 1.31 -5.89 -4.99
N GLY A 58 1.22 -4.95 -4.06
CA GLY A 58 0.81 -3.60 -4.39
C GLY A 58 1.27 -2.60 -3.34
N PHE A 59 0.86 -1.35 -3.48
CA PHE A 59 1.29 -0.30 -2.55
C PHE A 59 0.13 0.60 -2.13
N VAL A 60 0.27 1.18 -0.96
CA VAL A 60 -0.73 2.05 -0.35
C VAL A 60 -0.03 3.08 0.53
N THR A 61 -0.15 4.35 0.17
CA THR A 61 0.45 5.41 0.95
C THR A 61 -0.62 6.13 1.74
N TYR A 62 -0.56 6.05 3.06
CA TYR A 62 -1.51 6.71 3.91
C TYR A 62 -1.23 8.21 3.97
N ALA A 63 -2.03 8.93 4.74
CA ALA A 63 -1.85 10.35 4.91
C ALA A 63 -0.76 10.60 5.94
N THR A 64 -0.74 9.76 6.95
CA THR A 64 0.25 9.86 8.01
C THR A 64 0.65 8.47 8.51
N VAL A 65 1.86 8.38 9.06
CA VAL A 65 2.42 7.10 9.51
C VAL A 65 1.54 6.41 10.56
N GLU A 66 0.81 7.19 11.34
CA GLU A 66 -0.04 6.62 12.39
C GLU A 66 -1.17 5.78 11.81
N GLU A 67 -1.48 6.01 10.54
CA GLU A 67 -2.48 5.21 9.85
C GLU A 67 -1.83 3.93 9.34
N VAL A 68 -0.60 4.07 8.86
CA VAL A 68 0.20 2.93 8.43
C VAL A 68 0.34 1.93 9.56
N ASP A 69 0.78 2.42 10.71
CA ASP A 69 0.98 1.58 11.87
C ASP A 69 -0.35 0.98 12.34
N ALA A 70 -1.44 1.72 12.19
CA ALA A 70 -2.75 1.22 12.56
C ALA A 70 -3.12 0.00 11.72
N ALA A 71 -2.80 0.07 10.43
CA ALA A 71 -3.01 -1.06 9.54
C ALA A 71 -2.10 -2.21 9.91
N MET A 72 -0.90 -1.89 10.38
CA MET A 72 0.06 -2.90 10.81
C MET A 72 -0.42 -3.57 12.10
N ASN A 73 -1.09 -2.80 12.95
CA ASN A 73 -1.67 -3.34 14.18
C ASN A 73 -2.88 -4.22 13.89
N ALA A 74 -3.36 -4.13 12.65
CA ALA A 74 -4.54 -4.86 12.25
C ALA A 74 -4.17 -6.17 11.56
N ARG A 75 -2.93 -6.60 11.73
CA ARG A 75 -2.48 -7.86 11.15
C ARG A 75 -2.94 -9.04 12.00
N PRO A 76 -3.17 -10.22 11.38
CA PRO A 76 -2.96 -10.44 9.94
C PRO A 76 -3.99 -9.71 9.10
N HIS A 77 -3.50 -8.87 8.19
CA HIS A 77 -4.36 -8.08 7.33
C HIS A 77 -5.05 -8.95 6.29
N LYS A 78 -6.24 -8.56 5.87
CA LYS A 78 -7.02 -9.34 4.92
C LYS A 78 -7.49 -8.46 3.76
N VAL A 79 -6.95 -8.72 2.57
CA VAL A 79 -7.34 -7.97 1.37
C VAL A 79 -7.82 -8.95 0.31
N ASP A 80 -9.06 -8.75 -0.15
CA ASP A 80 -9.69 -9.64 -1.13
C ASP A 80 -9.79 -11.06 -0.59
N GLY A 81 -9.94 -11.17 0.73
CA GLY A 81 -9.98 -12.47 1.36
C GLY A 81 -8.63 -13.15 1.33
N ARG A 82 -7.59 -12.34 1.22
CA ARG A 82 -6.23 -12.84 1.17
C ARG A 82 -5.41 -12.22 2.29
N VAL A 83 -4.74 -13.07 3.06
CA VAL A 83 -3.87 -12.59 4.13
C VAL A 83 -2.62 -11.97 3.55
N VAL A 84 -2.53 -10.65 3.60
CA VAL A 84 -1.40 -9.94 3.04
C VAL A 84 -0.42 -9.56 4.15
N GLU A 85 0.75 -9.09 3.74
CA GLU A 85 1.75 -8.64 4.69
C GLU A 85 2.17 -7.21 4.36
N PRO A 86 1.69 -6.25 5.17
CA PRO A 86 1.95 -4.83 4.95
C PRO A 86 3.19 -4.34 5.70
N LYS A 87 4.22 -3.96 4.96
CA LYS A 87 5.47 -3.50 5.55
C LYS A 87 5.82 -2.10 5.05
N ARG A 88 6.70 -1.40 5.77
CA ARG A 88 7.15 -0.07 5.38
C ARG A 88 7.88 -0.15 4.04
N ALA A 89 7.47 0.67 3.09
CA ALA A 89 8.04 0.63 1.75
C ALA A 89 9.46 1.20 1.72
N VAL A 90 10.23 0.75 0.73
CA VAL A 90 11.60 1.22 0.53
C VAL A 90 11.63 2.18 -0.66
N SER A 91 12.44 3.22 -0.56
CA SER A 91 12.55 4.20 -1.62
C SER A 91 12.90 3.54 -2.96
N ARG A 92 12.07 3.76 -3.97
CA ARG A 92 12.31 3.22 -5.30
C ARG A 92 13.56 3.88 -5.90
N GLU A 93 13.91 5.02 -5.35
CA GLU A 93 15.13 5.72 -5.72
C GLU A 93 16.35 4.89 -5.33
N ASP A 94 16.28 4.27 -4.16
CA ASP A 94 17.32 3.37 -3.68
C ASP A 94 17.21 2.03 -4.39
N SER A 95 15.98 1.58 -4.58
CA SER A 95 15.69 0.31 -5.22
C SER A 95 16.28 0.27 -6.63
N GLN A 96 16.05 1.34 -7.40
CA GLN A 96 16.53 1.47 -8.80
C GLN A 96 16.33 0.17 -9.58
N ARG A 97 15.22 -0.49 -9.30
CA ARG A 97 14.90 -1.77 -9.89
C ARG A 97 13.90 -1.57 -11.03
N ALA A 1 9.99 28.46 -6.64
CA ALA A 1 11.30 29.06 -6.33
C ALA A 1 12.27 28.01 -5.82
N SER A 2 13.56 28.26 -5.99
CA SER A 2 14.58 27.33 -5.54
C SER A 2 14.75 27.41 -4.03
N LYS A 3 14.92 26.24 -3.41
CA LYS A 3 15.04 26.13 -1.96
C LYS A 3 13.80 26.69 -1.28
N SER A 4 12.64 26.16 -1.65
CA SER A 4 11.39 26.55 -1.05
C SER A 4 11.00 25.54 0.01
N GLU A 5 10.31 26.00 1.05
CA GLU A 5 9.86 25.11 2.11
C GLU A 5 8.70 24.25 1.65
N SER A 6 9.01 23.16 0.96
CA SER A 6 8.02 22.20 0.56
C SER A 6 7.94 21.08 1.61
N PRO A 7 6.90 21.09 2.43
CA PRO A 7 6.71 20.10 3.48
C PRO A 7 6.20 18.78 2.92
N LYS A 8 7.07 17.78 2.88
CA LYS A 8 6.70 16.49 2.36
C LYS A 8 7.31 15.38 3.21
N GLU A 9 6.44 14.66 3.91
CA GLU A 9 6.87 13.51 4.67
C GLU A 9 7.12 12.35 3.71
N PRO A 10 8.25 11.63 3.88
CA PRO A 10 8.70 10.60 2.95
C PRO A 10 7.57 9.72 2.43
N GLU A 11 7.32 9.82 1.13
CA GLU A 11 6.31 9.02 0.46
C GLU A 11 6.61 7.53 0.64
N GLN A 12 7.89 7.21 0.58
CA GLN A 12 8.35 5.84 0.82
C GLN A 12 7.91 5.32 2.19
N LEU A 13 8.11 6.14 3.23
CA LEU A 13 7.88 5.69 4.59
C LEU A 13 6.40 5.69 4.95
N ARG A 14 5.60 6.42 4.17
CA ARG A 14 4.16 6.44 4.37
C ARG A 14 3.47 5.43 3.47
N LYS A 15 4.20 4.95 2.48
CA LYS A 15 3.71 3.91 1.59
C LYS A 15 3.86 2.54 2.23
N LEU A 16 2.77 1.78 2.21
CA LEU A 16 2.79 0.40 2.65
C LEU A 16 3.05 -0.54 1.48
N PHE A 17 4.00 -1.44 1.67
CA PHE A 17 4.26 -2.48 0.71
C PHE A 17 3.40 -3.70 1.02
N ILE A 18 2.48 -4.00 0.14
CA ILE A 18 1.54 -5.09 0.37
C ILE A 18 1.85 -6.26 -0.55
N GLY A 19 2.57 -7.23 -0.03
CA GLY A 19 2.94 -8.38 -0.83
C GLY A 19 2.19 -9.62 -0.45
N GLY A 20 1.89 -10.46 -1.43
CA GLY A 20 1.22 -11.71 -1.15
C GLY A 20 -0.29 -11.58 -1.16
N LEU A 21 -0.80 -10.69 -2.00
CA LEU A 21 -2.23 -10.48 -2.09
C LEU A 21 -2.83 -11.25 -3.26
N SER A 22 -4.15 -11.20 -3.37
CA SER A 22 -4.87 -11.95 -4.37
C SER A 22 -4.69 -11.33 -5.75
N PHE A 23 -4.85 -12.14 -6.79
CA PHE A 23 -4.78 -11.65 -8.15
C PHE A 23 -6.07 -10.95 -8.53
N GLU A 24 -7.03 -10.96 -7.61
CA GLU A 24 -8.27 -10.22 -7.79
C GLU A 24 -8.17 -8.89 -7.06
N THR A 25 -7.11 -8.74 -6.27
CA THR A 25 -6.88 -7.52 -5.54
C THR A 25 -6.47 -6.39 -6.49
N THR A 26 -7.45 -5.63 -6.94
CA THR A 26 -7.20 -4.52 -7.82
C THR A 26 -7.04 -3.23 -7.01
N ASP A 27 -6.64 -2.16 -7.68
CA ASP A 27 -6.34 -0.88 -7.04
C ASP A 27 -7.47 -0.43 -6.12
N GLU A 28 -8.66 -0.32 -6.67
CA GLU A 28 -9.82 0.11 -5.91
C GLU A 28 -10.10 -0.84 -4.76
N SER A 29 -9.89 -2.13 -4.99
CA SER A 29 -10.17 -3.13 -3.98
C SER A 29 -9.15 -3.03 -2.86
N LEU A 30 -7.91 -2.72 -3.22
CA LEU A 30 -6.83 -2.64 -2.26
C LEU A 30 -7.05 -1.49 -1.31
N ARG A 31 -7.29 -0.31 -1.86
CA ARG A 31 -7.45 0.88 -1.04
C ARG A 31 -8.67 0.75 -0.15
N SER A 32 -9.75 0.15 -0.67
CA SER A 32 -10.99 0.03 0.10
C SER A 32 -10.79 -0.79 1.37
N HIS A 33 -9.94 -1.82 1.28
CA HIS A 33 -9.67 -2.68 2.42
C HIS A 33 -8.63 -2.04 3.35
N PHE A 34 -7.97 -1.00 2.89
CA PHE A 34 -6.98 -0.31 3.71
C PHE A 34 -7.49 1.04 4.21
N GLU A 35 -8.56 1.55 3.62
CA GLU A 35 -9.17 2.82 4.06
C GLU A 35 -9.79 2.69 5.45
N GLN A 36 -9.71 1.50 6.01
CA GLN A 36 -10.36 1.21 7.28
C GLN A 36 -9.51 1.63 8.47
N TRP A 37 -8.22 1.80 8.26
CA TRP A 37 -7.33 2.25 9.33
C TRP A 37 -6.72 3.58 8.98
N GLY A 38 -7.26 4.23 7.95
CA GLY A 38 -6.76 5.53 7.56
C GLY A 38 -7.12 5.92 6.14
N THR A 39 -6.50 6.99 5.67
CA THR A 39 -6.76 7.54 4.34
C THR A 39 -5.60 7.24 3.39
N LEU A 40 -5.87 6.66 2.23
CA LEU A 40 -4.79 6.39 1.28
C LEU A 40 -4.62 7.54 0.30
N THR A 41 -3.48 8.19 0.42
CA THR A 41 -3.13 9.29 -0.46
C THR A 41 -2.48 8.78 -1.74
N ASP A 42 -1.95 7.56 -1.68
CA ASP A 42 -1.28 6.96 -2.83
C ASP A 42 -1.44 5.45 -2.83
N CYS A 43 -2.47 4.97 -3.47
CA CYS A 43 -2.68 3.54 -3.59
C CYS A 43 -2.46 3.10 -5.03
N VAL A 44 -1.94 1.90 -5.21
CA VAL A 44 -1.67 1.38 -6.55
C VAL A 44 -1.32 -0.10 -6.49
N VAL A 45 -1.87 -0.87 -7.42
CA VAL A 45 -1.52 -2.28 -7.53
C VAL A 45 -0.73 -2.55 -8.80
N MET A 46 0.15 -3.52 -8.72
CA MET A 46 1.00 -3.89 -9.85
C MET A 46 0.43 -5.09 -10.54
N ARG A 47 0.50 -5.09 -11.85
CA ARG A 47 -0.12 -6.11 -12.65
C ARG A 47 0.91 -6.77 -13.55
N ASP A 48 0.65 -8.01 -13.96
CA ASP A 48 1.57 -8.76 -14.80
C ASP A 48 1.89 -7.97 -16.06
N PRO A 49 3.16 -7.95 -16.47
CA PRO A 49 3.58 -7.23 -17.67
C PRO A 49 3.05 -7.87 -18.95
N ASN A 50 2.58 -9.10 -18.83
CA ASN A 50 2.12 -9.86 -19.99
C ASN A 50 0.60 -9.96 -19.98
N THR A 51 0.06 -10.46 -18.88
CA THR A 51 -1.37 -10.68 -18.76
C THR A 51 -2.08 -9.38 -18.35
N LYS A 52 -1.34 -8.53 -17.65
CA LYS A 52 -1.85 -7.27 -17.12
C LYS A 52 -2.95 -7.51 -16.10
N ARG A 53 -2.86 -8.62 -15.38
CA ARG A 53 -3.82 -8.94 -14.33
C ARG A 53 -3.34 -8.42 -12.97
N SER A 54 -2.46 -9.16 -12.32
CA SER A 54 -1.92 -8.74 -11.02
C SER A 54 -0.58 -9.41 -10.74
N ARG A 55 0.31 -8.68 -10.08
CA ARG A 55 1.63 -9.20 -9.73
C ARG A 55 1.65 -9.87 -8.37
N GLY A 56 0.52 -9.83 -7.67
CA GLY A 56 0.44 -10.45 -6.35
C GLY A 56 0.95 -9.53 -5.26
N PHE A 57 0.99 -8.24 -5.55
CA PHE A 57 1.40 -7.24 -4.58
C PHE A 57 0.95 -5.85 -5.04
N GLY A 58 1.01 -4.90 -4.12
CA GLY A 58 0.65 -3.54 -4.43
C GLY A 58 1.12 -2.61 -3.34
N PHE A 59 0.84 -1.33 -3.48
CA PHE A 59 1.23 -0.35 -2.49
C PHE A 59 0.04 0.47 -2.04
N VAL A 60 0.09 0.89 -0.79
CA VAL A 60 -1.00 1.63 -0.21
C VAL A 60 -0.46 2.68 0.76
N THR A 61 -0.40 3.92 0.30
CA THR A 61 0.18 5.00 1.06
C THR A 61 -0.89 5.74 1.83
N TYR A 62 -0.71 5.85 3.13
CA TYR A 62 -1.67 6.54 3.97
C TYR A 62 -1.37 8.03 4.01
N ALA A 63 -2.22 8.77 4.71
CA ALA A 63 -2.06 10.21 4.81
C ALA A 63 -0.94 10.53 5.78
N THR A 64 -0.83 9.71 6.80
CA THR A 64 0.19 9.89 7.81
C THR A 64 0.68 8.52 8.28
N VAL A 65 1.91 8.49 8.80
CA VAL A 65 2.51 7.25 9.27
C VAL A 65 1.67 6.57 10.35
N GLU A 66 0.93 7.38 11.10
CA GLU A 66 0.08 6.88 12.17
C GLU A 66 -0.95 5.88 11.65
N GLU A 67 -1.43 6.11 10.44
CA GLU A 67 -2.42 5.24 9.84
C GLU A 67 -1.77 3.95 9.34
N VAL A 68 -0.56 4.09 8.81
CA VAL A 68 0.22 2.95 8.36
C VAL A 68 0.46 1.98 9.51
N ASP A 69 0.99 2.51 10.61
CA ASP A 69 1.26 1.69 11.78
C ASP A 69 -0.01 1.04 12.30
N ALA A 70 -1.13 1.75 12.19
CA ALA A 70 -2.40 1.23 12.67
C ALA A 70 -2.80 -0.02 11.88
N ALA A 71 -2.57 0.03 10.57
CA ALA A 71 -2.84 -1.11 9.70
C ALA A 71 -1.87 -2.24 9.99
N MET A 72 -0.66 -1.87 10.38
CA MET A 72 0.37 -2.85 10.74
C MET A 72 -0.02 -3.60 12.00
N ASN A 73 -0.51 -2.86 13.00
CA ASN A 73 -0.96 -3.46 14.25
C ASN A 73 -2.17 -4.35 14.02
N ALA A 74 -2.90 -4.07 12.95
CA ALA A 74 -4.14 -4.77 12.64
C ALA A 74 -3.88 -6.10 11.94
N ARG A 75 -2.61 -6.49 11.84
CA ARG A 75 -2.27 -7.78 11.24
C ARG A 75 -2.77 -8.93 12.11
N PRO A 76 -3.11 -10.08 11.51
CA PRO A 76 -2.98 -10.30 10.06
C PRO A 76 -4.02 -9.54 9.24
N HIS A 77 -3.55 -8.83 8.23
CA HIS A 77 -4.42 -8.04 7.37
C HIS A 77 -5.19 -8.94 6.43
N LYS A 78 -6.28 -8.42 5.87
CA LYS A 78 -7.13 -9.19 4.98
C LYS A 78 -7.72 -8.25 3.93
N VAL A 79 -7.31 -8.44 2.68
CA VAL A 79 -7.83 -7.64 1.57
C VAL A 79 -8.29 -8.55 0.46
N ASP A 80 -9.51 -8.31 -0.03
CA ASP A 80 -10.17 -9.18 -1.02
C ASP A 80 -10.61 -10.47 -0.35
N GLY A 81 -9.64 -11.15 0.22
CA GLY A 81 -9.85 -12.37 0.96
C GLY A 81 -8.53 -13.05 1.18
N ARG A 82 -7.52 -12.22 1.34
CA ARG A 82 -6.15 -12.66 1.37
C ARG A 82 -5.42 -12.05 2.56
N VAL A 83 -4.76 -12.89 3.34
CA VAL A 83 -3.92 -12.42 4.40
C VAL A 83 -2.61 -11.90 3.82
N VAL A 84 -2.44 -10.60 3.87
CA VAL A 84 -1.28 -9.96 3.26
C VAL A 84 -0.28 -9.52 4.32
N GLU A 85 0.85 -9.04 3.87
CA GLU A 85 1.91 -8.60 4.77
C GLU A 85 2.30 -7.17 4.44
N PRO A 86 1.81 -6.20 5.23
CA PRO A 86 2.05 -4.78 5.01
C PRO A 86 3.29 -4.29 5.74
N LYS A 87 4.29 -3.88 4.97
CA LYS A 87 5.55 -3.39 5.53
C LYS A 87 5.90 -2.03 4.94
N ARG A 88 6.77 -1.28 5.61
CA ARG A 88 7.20 0.02 5.11
C ARG A 88 7.89 -0.14 3.76
N ALA A 89 7.42 0.61 2.77
CA ALA A 89 7.97 0.52 1.43
C ALA A 89 9.42 0.97 1.38
N VAL A 90 10.21 0.31 0.56
CA VAL A 90 11.60 0.70 0.35
C VAL A 90 11.68 1.63 -0.86
N SER A 91 12.79 2.34 -1.01
CA SER A 91 12.98 3.19 -2.17
C SER A 91 12.98 2.33 -3.43
N ARG A 92 12.13 2.67 -4.40
CA ARG A 92 12.02 1.88 -5.62
C ARG A 92 13.35 1.85 -6.36
N GLU A 93 14.14 2.90 -6.19
CA GLU A 93 15.47 2.98 -6.76
C GLU A 93 16.34 1.83 -6.27
N ASP A 94 16.16 1.46 -5.00
CA ASP A 94 16.93 0.40 -4.38
C ASP A 94 16.48 -0.97 -4.87
N SER A 95 15.26 -1.05 -5.35
CA SER A 95 14.72 -2.30 -5.85
C SER A 95 14.93 -2.43 -7.36
N GLN A 96 15.14 -1.31 -8.03
CA GLN A 96 15.40 -1.31 -9.47
C GLN A 96 16.72 -2.00 -9.77
N ARG A 97 17.76 -1.60 -9.07
CA ARG A 97 19.07 -2.21 -9.23
C ARG A 97 19.15 -3.55 -8.49
N ALA A 1 -7.63 22.79 3.81
CA ALA A 1 -7.79 21.88 4.96
C ALA A 1 -6.72 20.79 4.93
N SER A 2 -6.55 20.14 3.79
CA SER A 2 -5.60 19.05 3.64
C SER A 2 -4.16 19.54 3.82
N LYS A 3 -3.92 20.81 3.50
CA LYS A 3 -2.59 21.40 3.66
C LYS A 3 -2.42 21.98 5.06
N SER A 4 -3.15 21.41 6.02
CA SER A 4 -3.00 21.80 7.42
C SER A 4 -1.70 21.19 7.96
N GLU A 5 -1.48 21.34 9.26
CA GLU A 5 -0.30 20.77 9.89
C GLU A 5 -0.38 19.24 9.91
N SER A 6 0.36 18.63 9.00
CA SER A 6 0.42 17.19 8.92
C SER A 6 1.85 16.77 8.61
N PRO A 7 2.38 15.78 9.33
CA PRO A 7 3.71 15.25 9.06
C PRO A 7 3.76 14.59 7.69
N LYS A 8 4.57 15.14 6.79
CA LYS A 8 4.60 14.65 5.42
C LYS A 8 5.92 14.99 4.74
N GLU A 9 6.83 14.02 4.70
CA GLU A 9 8.05 14.17 3.92
C GLU A 9 8.38 12.86 3.17
N PRO A 10 8.68 11.74 3.87
CA PRO A 10 9.04 10.50 3.22
C PRO A 10 7.83 9.78 2.65
N GLU A 11 7.68 9.87 1.33
CA GLU A 11 6.60 9.20 0.63
C GLU A 11 6.72 7.70 0.76
N GLN A 12 7.93 7.19 0.59
CA GLN A 12 8.16 5.75 0.60
C GLN A 12 7.84 5.15 1.97
N LEU A 13 8.16 5.89 3.03
CA LEU A 13 7.98 5.40 4.38
C LEU A 13 6.53 5.53 4.82
N ARG A 14 5.78 6.39 4.12
CA ARG A 14 4.35 6.51 4.35
C ARG A 14 3.59 5.61 3.39
N LYS A 15 4.33 4.99 2.50
CA LYS A 15 3.76 4.03 1.57
C LYS A 15 3.90 2.62 2.14
N LEU A 16 2.85 1.86 2.02
CA LEU A 16 2.80 0.50 2.52
C LEU A 16 2.96 -0.48 1.36
N PHE A 17 3.92 -1.38 1.48
CA PHE A 17 4.14 -2.42 0.50
C PHE A 17 3.26 -3.60 0.83
N ILE A 18 2.25 -3.84 0.01
CA ILE A 18 1.29 -4.90 0.27
C ILE A 18 1.59 -6.10 -0.60
N GLY A 19 2.32 -7.05 -0.07
CA GLY A 19 2.64 -8.22 -0.84
C GLY A 19 1.96 -9.46 -0.29
N GLY A 20 1.61 -10.37 -1.17
CA GLY A 20 0.97 -11.60 -0.76
C GLY A 20 -0.53 -11.55 -0.93
N LEU A 21 -1.01 -10.64 -1.77
CA LEU A 21 -2.44 -10.52 -2.01
C LEU A 21 -2.86 -11.33 -3.23
N SER A 22 -4.16 -11.51 -3.40
CA SER A 22 -4.68 -12.38 -4.43
C SER A 22 -4.66 -11.71 -5.80
N PHE A 23 -5.02 -12.47 -6.82
CA PHE A 23 -4.97 -11.96 -8.19
C PHE A 23 -6.23 -11.16 -8.51
N GLU A 24 -7.22 -11.23 -7.63
CA GLU A 24 -8.45 -10.48 -7.80
C GLU A 24 -8.38 -9.19 -7.01
N THR A 25 -7.36 -9.08 -6.18
CA THR A 25 -7.14 -7.90 -5.39
C THR A 25 -6.74 -6.72 -6.27
N THR A 26 -7.72 -5.91 -6.65
CA THR A 26 -7.48 -4.74 -7.45
C THR A 26 -7.31 -3.52 -6.55
N ASP A 27 -6.84 -2.41 -7.11
CA ASP A 27 -6.51 -1.23 -6.32
C ASP A 27 -7.73 -0.72 -5.55
N GLU A 28 -8.88 -0.79 -6.19
CA GLU A 28 -10.12 -0.34 -5.55
C GLU A 28 -10.47 -1.21 -4.35
N SER A 29 -10.18 -2.50 -4.44
CA SER A 29 -10.40 -3.40 -3.33
C SER A 29 -9.33 -3.18 -2.28
N LEU A 30 -8.11 -3.02 -2.76
CA LEU A 30 -6.94 -2.93 -1.90
C LEU A 30 -7.02 -1.67 -1.05
N ARG A 31 -7.27 -0.55 -1.70
CA ARG A 31 -7.31 0.73 -1.03
C ARG A 31 -8.50 0.77 -0.07
N SER A 32 -9.61 0.16 -0.45
CA SER A 32 -10.82 0.20 0.36
C SER A 32 -10.61 -0.53 1.68
N HIS A 33 -9.92 -1.68 1.63
CA HIS A 33 -9.63 -2.44 2.84
C HIS A 33 -8.61 -1.72 3.71
N PHE A 34 -7.74 -0.93 3.08
CA PHE A 34 -6.71 -0.23 3.81
C PHE A 34 -7.17 1.17 4.23
N GLU A 35 -8.25 1.66 3.62
CA GLU A 35 -8.84 2.94 3.99
C GLU A 35 -9.55 2.84 5.35
N GLN A 36 -9.48 1.66 5.94
CA GLN A 36 -10.18 1.39 7.18
C GLN A 36 -9.35 1.79 8.40
N TRP A 37 -8.03 1.79 8.26
CA TRP A 37 -7.16 2.19 9.35
C TRP A 37 -6.47 3.51 9.01
N GLY A 38 -6.94 4.14 7.95
CA GLY A 38 -6.36 5.41 7.55
C GLY A 38 -6.75 5.82 6.15
N THR A 39 -6.26 6.97 5.73
CA THR A 39 -6.58 7.51 4.42
C THR A 39 -5.42 7.29 3.45
N LEU A 40 -5.68 6.61 2.32
CA LEU A 40 -4.64 6.45 1.32
C LEU A 40 -4.61 7.65 0.39
N THR A 41 -3.49 8.35 0.42
CA THR A 41 -3.27 9.48 -0.47
C THR A 41 -2.77 8.96 -1.81
N ASP A 42 -2.25 7.74 -1.78
CA ASP A 42 -1.83 7.04 -2.99
C ASP A 42 -2.17 5.57 -2.86
N CYS A 43 -2.74 5.00 -3.89
CA CYS A 43 -3.12 3.60 -3.87
C CYS A 43 -3.01 3.00 -5.27
N VAL A 44 -2.36 1.85 -5.36
CA VAL A 44 -2.16 1.19 -6.65
C VAL A 44 -1.77 -0.28 -6.47
N VAL A 45 -2.12 -1.11 -7.44
CA VAL A 45 -1.71 -2.50 -7.45
C VAL A 45 -0.96 -2.81 -8.72
N MET A 46 -0.06 -3.77 -8.65
CA MET A 46 0.79 -4.10 -9.77
C MET A 46 0.24 -5.26 -10.58
N ARG A 47 0.25 -5.09 -11.87
CA ARG A 47 -0.18 -6.12 -12.80
C ARG A 47 1.03 -6.73 -13.47
N ASP A 48 0.85 -7.91 -14.04
CA ASP A 48 1.94 -8.58 -14.76
C ASP A 48 2.38 -7.73 -15.94
N PRO A 49 3.69 -7.59 -16.16
CA PRO A 49 4.23 -6.79 -17.27
C PRO A 49 3.93 -7.41 -18.64
N ASN A 50 3.45 -8.64 -18.64
CA ASN A 50 3.15 -9.34 -19.87
C ASN A 50 1.65 -9.51 -20.02
N THR A 51 1.03 -10.15 -19.03
CA THR A 51 -0.38 -10.49 -19.10
C THR A 51 -1.26 -9.31 -18.73
N LYS A 52 -0.69 -8.39 -17.96
CA LYS A 52 -1.38 -7.15 -17.54
C LYS A 52 -2.54 -7.47 -16.61
N ARG A 53 -2.50 -8.64 -15.99
CA ARG A 53 -3.57 -9.07 -15.11
C ARG A 53 -3.28 -8.68 -13.67
N SER A 54 -2.37 -9.39 -13.02
CA SER A 54 -2.03 -9.13 -11.63
C SER A 54 -0.65 -9.68 -11.29
N ARG A 55 -0.04 -9.15 -10.24
CA ARG A 55 1.26 -9.66 -9.79
C ARG A 55 1.24 -10.05 -8.32
N GLY A 56 0.07 -9.96 -7.69
CA GLY A 56 -0.08 -10.44 -6.34
C GLY A 56 0.49 -9.51 -5.28
N PHE A 57 0.57 -8.22 -5.60
CA PHE A 57 1.04 -7.23 -4.63
C PHE A 57 0.71 -5.82 -5.10
N GLY A 58 0.78 -4.87 -4.17
CA GLY A 58 0.48 -3.49 -4.49
C GLY A 58 1.01 -2.52 -3.44
N PHE A 59 0.61 -1.26 -3.53
CA PHE A 59 1.08 -0.24 -2.59
C PHE A 59 -0.06 0.67 -2.15
N VAL A 60 0.10 1.26 -0.97
CA VAL A 60 -0.86 2.21 -0.42
C VAL A 60 -0.17 3.22 0.48
N THR A 61 -0.16 4.47 0.07
CA THR A 61 0.42 5.54 0.86
C THR A 61 -0.65 6.17 1.72
N TYR A 62 -0.47 6.14 3.03
CA TYR A 62 -1.42 6.76 3.93
C TYR A 62 -1.19 8.26 4.01
N ALA A 63 -2.02 8.94 4.78
CA ALA A 63 -1.91 10.39 4.95
C ALA A 63 -0.79 10.69 5.94
N THR A 64 -0.63 9.80 6.91
CA THR A 64 0.40 9.95 7.90
C THR A 64 0.86 8.57 8.38
N VAL A 65 2.09 8.52 8.89
CA VAL A 65 2.68 7.28 9.39
C VAL A 65 1.81 6.61 10.45
N GLU A 66 1.06 7.42 11.20
CA GLU A 66 0.19 6.92 12.26
C GLU A 66 -0.79 5.89 11.71
N GLU A 67 -1.24 6.13 10.49
CA GLU A 67 -2.21 5.26 9.86
C GLU A 67 -1.55 3.99 9.36
N VAL A 68 -0.36 4.13 8.81
CA VAL A 68 0.42 2.99 8.34
C VAL A 68 0.63 1.99 9.47
N ASP A 69 1.12 2.49 10.59
CA ASP A 69 1.37 1.66 11.75
C ASP A 69 0.09 1.00 12.24
N ALA A 70 -1.03 1.71 12.13
CA ALA A 70 -2.31 1.18 12.56
C ALA A 70 -2.70 -0.03 11.71
N ALA A 71 -2.44 0.07 10.41
CA ALA A 71 -2.70 -1.03 9.49
C ALA A 71 -1.79 -2.21 9.80
N MET A 72 -0.57 -1.91 10.24
CA MET A 72 0.39 -2.95 10.61
C MET A 72 -0.07 -3.68 11.87
N ASN A 73 -0.59 -2.91 12.83
CA ASN A 73 -1.09 -3.49 14.08
C ASN A 73 -2.33 -4.34 13.82
N ALA A 74 -2.98 -4.11 12.69
CA ALA A 74 -4.23 -4.77 12.37
C ALA A 74 -4.03 -6.12 11.68
N ARG A 75 -2.81 -6.64 11.73
CA ARG A 75 -2.53 -7.95 11.14
C ARG A 75 -3.03 -9.07 12.06
N PRO A 76 -3.35 -10.25 11.49
CA PRO A 76 -3.25 -10.50 10.05
C PRO A 76 -4.23 -9.65 9.23
N HIS A 77 -3.71 -8.94 8.24
CA HIS A 77 -4.53 -8.07 7.43
C HIS A 77 -5.35 -8.90 6.46
N LYS A 78 -6.53 -8.41 6.11
CA LYS A 78 -7.45 -9.15 5.28
C LYS A 78 -8.00 -8.27 4.18
N VAL A 79 -7.67 -8.61 2.95
CA VAL A 79 -8.17 -7.89 1.79
C VAL A 79 -8.57 -8.86 0.69
N ASP A 80 -9.85 -8.82 0.33
CA ASP A 80 -10.42 -9.71 -0.70
C ASP A 80 -10.24 -11.18 -0.32
N GLY A 81 -10.33 -11.46 0.98
CA GLY A 81 -10.21 -12.82 1.46
C GLY A 81 -8.78 -13.28 1.57
N ARG A 82 -7.85 -12.38 1.26
CA ARG A 82 -6.44 -12.72 1.29
C ARG A 82 -5.74 -12.06 2.46
N VAL A 83 -4.87 -12.81 3.12
CA VAL A 83 -4.04 -12.28 4.18
C VAL A 83 -2.74 -11.75 3.58
N VAL A 84 -2.43 -10.49 3.85
CA VAL A 84 -1.26 -9.86 3.26
C VAL A 84 -0.25 -9.46 4.33
N GLU A 85 0.91 -9.04 3.87
CA GLU A 85 1.94 -8.54 4.75
C GLU A 85 2.25 -7.09 4.38
N PRO A 86 1.74 -6.14 5.16
CA PRO A 86 1.96 -4.72 4.92
C PRO A 86 3.30 -4.25 5.49
N LYS A 87 4.19 -3.86 4.59
CA LYS A 87 5.56 -3.54 4.95
C LYS A 87 5.87 -2.08 4.61
N ARG A 88 6.77 -1.47 5.36
CA ARG A 88 7.21 -0.11 5.07
C ARG A 88 7.95 -0.11 3.74
N ALA A 89 7.48 0.69 2.82
CA ALA A 89 8.01 0.70 1.48
C ALA A 89 9.33 1.46 1.40
N VAL A 90 10.23 0.94 0.58
CA VAL A 90 11.43 1.66 0.22
C VAL A 90 11.14 2.50 -1.02
N SER A 91 12.12 3.21 -1.53
CA SER A 91 11.90 3.92 -2.77
C SER A 91 12.19 2.98 -3.94
N ARG A 92 11.50 3.18 -5.06
CA ARG A 92 11.82 2.40 -6.25
C ARG A 92 13.20 2.82 -6.76
N GLU A 93 13.63 4.00 -6.32
CA GLU A 93 14.96 4.50 -6.61
C GLU A 93 15.98 3.74 -5.76
N ASP A 94 15.56 3.37 -4.56
CA ASP A 94 16.40 2.62 -3.63
C ASP A 94 16.49 1.17 -4.03
N SER A 95 15.47 0.70 -4.72
CA SER A 95 15.44 -0.67 -5.19
C SER A 95 16.32 -0.84 -6.42
N GLN A 96 17.48 -1.45 -6.21
CA GLN A 96 18.38 -1.79 -7.29
C GLN A 96 18.21 -3.25 -7.66
N ARG A 97 17.31 -3.91 -6.94
CA ARG A 97 17.04 -5.32 -7.16
C ARG A 97 15.57 -5.54 -7.41
N ALA A 1 -3.23 28.64 -11.26
CA ALA A 1 -3.76 27.26 -11.35
C ALA A 1 -3.00 26.32 -10.41
N SER A 2 -1.72 26.11 -10.71
CA SER A 2 -0.88 25.26 -9.86
C SER A 2 -0.29 26.09 -8.73
N LYS A 3 -0.83 25.94 -7.53
CA LYS A 3 -0.35 26.69 -6.38
C LYS A 3 0.63 25.86 -5.56
N SER A 4 0.67 24.57 -5.85
CA SER A 4 1.53 23.65 -5.13
C SER A 4 1.97 22.50 -6.03
N GLU A 5 3.25 22.14 -5.95
CA GLU A 5 3.73 20.97 -6.63
C GLU A 5 3.15 19.73 -5.99
N SER A 6 3.73 19.37 -4.86
CA SER A 6 3.27 18.24 -4.06
C SER A 6 3.84 18.39 -2.65
N PRO A 7 3.01 18.22 -1.61
CA PRO A 7 3.49 18.26 -0.23
C PRO A 7 4.60 17.24 -0.02
N LYS A 8 5.74 17.69 0.46
CA LYS A 8 6.91 16.83 0.58
C LYS A 8 6.81 15.89 1.77
N GLU A 9 5.77 15.08 1.76
CA GLU A 9 5.63 14.00 2.70
C GLU A 9 6.49 12.85 2.22
N PRO A 10 7.20 12.17 3.13
CA PRO A 10 8.05 11.05 2.74
C PRO A 10 7.21 9.87 2.28
N GLU A 11 6.96 9.82 0.98
CA GLU A 11 6.13 8.78 0.40
C GLU A 11 6.79 7.42 0.62
N GLN A 12 8.08 7.43 0.90
CA GLN A 12 8.81 6.22 1.21
C GLN A 12 8.33 5.60 2.50
N LEU A 13 8.31 6.38 3.57
CA LEU A 13 8.05 5.83 4.90
C LEU A 13 6.56 5.88 5.22
N ARG A 14 5.78 6.62 4.44
CA ARG A 14 4.34 6.64 4.62
C ARG A 14 3.67 5.58 3.73
N LYS A 15 4.46 4.98 2.83
CA LYS A 15 3.92 3.99 1.93
C LYS A 15 3.99 2.61 2.55
N LEU A 16 2.91 1.88 2.39
CA LEU A 16 2.82 0.52 2.86
C LEU A 16 3.03 -0.44 1.71
N PHE A 17 4.00 -1.30 1.84
CA PHE A 17 4.28 -2.32 0.86
C PHE A 17 3.42 -3.54 1.15
N ILE A 18 2.48 -3.81 0.26
CA ILE A 18 1.55 -4.90 0.45
C ILE A 18 1.93 -6.08 -0.43
N GLY A 19 2.56 -7.06 0.16
CA GLY A 19 3.01 -8.20 -0.62
C GLY A 19 2.26 -9.46 -0.29
N GLY A 20 2.00 -10.28 -1.30
CA GLY A 20 1.35 -11.55 -1.09
C GLY A 20 -0.16 -11.45 -1.18
N LEU A 21 -0.65 -10.58 -2.04
CA LEU A 21 -2.09 -10.42 -2.20
C LEU A 21 -2.59 -11.21 -3.42
N SER A 22 -3.90 -11.21 -3.59
CA SER A 22 -4.54 -12.00 -4.63
C SER A 22 -4.37 -11.37 -6.02
N PHE A 23 -4.69 -12.14 -7.05
CA PHE A 23 -4.63 -11.64 -8.41
C PHE A 23 -5.92 -10.93 -8.75
N GLU A 24 -6.84 -10.93 -7.79
CA GLU A 24 -8.09 -10.22 -7.91
C GLU A 24 -7.97 -8.84 -7.27
N THR A 25 -6.86 -8.65 -6.58
CA THR A 25 -6.61 -7.42 -5.85
C THR A 25 -6.19 -6.29 -6.80
N THR A 26 -7.12 -5.39 -7.06
CA THR A 26 -6.86 -4.24 -7.91
C THR A 26 -6.76 -2.97 -7.08
N ASP A 27 -6.32 -1.89 -7.71
CA ASP A 27 -6.07 -0.61 -7.02
C ASP A 27 -7.27 -0.16 -6.21
N GLU A 28 -8.44 -0.19 -6.82
CA GLU A 28 -9.66 0.23 -6.16
C GLU A 28 -9.98 -0.65 -4.97
N SER A 29 -9.73 -1.94 -5.10
CA SER A 29 -10.05 -2.87 -4.03
C SER A 29 -9.00 -2.78 -2.94
N LEU A 30 -7.77 -2.50 -3.34
CA LEU A 30 -6.67 -2.39 -2.39
C LEU A 30 -6.90 -1.20 -1.48
N ARG A 31 -7.22 -0.07 -2.09
CA ARG A 31 -7.43 1.15 -1.33
C ARG A 31 -8.65 1.01 -0.43
N SER A 32 -9.70 0.36 -0.91
CA SER A 32 -10.93 0.25 -0.14
C SER A 32 -10.69 -0.55 1.14
N HIS A 33 -9.86 -1.59 1.06
CA HIS A 33 -9.53 -2.39 2.22
C HIS A 33 -8.57 -1.65 3.14
N PHE A 34 -7.61 -0.94 2.58
CA PHE A 34 -6.59 -0.28 3.40
C PHE A 34 -7.04 1.09 3.88
N GLU A 35 -8.03 1.68 3.22
CA GLU A 35 -8.58 2.96 3.69
C GLU A 35 -9.53 2.74 4.86
N GLN A 36 -9.53 1.53 5.38
CA GLN A 36 -10.33 1.18 6.54
C GLN A 36 -9.62 1.58 7.84
N TRP A 37 -8.30 1.64 7.79
CA TRP A 37 -7.52 2.01 8.98
C TRP A 37 -6.84 3.35 8.77
N GLY A 38 -7.24 4.07 7.72
CA GLY A 38 -6.65 5.36 7.44
C GLY A 38 -6.97 5.87 6.05
N THR A 39 -6.31 6.94 5.65
CA THR A 39 -6.52 7.56 4.36
C THR A 39 -5.34 7.30 3.42
N LEU A 40 -5.58 6.70 2.26
CA LEU A 40 -4.51 6.45 1.31
C LEU A 40 -4.40 7.60 0.32
N THR A 41 -3.34 8.39 0.47
CA THR A 41 -3.10 9.54 -0.37
C THR A 41 -2.48 9.10 -1.70
N ASP A 42 -1.99 7.87 -1.71
CA ASP A 42 -1.38 7.29 -2.90
C ASP A 42 -1.54 5.78 -2.88
N CYS A 43 -2.43 5.26 -3.69
CA CYS A 43 -2.60 3.83 -3.79
C CYS A 43 -2.33 3.36 -5.20
N VAL A 44 -1.73 2.18 -5.33
CA VAL A 44 -1.39 1.63 -6.63
C VAL A 44 -1.10 0.14 -6.52
N VAL A 45 -1.45 -0.62 -7.54
CA VAL A 45 -1.17 -2.04 -7.55
C VAL A 45 -0.37 -2.42 -8.78
N MET A 46 0.33 -3.54 -8.68
CA MET A 46 1.11 -4.03 -9.78
C MET A 46 0.39 -5.20 -10.41
N ARG A 47 0.28 -5.18 -11.72
CA ARG A 47 -0.47 -6.20 -12.43
C ARG A 47 0.42 -6.90 -13.43
N ASP A 48 0.19 -8.20 -13.60
CA ASP A 48 1.00 -9.05 -14.47
C ASP A 48 1.15 -8.42 -15.84
N PRO A 49 2.36 -8.45 -16.41
CA PRO A 49 2.62 -7.89 -17.73
C PRO A 49 1.88 -8.63 -18.83
N ASN A 50 1.44 -9.85 -18.54
CA ASN A 50 0.78 -10.68 -19.54
C ASN A 50 -0.72 -10.68 -19.31
N THR A 51 -1.11 -11.05 -18.10
CA THR A 51 -2.52 -11.21 -17.78
C THR A 51 -3.16 -9.87 -17.44
N LYS A 52 -2.35 -8.97 -16.88
CA LYS A 52 -2.80 -7.65 -16.45
C LYS A 52 -3.77 -7.76 -15.27
N ARG A 53 -3.65 -8.83 -14.50
CA ARG A 53 -4.48 -8.99 -13.30
C ARG A 53 -3.77 -8.43 -12.08
N SER A 54 -2.79 -9.17 -11.57
CA SER A 54 -2.02 -8.73 -10.43
C SER A 54 -0.65 -9.40 -10.42
N ARG A 55 0.29 -8.74 -9.78
CA ARG A 55 1.63 -9.29 -9.62
C ARG A 55 1.82 -9.87 -8.23
N GLY A 56 0.75 -9.81 -7.44
CA GLY A 56 0.79 -10.36 -6.11
C GLY A 56 1.24 -9.37 -5.07
N PHE A 57 1.33 -8.10 -5.46
CA PHE A 57 1.70 -7.05 -4.51
C PHE A 57 1.26 -5.68 -4.99
N GLY A 58 1.17 -4.75 -4.04
CA GLY A 58 0.77 -3.39 -4.34
C GLY A 58 1.26 -2.43 -3.28
N PHE A 59 0.92 -1.15 -3.42
CA PHE A 59 1.39 -0.13 -2.49
C PHE A 59 0.26 0.81 -2.10
N VAL A 60 0.34 1.31 -0.88
CA VAL A 60 -0.68 2.20 -0.33
C VAL A 60 -0.05 3.18 0.64
N THR A 61 -0.01 4.44 0.25
CA THR A 61 0.60 5.49 1.04
C THR A 61 -0.47 6.20 1.85
N TYR A 62 -0.39 6.10 3.16
CA TYR A 62 -1.38 6.71 4.03
C TYR A 62 -1.11 8.21 4.17
N ALA A 63 -2.00 8.90 4.88
CA ALA A 63 -1.86 10.32 5.09
C ALA A 63 -0.79 10.58 6.13
N THR A 64 -0.75 9.70 7.12
CA THR A 64 0.27 9.76 8.14
C THR A 64 0.67 8.34 8.55
N VAL A 65 1.85 8.20 9.15
CA VAL A 65 2.37 6.89 9.51
C VAL A 65 1.57 6.28 10.65
N GLU A 66 0.81 7.10 11.35
CA GLU A 66 -0.05 6.65 12.43
C GLU A 66 -1.12 5.71 11.88
N GLU A 67 -1.55 5.98 10.65
CA GLU A 67 -2.52 5.14 9.99
C GLU A 67 -1.85 3.86 9.49
N VAL A 68 -0.63 4.01 9.01
CA VAL A 68 0.19 2.87 8.61
C VAL A 68 0.31 1.86 9.74
N ASP A 69 0.65 2.37 10.92
CA ASP A 69 0.77 1.52 12.10
C ASP A 69 -0.53 0.80 12.40
N ALA A 70 -1.65 1.50 12.26
CA ALA A 70 -2.96 0.92 12.55
C ALA A 70 -3.23 -0.26 11.62
N ALA A 71 -2.86 -0.11 10.35
CA ALA A 71 -3.01 -1.18 9.38
C ALA A 71 -2.07 -2.34 9.70
N MET A 72 -0.87 -1.99 10.15
CA MET A 72 0.12 -2.98 10.55
C MET A 72 -0.34 -3.75 11.77
N ASN A 73 -0.98 -3.03 12.69
CA ASN A 73 -1.46 -3.64 13.93
C ASN A 73 -2.76 -4.40 13.70
N ALA A 74 -3.25 -4.33 12.47
CA ALA A 74 -4.46 -5.05 12.08
C ALA A 74 -4.11 -6.37 11.40
N ARG A 75 -2.84 -6.75 11.50
CA ARG A 75 -2.38 -8.01 10.92
C ARG A 75 -2.83 -9.19 11.77
N PRO A 76 -3.01 -10.38 11.17
CA PRO A 76 -2.84 -10.59 9.73
C PRO A 76 -3.87 -9.83 8.91
N HIS A 77 -3.39 -9.05 7.95
CA HIS A 77 -4.26 -8.22 7.14
C HIS A 77 -5.02 -9.08 6.14
N LYS A 78 -6.18 -8.63 5.74
CA LYS A 78 -7.06 -9.40 4.89
C LYS A 78 -7.64 -8.52 3.79
N VAL A 79 -7.25 -8.78 2.56
CA VAL A 79 -7.78 -8.07 1.41
C VAL A 79 -8.07 -9.05 0.28
N ASP A 80 -9.33 -9.04 -0.18
CA ASP A 80 -9.80 -9.94 -1.23
C ASP A 80 -9.71 -11.40 -0.79
N GLY A 81 -9.88 -11.60 0.52
CA GLY A 81 -9.80 -12.94 1.08
C GLY A 81 -8.38 -13.49 1.07
N ARG A 82 -7.41 -12.60 1.03
CA ARG A 82 -6.01 -12.99 1.01
C ARG A 82 -5.26 -12.29 2.14
N VAL A 83 -4.47 -13.07 2.88
CA VAL A 83 -3.65 -12.51 3.95
C VAL A 83 -2.37 -11.93 3.37
N VAL A 84 -2.10 -10.68 3.68
CA VAL A 84 -0.95 -9.98 3.14
C VAL A 84 -0.01 -9.50 4.24
N GLU A 85 1.13 -8.97 3.82
CA GLU A 85 2.03 -8.31 4.74
C GLU A 85 2.12 -6.84 4.38
N PRO A 86 1.64 -5.96 5.26
CA PRO A 86 1.77 -4.54 5.09
C PRO A 86 3.03 -4.03 5.79
N LYS A 87 4.05 -3.75 5.00
CA LYS A 87 5.38 -3.42 5.50
C LYS A 87 5.77 -2.00 5.11
N ARG A 88 6.66 -1.39 5.88
CA ARG A 88 7.17 -0.06 5.55
C ARG A 88 7.93 -0.13 4.23
N ALA A 89 7.62 0.78 3.33
CA ALA A 89 8.20 0.75 1.99
C ALA A 89 9.66 1.20 1.98
N VAL A 90 10.47 0.48 1.20
CA VAL A 90 11.86 0.82 0.97
C VAL A 90 11.95 1.71 -0.27
N SER A 91 13.13 2.20 -0.61
CA SER A 91 13.30 2.96 -1.85
C SER A 91 12.93 2.12 -3.04
N ARG A 92 12.27 2.74 -4.01
CA ARG A 92 11.90 2.06 -5.24
C ARG A 92 13.15 1.62 -6.00
N GLU A 93 14.22 2.39 -5.86
CA GLU A 93 15.45 2.15 -6.59
C GLU A 93 16.23 0.99 -5.98
N ASP A 94 16.29 0.99 -4.66
CA ASP A 94 17.08 0.00 -3.92
C ASP A 94 16.59 -1.43 -4.16
N SER A 95 15.40 -1.58 -4.71
CA SER A 95 14.87 -2.89 -5.02
C SER A 95 14.64 -3.07 -6.52
N GLN A 96 15.19 -2.16 -7.32
CA GLN A 96 15.08 -2.26 -8.77
C GLN A 96 16.44 -2.28 -9.45
N ARG A 97 17.33 -1.40 -9.03
CA ARG A 97 18.65 -1.33 -9.64
C ARG A 97 19.67 -2.02 -8.75
N ALA A 1 -5.79 23.86 -8.69
CA ALA A 1 -4.32 23.94 -8.52
C ALA A 1 -3.89 25.35 -8.18
N SER A 2 -2.71 25.48 -7.60
CA SER A 2 -2.20 26.76 -7.15
C SER A 2 -3.14 27.34 -6.09
N LYS A 3 -3.19 26.67 -4.95
CA LYS A 3 -4.11 27.04 -3.88
C LYS A 3 -3.65 26.44 -2.57
N SER A 4 -3.33 25.16 -2.62
CA SER A 4 -2.86 24.44 -1.45
C SER A 4 -1.45 23.92 -1.69
N GLU A 5 -0.49 24.43 -0.93
CA GLU A 5 0.89 23.97 -1.05
C GLU A 5 1.05 22.62 -0.37
N SER A 6 1.71 21.70 -1.06
CA SER A 6 1.85 20.34 -0.58
C SER A 6 3.18 20.17 0.15
N PRO A 7 3.13 19.81 1.44
CA PRO A 7 4.33 19.48 2.21
C PRO A 7 5.00 18.24 1.62
N LYS A 8 6.27 18.36 1.28
CA LYS A 8 6.98 17.26 0.64
C LYS A 8 7.32 16.20 1.67
N GLU A 9 6.40 15.28 1.83
CA GLU A 9 6.58 14.14 2.70
C GLU A 9 7.13 12.96 1.91
N PRO A 10 7.99 12.13 2.52
CA PRO A 10 8.52 10.95 1.86
C PRO A 10 7.49 9.85 1.80
N GLU A 11 6.98 9.58 0.61
CA GLU A 11 5.99 8.53 0.44
C GLU A 11 6.65 7.18 0.64
N GLN A 12 7.97 7.18 0.67
CA GLN A 12 8.75 5.99 0.99
C GLN A 12 8.31 5.38 2.31
N LEU A 13 8.39 6.15 3.37
CA LEU A 13 8.09 5.63 4.70
C LEU A 13 6.60 5.77 5.02
N ARG A 14 5.86 6.40 4.11
CA ARG A 14 4.42 6.55 4.28
C ARG A 14 3.67 5.55 3.39
N LYS A 15 4.41 4.84 2.55
CA LYS A 15 3.82 3.83 1.69
C LYS A 15 4.01 2.46 2.32
N LEU A 16 2.97 1.66 2.25
CA LEU A 16 2.98 0.31 2.75
C LEU A 16 3.17 -0.68 1.59
N PHE A 17 4.12 -1.56 1.76
CA PHE A 17 4.37 -2.62 0.79
C PHE A 17 3.46 -3.79 1.09
N ILE A 18 2.55 -4.07 0.17
CA ILE A 18 1.55 -5.11 0.38
C ILE A 18 1.84 -6.30 -0.51
N GLY A 19 2.35 -7.36 0.06
CA GLY A 19 2.68 -8.52 -0.72
C GLY A 19 1.86 -9.72 -0.34
N GLY A 20 1.52 -10.54 -1.32
CA GLY A 20 0.81 -11.77 -1.06
C GLY A 20 -0.69 -11.63 -1.18
N LEU A 21 -1.15 -10.66 -1.96
CA LEU A 21 -2.57 -10.47 -2.16
C LEU A 21 -3.08 -11.27 -3.35
N SER A 22 -4.38 -11.35 -3.49
CA SER A 22 -4.98 -12.20 -4.52
C SER A 22 -4.83 -11.58 -5.91
N PHE A 23 -5.19 -12.34 -6.92
CA PHE A 23 -5.11 -11.87 -8.29
C PHE A 23 -6.38 -11.10 -8.64
N GLU A 24 -7.30 -11.05 -7.68
CA GLU A 24 -8.55 -10.34 -7.86
C GLU A 24 -8.48 -8.97 -7.19
N THR A 25 -7.46 -8.81 -6.36
CA THR A 25 -7.22 -7.54 -5.69
C THR A 25 -6.86 -6.46 -6.71
N THR A 26 -7.62 -5.38 -6.71
CA THR A 26 -7.38 -4.27 -7.63
C THR A 26 -7.41 -2.96 -6.86
N ASP A 27 -7.09 -1.85 -7.53
CA ASP A 27 -6.97 -0.54 -6.89
C ASP A 27 -8.16 -0.23 -5.98
N GLU A 28 -9.36 -0.46 -6.49
CA GLU A 28 -10.57 -0.20 -5.73
C GLU A 28 -10.63 -1.05 -4.46
N SER A 29 -10.31 -2.34 -4.56
CA SER A 29 -10.41 -3.22 -3.42
C SER A 29 -9.19 -3.06 -2.52
N LEU A 30 -8.09 -2.61 -3.10
CA LEU A 30 -6.87 -2.39 -2.35
C LEU A 30 -7.10 -1.27 -1.34
N ARG A 31 -7.51 -0.11 -1.83
CA ARG A 31 -7.67 1.04 -0.97
C ARG A 31 -8.87 0.84 -0.05
N SER A 32 -9.92 0.19 -0.54
CA SER A 32 -11.13 0.03 0.24
C SER A 32 -10.90 -0.84 1.48
N HIS A 33 -9.95 -1.77 1.38
CA HIS A 33 -9.65 -2.66 2.51
C HIS A 33 -8.52 -2.10 3.36
N PHE A 34 -7.86 -1.06 2.88
CA PHE A 34 -6.80 -0.42 3.64
C PHE A 34 -7.22 0.94 4.20
N GLU A 35 -8.22 1.57 3.58
CA GLU A 35 -8.71 2.86 4.05
C GLU A 35 -9.58 2.70 5.30
N GLN A 36 -9.48 1.55 5.93
CA GLN A 36 -10.25 1.27 7.14
C GLN A 36 -9.46 1.63 8.38
N TRP A 37 -8.14 1.71 8.25
CA TRP A 37 -7.29 2.07 9.37
C TRP A 37 -6.58 3.39 9.10
N GLY A 38 -7.06 4.10 8.08
CA GLY A 38 -6.47 5.38 7.75
C GLY A 38 -6.90 5.89 6.39
N THR A 39 -6.27 6.97 5.95
CA THR A 39 -6.59 7.59 4.67
C THR A 39 -5.52 7.26 3.64
N LEU A 40 -5.89 6.66 2.52
CA LEU A 40 -4.93 6.41 1.47
C LEU A 40 -4.95 7.54 0.48
N THR A 41 -3.88 8.31 0.45
CA THR A 41 -3.72 9.36 -0.51
C THR A 41 -3.32 8.76 -1.85
N ASP A 42 -2.70 7.59 -1.75
CA ASP A 42 -2.23 6.85 -2.91
C ASP A 42 -2.47 5.36 -2.70
N CYS A 43 -2.86 4.67 -3.76
CA CYS A 43 -3.12 3.26 -3.69
C CYS A 43 -2.88 2.64 -5.07
N VAL A 44 -2.33 1.43 -5.12
CA VAL A 44 -2.04 0.78 -6.39
C VAL A 44 -1.78 -0.72 -6.21
N VAL A 45 -2.30 -1.51 -7.13
CA VAL A 45 -1.98 -2.92 -7.19
C VAL A 45 -1.09 -3.17 -8.40
N MET A 46 -0.07 -3.98 -8.24
CA MET A 46 0.88 -4.23 -9.31
C MET A 46 0.33 -5.25 -10.29
N ARG A 47 0.46 -4.94 -11.57
CA ARG A 47 0.08 -5.87 -12.62
C ARG A 47 1.32 -6.30 -13.38
N ASP A 48 1.27 -7.51 -13.92
CA ASP A 48 2.37 -8.02 -14.74
C ASP A 48 2.53 -7.15 -15.98
N PRO A 49 3.77 -6.93 -16.43
CA PRO A 49 4.02 -6.13 -17.63
C PRO A 49 3.55 -6.84 -18.91
N ASN A 50 3.37 -8.15 -18.82
CA ASN A 50 2.99 -8.93 -19.99
C ASN A 50 1.51 -9.25 -19.94
N THR A 51 1.10 -9.93 -18.88
CA THR A 51 -0.28 -10.35 -18.74
C THR A 51 -1.16 -9.16 -18.36
N LYS A 52 -0.55 -8.22 -17.64
CA LYS A 52 -1.25 -7.02 -17.14
C LYS A 52 -2.30 -7.40 -16.11
N ARG A 53 -2.08 -8.51 -15.45
CA ARG A 53 -2.95 -8.94 -14.36
C ARG A 53 -2.21 -8.82 -13.04
N SER A 54 -2.97 -8.84 -11.95
CA SER A 54 -2.43 -8.63 -10.62
C SER A 54 -1.26 -9.56 -10.33
N ARG A 55 -0.13 -8.99 -9.94
CA ARG A 55 1.08 -9.75 -9.67
C ARG A 55 1.12 -10.24 -8.22
N GLY A 56 -0.02 -10.22 -7.55
CA GLY A 56 -0.10 -10.75 -6.21
C GLY A 56 0.50 -9.83 -5.17
N PHE A 57 0.65 -8.56 -5.51
CA PHE A 57 1.15 -7.58 -4.54
C PHE A 57 0.85 -6.16 -5.02
N GLY A 58 0.97 -5.20 -4.12
CA GLY A 58 0.68 -3.81 -4.43
C GLY A 58 1.21 -2.87 -3.37
N PHE A 59 0.77 -1.63 -3.42
CA PHE A 59 1.23 -0.62 -2.48
C PHE A 59 0.09 0.28 -2.01
N VAL A 60 0.27 0.89 -0.86
CA VAL A 60 -0.73 1.76 -0.27
C VAL A 60 -0.07 2.90 0.51
N THR A 61 -0.38 4.14 0.16
CA THR A 61 0.22 5.28 0.83
C THR A 61 -0.82 6.00 1.67
N TYR A 62 -0.58 6.06 2.96
CA TYR A 62 -1.51 6.72 3.87
C TYR A 62 -1.22 8.21 3.95
N ALA A 63 -2.10 8.93 4.64
CA ALA A 63 -1.96 10.38 4.77
C ALA A 63 -0.81 10.70 5.71
N THR A 64 -0.61 9.83 6.69
CA THR A 64 0.48 9.99 7.63
C THR A 64 0.98 8.62 8.09
N VAL A 65 2.18 8.60 8.63
CA VAL A 65 2.84 7.35 9.01
C VAL A 65 2.09 6.61 10.12
N GLU A 66 1.32 7.32 10.93
CA GLU A 66 0.62 6.69 12.04
C GLU A 66 -0.57 5.87 11.55
N GLU A 67 -1.03 6.14 10.34
CA GLU A 67 -2.09 5.35 9.75
C GLU A 67 -1.51 4.05 9.21
N VAL A 68 -0.29 4.14 8.71
CA VAL A 68 0.47 2.96 8.32
C VAL A 68 0.63 2.03 9.53
N ASP A 69 0.98 2.63 10.66
CA ASP A 69 1.09 1.90 11.92
C ASP A 69 -0.22 1.20 12.25
N ALA A 70 -1.33 1.91 12.05
CA ALA A 70 -2.65 1.35 12.34
C ALA A 70 -2.90 0.11 11.49
N ALA A 71 -2.46 0.14 10.24
CA ALA A 71 -2.59 -1.01 9.37
C ALA A 71 -1.64 -2.12 9.79
N MET A 72 -0.49 -1.72 10.34
CA MET A 72 0.49 -2.67 10.85
C MET A 72 -0.01 -3.32 12.14
N ASN A 73 -0.90 -2.63 12.84
CA ASN A 73 -1.56 -3.20 14.01
C ASN A 73 -2.69 -4.12 13.58
N ALA A 74 -3.12 -3.95 12.35
CA ALA A 74 -4.24 -4.70 11.81
C ALA A 74 -3.81 -6.02 11.20
N ARG A 75 -2.50 -6.22 11.07
CA ARG A 75 -1.99 -7.47 10.54
C ARG A 75 -2.03 -8.56 11.62
N PRO A 76 -2.21 -9.83 11.22
CA PRO A 76 -2.31 -10.24 9.81
C PRO A 76 -3.47 -9.57 9.08
N HIS A 77 -3.14 -8.91 7.99
CA HIS A 77 -4.11 -8.08 7.27
C HIS A 77 -5.03 -8.95 6.43
N LYS A 78 -6.11 -8.36 5.94
CA LYS A 78 -7.11 -9.09 5.20
C LYS A 78 -7.74 -8.20 4.13
N VAL A 79 -7.41 -8.48 2.87
CA VAL A 79 -7.99 -7.77 1.74
C VAL A 79 -8.42 -8.77 0.67
N ASP A 80 -9.66 -8.63 0.20
CA ASP A 80 -10.26 -9.55 -0.78
C ASP A 80 -10.38 -10.96 -0.19
N GLY A 81 -10.32 -11.04 1.13
CA GLY A 81 -10.34 -12.33 1.80
C GLY A 81 -8.98 -13.00 1.78
N ARG A 82 -7.96 -12.23 1.43
CA ARG A 82 -6.59 -12.73 1.37
C ARG A 82 -5.75 -12.07 2.46
N VAL A 83 -4.96 -12.88 3.15
CA VAL A 83 -4.07 -12.38 4.18
C VAL A 83 -2.78 -11.86 3.53
N VAL A 84 -2.50 -10.58 3.75
CA VAL A 84 -1.34 -9.96 3.13
C VAL A 84 -0.36 -9.47 4.18
N GLU A 85 0.84 -9.12 3.72
CA GLU A 85 1.87 -8.57 4.59
C GLU A 85 2.10 -7.12 4.26
N PRO A 86 1.64 -6.21 5.15
CA PRO A 86 1.86 -4.79 5.00
C PRO A 86 3.11 -4.33 5.73
N LYS A 87 4.16 -4.07 4.96
CA LYS A 87 5.46 -3.72 5.54
C LYS A 87 5.94 -2.40 4.97
N ARG A 88 6.74 -1.67 5.76
CA ARG A 88 7.22 -0.34 5.38
C ARG A 88 7.94 -0.39 4.03
N ALA A 89 7.57 0.51 3.13
CA ALA A 89 8.15 0.51 1.79
C ALA A 89 9.58 1.03 1.79
N VAL A 90 10.31 0.65 0.75
CA VAL A 90 11.69 1.06 0.58
C VAL A 90 11.79 1.98 -0.64
N SER A 91 12.87 2.74 -0.75
CA SER A 91 13.05 3.64 -1.88
C SER A 91 13.03 2.85 -3.20
N ARG A 92 12.26 3.34 -4.16
CA ARG A 92 12.15 2.68 -5.46
C ARG A 92 13.50 2.72 -6.17
N GLU A 93 14.25 3.77 -5.89
CA GLU A 93 15.59 3.94 -6.42
C GLU A 93 16.51 2.86 -5.86
N ASP A 94 16.40 2.62 -4.56
CA ASP A 94 17.23 1.64 -3.87
C ASP A 94 17.02 0.24 -4.40
N SER A 95 15.77 -0.11 -4.68
CA SER A 95 15.45 -1.43 -5.20
C SER A 95 15.85 -1.57 -6.66
N GLN A 96 15.82 -0.46 -7.40
CA GLN A 96 16.21 -0.48 -8.79
C GLN A 96 17.73 -0.37 -8.92
N ARG A 97 18.41 -1.46 -8.58
CA ARG A 97 19.86 -1.51 -8.68
C ARG A 97 20.25 -2.37 -9.89
N ALA A 1 5.94 19.44 19.91
CA ALA A 1 4.83 18.68 20.50
C ALA A 1 4.66 17.34 19.79
N SER A 2 4.07 16.37 20.48
CA SER A 2 3.84 15.06 19.89
C SER A 2 2.83 15.15 18.76
N LYS A 3 1.70 15.80 19.04
CA LYS A 3 0.66 15.95 18.04
C LYS A 3 0.63 17.36 17.47
N SER A 4 1.56 17.62 16.57
CA SER A 4 1.54 18.81 15.75
C SER A 4 1.05 18.41 14.37
N GLU A 5 0.23 19.25 13.74
CA GLU A 5 -0.33 18.90 12.43
C GLU A 5 0.78 18.54 11.45
N SER A 6 0.88 17.26 11.16
CA SER A 6 1.95 16.77 10.30
C SER A 6 1.44 15.71 9.34
N PRO A 7 0.96 16.13 8.17
CA PRO A 7 0.69 15.24 7.06
C PRO A 7 1.85 15.26 6.08
N LYS A 8 3.06 15.41 6.62
CA LYS A 8 4.24 15.60 5.81
C LYS A 8 5.35 14.69 6.29
N GLU A 9 5.41 13.52 5.69
CA GLU A 9 6.48 12.57 5.93
C GLU A 9 6.97 12.04 4.60
N PRO A 10 8.21 11.53 4.53
CA PRO A 10 8.74 10.90 3.32
C PRO A 10 7.78 9.86 2.75
N GLU A 11 7.66 9.84 1.41
CA GLU A 11 6.84 8.85 0.72
C GLU A 11 7.24 7.46 1.16
N GLN A 12 8.55 7.28 1.32
CA GLN A 12 9.13 6.01 1.74
C GLN A 12 8.42 5.41 2.95
N LEU A 13 8.44 6.12 4.08
CA LEU A 13 7.97 5.54 5.32
C LEU A 13 6.47 5.73 5.51
N ARG A 14 5.83 6.40 4.54
CA ARG A 14 4.37 6.52 4.56
C ARG A 14 3.75 5.51 3.61
N LYS A 15 4.58 4.92 2.76
CA LYS A 15 4.11 3.89 1.86
C LYS A 15 4.24 2.53 2.52
N LEU A 16 3.25 1.70 2.30
CA LEU A 16 3.20 0.37 2.86
C LEU A 16 3.40 -0.65 1.75
N PHE A 17 4.31 -1.58 1.99
CA PHE A 17 4.57 -2.65 1.04
C PHE A 17 3.58 -3.78 1.27
N ILE A 18 2.71 -4.01 0.31
CA ILE A 18 1.68 -5.01 0.45
C ILE A 18 1.99 -6.22 -0.41
N GLY A 19 2.56 -7.24 0.20
CA GLY A 19 2.89 -8.43 -0.54
C GLY A 19 2.11 -9.63 -0.07
N GLY A 20 1.79 -10.52 -0.99
CA GLY A 20 1.07 -11.72 -0.63
C GLY A 20 -0.43 -11.56 -0.84
N LEU A 21 -0.81 -10.89 -1.92
CA LEU A 21 -2.22 -10.71 -2.24
C LEU A 21 -2.56 -11.50 -3.50
N SER A 22 -3.86 -11.60 -3.78
CA SER A 22 -4.33 -12.42 -4.88
C SER A 22 -4.22 -11.68 -6.20
N PHE A 23 -4.43 -12.39 -7.30
CA PHE A 23 -4.45 -11.78 -8.62
C PHE A 23 -5.83 -11.16 -8.85
N GLU A 24 -6.66 -11.32 -7.85
CA GLU A 24 -8.01 -10.79 -7.84
C GLU A 24 -8.02 -9.47 -7.09
N THR A 25 -6.91 -9.19 -6.43
CA THR A 25 -6.71 -7.93 -5.74
C THR A 25 -6.40 -6.83 -6.75
N THR A 26 -7.42 -6.07 -7.12
CA THR A 26 -7.25 -4.98 -8.06
C THR A 26 -7.04 -3.67 -7.31
N ASP A 27 -6.58 -2.65 -8.03
CA ASP A 27 -6.22 -1.35 -7.44
C ASP A 27 -7.31 -0.82 -6.52
N GLU A 28 -8.54 -0.80 -7.02
CA GLU A 28 -9.68 -0.29 -6.26
C GLU A 28 -9.93 -1.14 -5.01
N SER A 29 -9.75 -2.44 -5.13
CA SER A 29 -9.97 -3.33 -4.00
C SER A 29 -8.88 -3.13 -2.97
N LEU A 30 -7.67 -2.85 -3.44
CA LEU A 30 -6.53 -2.66 -2.55
C LEU A 30 -6.79 -1.49 -1.62
N ARG A 31 -7.12 -0.34 -2.20
CA ARG A 31 -7.35 0.85 -1.41
C ARG A 31 -8.55 0.65 -0.49
N SER A 32 -9.58 -0.03 -1.00
CA SER A 32 -10.79 -0.24 -0.22
C SER A 32 -10.52 -1.10 1.01
N HIS A 33 -9.51 -1.95 0.94
CA HIS A 33 -9.15 -2.80 2.08
C HIS A 33 -8.13 -2.11 2.98
N PHE A 34 -7.56 -1.00 2.53
CA PHE A 34 -6.56 -0.31 3.33
C PHE A 34 -7.04 1.05 3.82
N GLU A 35 -8.06 1.61 3.18
CA GLU A 35 -8.62 2.89 3.60
C GLU A 35 -9.44 2.73 4.88
N GLN A 36 -9.47 1.52 5.39
CA GLN A 36 -10.22 1.20 6.58
C GLN A 36 -9.55 1.75 7.84
N TRP A 37 -8.23 1.67 7.88
CA TRP A 37 -7.48 2.10 9.05
C TRP A 37 -6.82 3.45 8.82
N GLY A 38 -7.10 4.05 7.68
CA GLY A 38 -6.52 5.35 7.38
C GLY A 38 -6.81 5.83 5.98
N THR A 39 -6.39 7.05 5.68
CA THR A 39 -6.61 7.66 4.39
C THR A 39 -5.46 7.35 3.43
N LEU A 40 -5.77 6.80 2.25
CA LEU A 40 -4.75 6.54 1.26
C LEU A 40 -4.65 7.70 0.28
N THR A 41 -3.55 8.42 0.38
CA THR A 41 -3.28 9.51 -0.54
C THR A 41 -2.76 8.93 -1.86
N ASP A 42 -2.25 7.70 -1.77
CA ASP A 42 -1.81 6.96 -2.93
C ASP A 42 -2.10 5.48 -2.74
N CYS A 43 -2.53 4.84 -3.80
CA CYS A 43 -2.84 3.42 -3.75
C CYS A 43 -2.64 2.83 -5.14
N VAL A 44 -1.95 1.70 -5.22
CA VAL A 44 -1.66 1.09 -6.51
C VAL A 44 -1.28 -0.38 -6.39
N VAL A 45 -1.94 -1.20 -7.19
CA VAL A 45 -1.56 -2.60 -7.32
C VAL A 45 -0.68 -2.76 -8.53
N MET A 46 0.33 -3.60 -8.44
CA MET A 46 1.17 -3.90 -9.58
C MET A 46 0.48 -4.95 -10.44
N ARG A 47 0.44 -4.75 -11.74
CA ARG A 47 -0.24 -5.69 -12.62
C ARG A 47 0.74 -6.33 -13.59
N ASP A 48 0.45 -7.57 -13.94
CA ASP A 48 1.22 -8.30 -14.93
C ASP A 48 1.22 -7.54 -16.24
N PRO A 49 2.37 -7.45 -16.91
CA PRO A 49 2.48 -6.75 -18.20
C PRO A 49 1.63 -7.41 -19.28
N ASN A 50 1.29 -8.68 -19.06
CA ASN A 50 0.54 -9.45 -20.04
C ASN A 50 -0.91 -9.56 -19.63
N THR A 51 -1.14 -10.12 -18.44
CA THR A 51 -2.49 -10.39 -17.97
C THR A 51 -3.19 -9.12 -17.52
N LYS A 52 -2.39 -8.17 -17.01
CA LYS A 52 -2.89 -6.90 -16.50
C LYS A 52 -3.81 -7.11 -15.30
N ARG A 53 -3.65 -8.25 -14.62
CA ARG A 53 -4.52 -8.58 -13.50
C ARG A 53 -3.91 -8.13 -12.19
N SER A 54 -2.82 -8.78 -11.81
CA SER A 54 -2.10 -8.44 -10.61
C SER A 54 -0.73 -9.10 -10.66
N ARG A 55 0.13 -8.72 -9.73
CA ARG A 55 1.47 -9.28 -9.65
C ARG A 55 1.68 -9.96 -8.31
N GLY A 56 0.62 -10.05 -7.53
CA GLY A 56 0.70 -10.70 -6.25
C GLY A 56 1.11 -9.76 -5.13
N PHE A 57 1.22 -8.48 -5.47
CA PHE A 57 1.59 -7.47 -4.48
C PHE A 57 1.25 -6.06 -4.98
N GLY A 58 1.24 -5.10 -4.05
CA GLY A 58 0.92 -3.73 -4.39
C GLY A 58 1.44 -2.78 -3.33
N PHE A 59 1.11 -1.50 -3.47
CA PHE A 59 1.56 -0.48 -2.53
C PHE A 59 0.43 0.44 -2.13
N VAL A 60 0.58 1.05 -0.97
CA VAL A 60 -0.42 1.94 -0.40
C VAL A 60 0.25 3.04 0.42
N THR A 61 -0.10 4.28 0.16
CA THR A 61 0.47 5.40 0.90
C THR A 61 -0.62 6.13 1.65
N TYR A 62 -0.46 6.20 2.96
CA TYR A 62 -1.46 6.84 3.79
C TYR A 62 -1.22 8.33 3.89
N ALA A 63 -2.10 9.02 4.61
CA ALA A 63 -1.99 10.46 4.78
C ALA A 63 -0.86 10.81 5.74
N THR A 64 -0.55 9.86 6.61
CA THR A 64 0.51 10.04 7.58
C THR A 64 0.93 8.68 8.15
N VAL A 65 2.10 8.64 8.78
CA VAL A 65 2.63 7.43 9.38
C VAL A 65 1.68 6.83 10.43
N GLU A 66 0.86 7.67 11.04
CA GLU A 66 -0.10 7.23 12.05
C GLU A 66 -1.11 6.26 11.45
N GLU A 67 -1.57 6.58 10.25
CA GLU A 67 -2.52 5.74 9.53
C GLU A 67 -1.89 4.38 9.23
N VAL A 68 -0.61 4.42 8.86
CA VAL A 68 0.17 3.23 8.57
C VAL A 68 0.26 2.32 9.80
N ASP A 69 0.51 2.93 10.95
CA ASP A 69 0.65 2.21 12.21
C ASP A 69 -0.59 1.36 12.46
N ALA A 70 -1.77 1.99 12.33
CA ALA A 70 -3.04 1.32 12.58
C ALA A 70 -3.23 0.14 11.62
N ALA A 71 -2.80 0.31 10.38
CA ALA A 71 -2.92 -0.74 9.37
C ALA A 71 -2.02 -1.92 9.71
N MET A 72 -0.86 -1.63 10.27
CA MET A 72 0.07 -2.68 10.68
C MET A 72 -0.48 -3.43 11.89
N ASN A 73 -1.11 -2.68 12.79
CA ASN A 73 -1.68 -3.24 14.01
C ASN A 73 -2.91 -4.07 13.69
N ALA A 74 -3.31 -4.04 12.43
CA ALA A 74 -4.46 -4.78 11.97
C ALA A 74 -4.04 -6.15 11.43
N ARG A 75 -2.77 -6.49 11.62
CA ARG A 75 -2.24 -7.80 11.25
C ARG A 75 -2.88 -8.89 12.11
N PRO A 76 -3.21 -10.05 11.52
CA PRO A 76 -3.00 -10.35 10.11
C PRO A 76 -4.00 -9.63 9.21
N HIS A 77 -3.48 -8.92 8.23
CA HIS A 77 -4.32 -8.14 7.33
C HIS A 77 -5.02 -9.06 6.34
N LYS A 78 -6.14 -8.59 5.79
CA LYS A 78 -6.94 -9.40 4.89
C LYS A 78 -7.44 -8.56 3.72
N VAL A 79 -6.92 -8.83 2.54
CA VAL A 79 -7.33 -8.12 1.34
C VAL A 79 -7.84 -9.12 0.31
N ASP A 80 -9.10 -8.96 -0.11
CA ASP A 80 -9.75 -9.87 -1.05
C ASP A 80 -9.88 -11.27 -0.43
N GLY A 81 -9.88 -11.32 0.90
CA GLY A 81 -9.92 -12.60 1.59
C GLY A 81 -8.57 -13.29 1.52
N ARG A 82 -7.53 -12.51 1.24
CA ARG A 82 -6.17 -13.02 1.16
C ARG A 82 -5.33 -12.38 2.25
N VAL A 83 -4.57 -13.18 2.98
CA VAL A 83 -3.73 -12.67 4.04
C VAL A 83 -2.50 -11.98 3.46
N VAL A 84 -2.49 -10.66 3.52
CA VAL A 84 -1.38 -9.89 2.99
C VAL A 84 -0.48 -9.42 4.12
N GLU A 85 0.75 -9.04 3.79
CA GLU A 85 1.65 -8.52 4.79
C GLU A 85 2.04 -7.09 4.44
N PRO A 86 1.60 -6.15 5.27
CA PRO A 86 1.91 -4.73 5.11
C PRO A 86 3.15 -4.32 5.91
N LYS A 87 4.23 -4.02 5.19
CA LYS A 87 5.47 -3.62 5.84
C LYS A 87 5.89 -2.24 5.35
N ARG A 88 6.73 -1.56 6.12
CA ARG A 88 7.21 -0.23 5.77
C ARG A 88 7.98 -0.29 4.46
N ALA A 89 7.55 0.49 3.48
CA ALA A 89 8.16 0.45 2.15
C ALA A 89 9.52 1.14 2.16
N VAL A 90 10.44 0.55 1.42
CA VAL A 90 11.74 1.16 1.19
C VAL A 90 11.65 2.09 0.00
N SER A 91 12.77 2.69 -0.39
CA SER A 91 12.79 3.55 -1.55
C SER A 91 12.69 2.70 -2.81
N ARG A 92 12.14 3.26 -3.88
CA ARG A 92 12.10 2.54 -5.14
C ARG A 92 13.45 2.60 -5.82
N GLU A 93 14.31 3.47 -5.30
CA GLU A 93 15.70 3.54 -5.71
C GLU A 93 16.53 2.50 -4.95
N ASP A 94 15.91 1.92 -3.92
CA ASP A 94 16.58 0.95 -3.05
C ASP A 94 16.66 -0.39 -3.75
N SER A 95 15.70 -0.61 -4.64
CA SER A 95 15.54 -1.88 -5.31
C SER A 95 16.86 -2.37 -5.92
N GLN A 96 17.19 -3.62 -5.63
CA GLN A 96 18.38 -4.23 -6.18
C GLN A 96 18.03 -4.91 -7.50
N ARG A 97 17.09 -5.84 -7.43
CA ARG A 97 16.65 -6.56 -8.60
C ARG A 97 15.36 -5.94 -9.16
#